data_8AEU
# 
_entry.id   8AEU 
# 
_audit_conform.dict_name       mmcif_pdbx.dic 
_audit_conform.dict_version    5.385 
_audit_conform.dict_location   http://mmcif.pdb.org/dictionaries/ascii/mmcif_pdbx.dic 
# 
loop_
_database_2.database_id 
_database_2.database_code 
_database_2.pdbx_database_accession 
_database_2.pdbx_DOI 
PDB   8AEU         pdb_00008aeu 10.2210/pdb8aeu/pdb 
WWPDB D_1292124179 ?            ?                   
# 
loop_
_pdbx_audit_revision_history.ordinal 
_pdbx_audit_revision_history.data_content_type 
_pdbx_audit_revision_history.major_revision 
_pdbx_audit_revision_history.minor_revision 
_pdbx_audit_revision_history.revision_date 
1 'Structure model' 1 0 2023-01-18 
2 'Structure model' 1 1 2023-03-01 
3 'Structure model' 1 2 2023-03-22 
4 'Structure model' 1 3 2023-03-29 
5 'Structure model' 1 4 2024-02-07 
# 
_pdbx_audit_revision_details.ordinal             1 
_pdbx_audit_revision_details.revision_ordinal    1 
_pdbx_audit_revision_details.data_content_type   'Structure model' 
_pdbx_audit_revision_details.provider            repository 
_pdbx_audit_revision_details.type                'Initial release' 
_pdbx_audit_revision_details.description         ? 
_pdbx_audit_revision_details.details             ? 
# 
loop_
_pdbx_audit_revision_group.ordinal 
_pdbx_audit_revision_group.revision_ordinal 
_pdbx_audit_revision_group.data_content_type 
_pdbx_audit_revision_group.group 
1 2 'Structure model' 'Database references'    
2 3 'Structure model' 'Database references'    
3 4 'Structure model' 'Database references'    
4 5 'Structure model' 'Data collection'        
5 5 'Structure model' 'Refinement description' 
# 
loop_
_pdbx_audit_revision_category.ordinal 
_pdbx_audit_revision_category.revision_ordinal 
_pdbx_audit_revision_category.data_content_type 
_pdbx_audit_revision_category.category 
1 2 'Structure model' citation                      
2 2 'Structure model' citation_author               
3 3 'Structure model' citation                      
4 3 'Structure model' citation_author               
5 4 'Structure model' citation                      
6 4 'Structure model' citation_author               
7 5 'Structure model' chem_comp_atom                
8 5 'Structure model' chem_comp_bond                
9 5 'Structure model' pdbx_initial_refinement_model 
# 
loop_
_pdbx_audit_revision_item.ordinal 
_pdbx_audit_revision_item.revision_ordinal 
_pdbx_audit_revision_item.data_content_type 
_pdbx_audit_revision_item.item 
1  2 'Structure model' '_citation.page_first'              
2  2 'Structure model' '_citation.page_last'               
3  2 'Structure model' '_citation_author.identifier_ORCID' 
4  3 'Structure model' '_citation.journal_volume'          
5  3 'Structure model' '_citation.page_first'              
6  3 'Structure model' '_citation.page_last'               
7  3 'Structure model' '_citation_author.identifier_ORCID' 
8  4 'Structure model' '_citation.page_first'              
9  4 'Structure model' '_citation.page_last'               
10 4 'Structure model' '_citation_author.identifier_ORCID' 
# 
_pdbx_database_status.status_code                     REL 
_pdbx_database_status.status_code_sf                  REL 
_pdbx_database_status.status_code_mr                  ? 
_pdbx_database_status.entry_id                        8AEU 
_pdbx_database_status.recvd_initial_deposition_date   2022-07-13 
_pdbx_database_status.SG_entry                        N 
_pdbx_database_status.deposit_site                    PDBE 
_pdbx_database_status.process_site                    PDBE 
_pdbx_database_status.status_code_cs                  ? 
_pdbx_database_status.status_code_nmr_data            ? 
_pdbx_database_status.methods_development_category    ? 
_pdbx_database_status.pdb_format_compatible           Y 
# 
_pdbx_contact_author.id                 4 
_pdbx_contact_author.email              tberg@uni-leipzig.de 
_pdbx_contact_author.name_first         Thorsten 
_pdbx_contact_author.name_last          Berg 
_pdbx_contact_author.name_mi            ? 
_pdbx_contact_author.role               'principal investigator/group leader' 
_pdbx_contact_author.identifier_ORCID   0000-0003-3109-7696 
# 
loop_
_audit_author.name 
_audit_author.pdbx_ordinal 
_audit_author.identifier_ORCID 
'Labuzek, B.'        1 0000-0001-5029-1473 
'Golik, P.'          2 0000-0002-0431-4483 
'Magiera-Mularz, K.' 3 0000-0002-4826-6380 
'Berg, T.'           4 0000-0003-3109-7696 
# 
_citation.abstract                  ? 
_citation.abstract_id_CAS           ? 
_citation.book_id_ISBN              ? 
_citation.book_publisher            ? 
_citation.book_publisher_city       ? 
_citation.book_title                ? 
_citation.coordinate_linkage        ? 
_citation.country                   GE 
_citation.database_id_Medline       ? 
_citation.details                   ? 
_citation.id                        primary 
_citation.journal_abbrev            Chembiochem 
_citation.journal_id_ASTM           ? 
_citation.journal_id_CSD            ? 
_citation.journal_id_ISSN           1439-7633 
_citation.journal_full              ? 
_citation.journal_issue             ? 
_citation.journal_volume            24 
_citation.language                  ? 
_citation.page_first                e202300006 
_citation.page_last                 e202300006 
_citation.title                     
'Nutlin-3a-aa: Improving the Bioactivity of a p53/MDM2 Interaction Inhibitor by Introducing a Solvent-Exposed Methylene Group.' 
_citation.year                      2023 
_citation.database_id_CSD           ? 
_citation.pdbx_database_id_DOI      10.1002/cbic.202300006 
_citation.pdbx_database_id_PubMed   36602436 
_citation.pdbx_database_id_patent   ? 
_citation.unpublished_flag          ? 
# 
loop_
_citation_author.citation_id 
_citation_author.name 
_citation_author.ordinal 
_citation_author.identifier_ORCID 
primary 'Nietzold, F.'       1  ?                   
primary 'Rubner, S.'         2  ?                   
primary 'Labuzek, B.'        3  ?                   
primary 'Golik, P.'          4  ?                   
primary 'Surmiak, E.'        5  ?                   
primary 'Del Corte, X.'      6  ?                   
primary 'Kitel, R.'          7  ?                   
primary 'Protzel, C.'        8  0000-0002-7910-6371 
primary 'Reppich-Sacher, R.' 9  ?                   
primary 'Stichel, J.'        10 ?                   
primary 'Magiera-Mularz, K.' 11 ?                   
primary 'Holak, T.A.'        12 ?                   
primary 'Berg, T.'           13 0000-0003-3109-7696 
# 
loop_
_entity.id 
_entity.type 
_entity.src_method 
_entity.pdbx_description 
_entity.formula_weight 
_entity.pdbx_number_of_molecules 
_entity.pdbx_ec 
_entity.pdbx_mutation 
_entity.pdbx_fragment 
_entity.details 
1 polymer     nat 'E3 ubiquitin-protein ligase Mdm2' 11399.375 1  2.3.2.27 ? ? ? 
2 non-polymer syn BETA-MERCAPTOETHANOL 78.133    1  ?        ? ? ? 
3 non-polymer syn 
;4-[[(4~{S},5~{R})-4,5-bis(4-chlorophenyl)-2-(4-methoxy-2-propan-2-yloxy-phenyl)-4,5-dihydroimidazol-1-yl]carbonyl]-3-methylidene-piperazin-2-one
;
593.500   1  ?        ? ? ? 
4 water       nat water 18.015    12 ?        ? ? ? 
# 
_entity_name_com.entity_id   1 
_entity_name_com.name        
'Double minute 2 protein,Hdm2,Oncoprotein Mdm2,RING-type E3 ubiquitin transferase Mdm2,p53-binding protein Mdm2' 
# 
_entity_poly.entity_id                      1 
_entity_poly.type                           'polypeptide(L)' 
_entity_poly.nstd_linkage                   no 
_entity_poly.nstd_monomer                   no 
_entity_poly.pdbx_seq_one_letter_code       
;MQIPASEQETLVRPKPLLLKLLKSVGAQKDTYTMKEVLFYLGQYIMTKRLYDEKQQHIVYCSNDLLGDLFGVPSFSVKEH
RKIYTMIYRNLVVVNQQ
;
_entity_poly.pdbx_seq_one_letter_code_can   
;MQIPASEQETLVRPKPLLLKLLKSVGAQKDTYTMKEVLFYLGQYIMTKRLYDEKQQHIVYCSNDLLGDLFGVPSFSVKEH
RKIYTMIYRNLVVVNQQ
;
_entity_poly.pdbx_strand_id                 A 
_entity_poly.pdbx_target_identifier         ? 
# 
loop_
_pdbx_entity_nonpoly.entity_id 
_pdbx_entity_nonpoly.name 
_pdbx_entity_nonpoly.comp_id 
2 BETA-MERCAPTOETHANOL BME 
3 
;4-[[(4~{S},5~{R})-4,5-bis(4-chlorophenyl)-2-(4-methoxy-2-propan-2-yloxy-phenyl)-4,5-dihydroimidazol-1-yl]carbonyl]-3-methylidene-piperazin-2-one
;
M0L 
4 water HOH 
# 
loop_
_entity_poly_seq.entity_id 
_entity_poly_seq.num 
_entity_poly_seq.mon_id 
_entity_poly_seq.hetero 
1 1  MET n 
1 2  GLN n 
1 3  ILE n 
1 4  PRO n 
1 5  ALA n 
1 6  SER n 
1 7  GLU n 
1 8  GLN n 
1 9  GLU n 
1 10 THR n 
1 11 LEU n 
1 12 VAL n 
1 13 ARG n 
1 14 PRO n 
1 15 LYS n 
1 16 PRO n 
1 17 LEU n 
1 18 LEU n 
1 19 LEU n 
1 20 LYS n 
1 21 LEU n 
1 22 LEU n 
1 23 LYS n 
1 24 SER n 
1 25 VAL n 
1 26 GLY n 
1 27 ALA n 
1 28 GLN n 
1 29 LYS n 
1 30 ASP n 
1 31 THR n 
1 32 TYR n 
1 33 THR n 
1 34 MET n 
1 35 LYS n 
1 36 GLU n 
1 37 VAL n 
1 38 LEU n 
1 39 PHE n 
1 40 TYR n 
1 41 LEU n 
1 42 GLY n 
1 43 GLN n 
1 44 TYR n 
1 45 ILE n 
1 46 MET n 
1 47 THR n 
1 48 LYS n 
1 49 ARG n 
1 50 LEU n 
1 51 TYR n 
1 52 ASP n 
1 53 GLU n 
1 54 LYS n 
1 55 GLN n 
1 56 GLN n 
1 57 HIS n 
1 58 ILE n 
1 59 VAL n 
1 60 TYR n 
1 61 CYS n 
1 62 SER n 
1 63 ASN n 
1 64 ASP n 
1 65 LEU n 
1 66 LEU n 
1 67 GLY n 
1 68 ASP n 
1 69 LEU n 
1 70 PHE n 
1 71 GLY n 
1 72 VAL n 
1 73 PRO n 
1 74 SER n 
1 75 PHE n 
1 76 SER n 
1 77 VAL n 
1 78 LYS n 
1 79 GLU n 
1 80 HIS n 
1 81 ARG n 
1 82 LYS n 
1 83 ILE n 
1 84 TYR n 
1 85 THR n 
1 86 MET n 
1 87 ILE n 
1 88 TYR n 
1 89 ARG n 
1 90 ASN n 
1 91 LEU n 
1 92 VAL n 
1 93 VAL n 
1 94 VAL n 
1 95 ASN n 
1 96 GLN n 
1 97 GLN n 
# 
_entity_src_nat.entity_id                  1 
_entity_src_nat.pdbx_src_id                1 
_entity_src_nat.pdbx_alt_source_flag       sample 
_entity_src_nat.pdbx_beg_seq_num           1 
_entity_src_nat.pdbx_end_seq_num           97 
_entity_src_nat.common_name                human 
_entity_src_nat.pdbx_organism_scientific   'Homo sapiens' 
_entity_src_nat.pdbx_ncbi_taxonomy_id      9606 
_entity_src_nat.genus                      ? 
_entity_src_nat.species                    ? 
_entity_src_nat.strain                     ? 
_entity_src_nat.tissue                     ? 
_entity_src_nat.tissue_fraction            ? 
_entity_src_nat.pdbx_secretion             ? 
_entity_src_nat.pdbx_fragment              ? 
_entity_src_nat.pdbx_variant               ? 
_entity_src_nat.pdbx_cell_line             ? 
_entity_src_nat.pdbx_atcc                  ? 
_entity_src_nat.pdbx_cellular_location     ? 
_entity_src_nat.pdbx_organ                 ? 
_entity_src_nat.pdbx_organelle             ? 
_entity_src_nat.pdbx_cell                  ? 
_entity_src_nat.pdbx_plasmid_name          ? 
_entity_src_nat.pdbx_plasmid_details       ? 
_entity_src_nat.details                    ? 
# 
loop_
_chem_comp.id 
_chem_comp.type 
_chem_comp.mon_nstd_flag 
_chem_comp.name 
_chem_comp.pdbx_synonyms 
_chem_comp.formula 
_chem_comp.formula_weight 
ALA 'L-peptide linking' y ALANINE ? 'C3 H7 N O2'        89.093  
ARG 'L-peptide linking' y ARGININE ? 'C6 H15 N4 O2 1'    175.209 
ASN 'L-peptide linking' y ASPARAGINE ? 'C4 H8 N2 O3'       132.118 
ASP 'L-peptide linking' y 'ASPARTIC ACID' ? 'C4 H7 N O4'        133.103 
BME non-polymer         . BETA-MERCAPTOETHANOL ? 'C2 H6 O S'         78.133  
CYS 'L-peptide linking' y CYSTEINE ? 'C3 H7 N O2 S'      121.158 
GLN 'L-peptide linking' y GLUTAMINE ? 'C5 H10 N2 O3'      146.144 
GLU 'L-peptide linking' y 'GLUTAMIC ACID' ? 'C5 H9 N O4'        147.129 
GLY 'peptide linking'   y GLYCINE ? 'C2 H5 N O2'        75.067  
HIS 'L-peptide linking' y HISTIDINE ? 'C6 H10 N3 O2 1'    156.162 
HOH non-polymer         . WATER ? 'H2 O'              18.015  
ILE 'L-peptide linking' y ISOLEUCINE ? 'C6 H13 N O2'       131.173 
LEU 'L-peptide linking' y LEUCINE ? 'C6 H13 N O2'       131.173 
LYS 'L-peptide linking' y LYSINE ? 'C6 H15 N2 O2 1'    147.195 
M0L non-polymer         . 
;4-[[(4~{S},5~{R})-4,5-bis(4-chlorophenyl)-2-(4-methoxy-2-propan-2-yloxy-phenyl)-4,5-dihydroimidazol-1-yl]carbonyl]-3-methylidene-piperazin-2-one
;
;Nutlin-3a analogue; 4-[[(4S,5R)-4,5-bis(4-chlorophenyl)-2-(4-methoxy-2-propan-2-yloxy-phenyl)-4,5-dihydroimidazol-1-yl]carbonyl]-3-methylidene-piperazin-2-one
;
'C31 H30 Cl2 N4 O4' 593.500 
MET 'L-peptide linking' y METHIONINE ? 'C5 H11 N O2 S'     149.211 
PHE 'L-peptide linking' y PHENYLALANINE ? 'C9 H11 N O2'       165.189 
PRO 'L-peptide linking' y PROLINE ? 'C5 H9 N O2'        115.130 
SER 'L-peptide linking' y SERINE ? 'C3 H7 N O3'        105.093 
THR 'L-peptide linking' y THREONINE ? 'C4 H9 N O3'        119.119 
TYR 'L-peptide linking' y TYROSINE ? 'C9 H11 N O3'       181.189 
VAL 'L-peptide linking' y VALINE ? 'C5 H11 N O2'       117.146 
# 
loop_
_pdbx_poly_seq_scheme.asym_id 
_pdbx_poly_seq_scheme.entity_id 
_pdbx_poly_seq_scheme.seq_id 
_pdbx_poly_seq_scheme.mon_id 
_pdbx_poly_seq_scheme.ndb_seq_num 
_pdbx_poly_seq_scheme.pdb_seq_num 
_pdbx_poly_seq_scheme.auth_seq_num 
_pdbx_poly_seq_scheme.pdb_mon_id 
_pdbx_poly_seq_scheme.auth_mon_id 
_pdbx_poly_seq_scheme.pdb_strand_id 
_pdbx_poly_seq_scheme.pdb_ins_code 
_pdbx_poly_seq_scheme.hetero 
A 1 1  MET 1  1  ?  ?   ?   A . n 
A 1 2  GLN 2  2  ?  ?   ?   A . n 
A 1 3  ILE 3  3  ?  ?   ?   A . n 
A 1 4  PRO 4  4  ?  ?   ?   A . n 
A 1 5  ALA 5  5  ?  ?   ?   A . n 
A 1 6  SER 6  6  ?  ?   ?   A . n 
A 1 7  GLU 7  7  ?  ?   ?   A . n 
A 1 8  GLN 8  8  ?  ?   ?   A . n 
A 1 9  GLU 9  9  9  GLU GLU A . n 
A 1 10 THR 10 10 10 THR THR A . n 
A 1 11 LEU 11 11 11 LEU LEU A . n 
A 1 12 VAL 12 12 12 VAL VAL A . n 
A 1 13 ARG 13 13 13 ARG ARG A . n 
A 1 14 PRO 14 14 14 PRO PRO A . n 
A 1 15 LYS 15 15 15 LYS LYS A . n 
A 1 16 PRO 16 16 16 PRO PRO A . n 
A 1 17 LEU 17 17 17 LEU LEU A . n 
A 1 18 LEU 18 18 18 LEU LEU A . n 
A 1 19 LEU 19 19 19 LEU LEU A . n 
A 1 20 LYS 20 20 20 LYS LYS A . n 
A 1 21 LEU 21 21 21 LEU LEU A . n 
A 1 22 LEU 22 22 22 LEU LEU A . n 
A 1 23 LYS 23 23 23 LYS LYS A . n 
A 1 24 SER 24 24 24 SER SER A . n 
A 1 25 VAL 25 25 25 VAL VAL A . n 
A 1 26 GLY 26 26 26 GLY GLY A . n 
A 1 27 ALA 27 27 27 ALA ALA A . n 
A 1 28 GLN 28 28 28 GLN GLN A . n 
A 1 29 LYS 29 29 29 LYS LYS A . n 
A 1 30 ASP 30 30 30 ASP ASP A . n 
A 1 31 THR 31 31 31 THR THR A . n 
A 1 32 TYR 32 32 32 TYR TYR A . n 
A 1 33 THR 33 33 33 THR THR A . n 
A 1 34 MET 34 34 34 MET MET A . n 
A 1 35 LYS 35 35 35 LYS LYS A . n 
A 1 36 GLU 36 36 36 GLU GLU A . n 
A 1 37 VAL 37 37 37 VAL VAL A . n 
A 1 38 LEU 38 38 38 LEU LEU A . n 
A 1 39 PHE 39 39 39 PHE PHE A . n 
A 1 40 TYR 40 40 40 TYR TYR A . n 
A 1 41 LEU 41 41 41 LEU LEU A . n 
A 1 42 GLY 42 42 42 GLY GLY A . n 
A 1 43 GLN 43 43 43 GLN GLN A . n 
A 1 44 TYR 44 44 44 TYR TYR A . n 
A 1 45 ILE 45 45 45 ILE ILE A . n 
A 1 46 MET 46 46 46 MET MET A . n 
A 1 47 THR 47 47 47 THR THR A . n 
A 1 48 LYS 48 48 48 LYS LYS A . n 
A 1 49 ARG 49 49 49 ARG ARG A . n 
A 1 50 LEU 50 50 50 LEU LEU A . n 
A 1 51 TYR 51 51 51 TYR TYR A . n 
A 1 52 ASP 52 52 52 ASP ASP A . n 
A 1 53 GLU 53 53 53 GLU GLU A . n 
A 1 54 LYS 54 54 54 LYS LYS A . n 
A 1 55 GLN 55 55 55 GLN GLN A . n 
A 1 56 GLN 56 56 56 GLN GLN A . n 
A 1 57 HIS 57 57 57 HIS HIS A . n 
A 1 58 ILE 58 58 58 ILE ILE A . n 
A 1 59 VAL 59 59 59 VAL VAL A . n 
A 1 60 TYR 60 60 60 TYR TYR A . n 
A 1 61 CYS 61 61 61 CYS CYS A . n 
A 1 62 SER 62 62 62 SER SER A . n 
A 1 63 ASN 63 63 63 ASN ASN A . n 
A 1 64 ASP 64 64 64 ASP ASP A . n 
A 1 65 LEU 65 65 65 LEU LEU A . n 
A 1 66 LEU 66 66 66 LEU LEU A . n 
A 1 67 GLY 67 67 67 GLY GLY A . n 
A 1 68 ASP 68 68 68 ASP ASP A . n 
A 1 69 LEU 69 69 69 LEU LEU A . n 
A 1 70 PHE 70 70 70 PHE PHE A . n 
A 1 71 GLY 71 71 71 GLY GLY A . n 
A 1 72 VAL 72 72 72 VAL VAL A . n 
A 1 73 PRO 73 73 73 PRO PRO A . n 
A 1 74 SER 74 74 74 SER SER A . n 
A 1 75 PHE 75 75 75 PHE PHE A . n 
A 1 76 SER 76 76 76 SER SER A . n 
A 1 77 VAL 77 77 77 VAL VAL A . n 
A 1 78 LYS 78 78 78 LYS LYS A . n 
A 1 79 GLU 79 79 79 GLU GLU A . n 
A 1 80 HIS 80 80 80 HIS HIS A . n 
A 1 81 ARG 81 81 81 ARG ARG A . n 
A 1 82 LYS 82 82 82 LYS LYS A . n 
A 1 83 ILE 83 83 83 ILE ILE A . n 
A 1 84 TYR 84 84 84 TYR TYR A . n 
A 1 85 THR 85 85 85 THR THR A . n 
A 1 86 MET 86 86 86 MET MET A . n 
A 1 87 ILE 87 87 87 ILE ILE A . n 
A 1 88 TYR 88 88 88 TYR TYR A . n 
A 1 89 ARG 89 89 89 ARG ARG A . n 
A 1 90 ASN 90 90 90 ASN ASN A . n 
A 1 91 LEU 91 91 91 LEU LEU A . n 
A 1 92 VAL 92 92 92 VAL VAL A . n 
A 1 93 VAL 93 93 93 VAL VAL A . n 
A 1 94 VAL 94 94 94 VAL VAL A . n 
A 1 95 ASN 95 95 95 ASN ASN A . n 
A 1 96 GLN 96 96 ?  ?   ?   A . n 
A 1 97 GLN 97 97 ?  ?   ?   A . n 
# 
loop_
_pdbx_nonpoly_scheme.asym_id 
_pdbx_nonpoly_scheme.entity_id 
_pdbx_nonpoly_scheme.mon_id 
_pdbx_nonpoly_scheme.ndb_seq_num 
_pdbx_nonpoly_scheme.pdb_seq_num 
_pdbx_nonpoly_scheme.auth_seq_num 
_pdbx_nonpoly_scheme.pdb_mon_id 
_pdbx_nonpoly_scheme.auth_mon_id 
_pdbx_nonpoly_scheme.pdb_strand_id 
_pdbx_nonpoly_scheme.pdb_ins_code 
B 2 BME 1  301 301 BME BME A . 
C 3 M0L 1  302 401 M0L NUA A . 
D 4 HOH 1  401 6   HOH HOH A . 
D 4 HOH 2  402 3   HOH HOH A . 
D 4 HOH 3  403 1   HOH HOH A . 
D 4 HOH 4  404 2   HOH HOH A . 
D 4 HOH 5  405 16  HOH HOH A . 
D 4 HOH 6  406 5   HOH HOH A . 
D 4 HOH 7  407 11  HOH HOH A . 
D 4 HOH 8  408 13  HOH HOH A . 
D 4 HOH 9  409 10  HOH HOH A . 
D 4 HOH 10 410 4   HOH HOH A . 
D 4 HOH 11 411 15  HOH HOH A . 
D 4 HOH 12 412 17  HOH HOH A . 
# 
loop_
_software.citation_id 
_software.classification 
_software.compiler_name 
_software.compiler_version 
_software.contact_author 
_software.contact_author_email 
_software.date 
_software.description 
_software.dependencies 
_software.hardware 
_software.language 
_software.location 
_software.mods 
_software.name 
_software.os 
_software.os_version 
_software.type 
_software.version 
_software.pdbx_ordinal 
? refinement        ? ? ? ? ? ? ? ? ? ? ? PHENIX      ? ? ? 1.15.2 1 
? 'data extraction' ? ? ? ? ? ? ? ? ? ? ? PDB_EXTRACT ? ? ? 3.27   2 
? 'data reduction'  ? ? ? ? ? ? ? ? ? ? ? XDS         ? ? ? .      3 
? 'data scaling'    ? ? ? ? ? ? ? ? ? ? ? Aimless     ? ? ? .      4 
? phasing           ? ? ? ? ? ? ? ? ? ? ? PHASER      ? ? ? .      5 
# 
_cell.angle_alpha                  90.000 
_cell.angle_alpha_esd              ? 
_cell.angle_beta                   90.000 
_cell.angle_beta_esd               ? 
_cell.angle_gamma                  90.000 
_cell.angle_gamma_esd              ? 
_cell.entry_id                     8AEU 
_cell.details                      ? 
_cell.formula_units_Z              ? 
_cell.length_a                     56.233 
_cell.length_a_esd                 ? 
_cell.length_b                     56.233 
_cell.length_b_esd                 ? 
_cell.length_c                     75.376 
_cell.length_c_esd                 ? 
_cell.volume                       ? 
_cell.volume_esd                   ? 
_cell.Z_PDB                        8 
_cell.reciprocal_angle_alpha       ? 
_cell.reciprocal_angle_beta        ? 
_cell.reciprocal_angle_gamma       ? 
_cell.reciprocal_angle_alpha_esd   ? 
_cell.reciprocal_angle_beta_esd    ? 
_cell.reciprocal_angle_gamma_esd   ? 
_cell.reciprocal_length_a          ? 
_cell.reciprocal_length_b          ? 
_cell.reciprocal_length_c          ? 
_cell.reciprocal_length_a_esd      ? 
_cell.reciprocal_length_b_esd      ? 
_cell.reciprocal_length_c_esd      ? 
_cell.pdbx_unique_axis             ? 
_cell.pdbx_esd_method              ? 
# 
_symmetry.entry_id                         8AEU 
_symmetry.cell_setting                     ? 
_symmetry.Int_Tables_number                96 
_symmetry.space_group_name_Hall            ? 
_symmetry.space_group_name_H-M             'P 43 21 2' 
_symmetry.pdbx_full_space_group_name_H-M   ? 
# 
_exptl.absorpt_coefficient_mu     ? 
_exptl.absorpt_correction_T_max   ? 
_exptl.absorpt_correction_T_min   ? 
_exptl.absorpt_correction_type    ? 
_exptl.absorpt_process_details    ? 
_exptl.entry_id                   8AEU 
_exptl.crystals_number            1 
_exptl.details                    ? 
_exptl.method                     'X-RAY DIFFRACTION' 
_exptl.method_details             ? 
# 
_exptl_crystal.colour                       ? 
_exptl_crystal.density_diffrn               ? 
_exptl_crystal.density_Matthews             2.61 
_exptl_crystal.density_method               ? 
_exptl_crystal.density_percent_sol          52.94 
_exptl_crystal.description                  ? 
_exptl_crystal.F_000                        ? 
_exptl_crystal.id                           1 
_exptl_crystal.preparation                  ? 
_exptl_crystal.size_max                     ? 
_exptl_crystal.size_mid                     ? 
_exptl_crystal.size_min                     ? 
_exptl_crystal.size_rad                     ? 
_exptl_crystal.colour_lustre                ? 
_exptl_crystal.colour_modifier              ? 
_exptl_crystal.colour_primary               ? 
_exptl_crystal.density_meas                 ? 
_exptl_crystal.density_meas_esd             ? 
_exptl_crystal.density_meas_gt              ? 
_exptl_crystal.density_meas_lt              ? 
_exptl_crystal.density_meas_temp            ? 
_exptl_crystal.density_meas_temp_esd        ? 
_exptl_crystal.density_meas_temp_gt         ? 
_exptl_crystal.density_meas_temp_lt         ? 
_exptl_crystal.pdbx_crystal_image_url       ? 
_exptl_crystal.pdbx_crystal_image_format    ? 
_exptl_crystal.pdbx_mosaicity               ? 
_exptl_crystal.pdbx_mosaicity_esd           ? 
_exptl_crystal.pdbx_mosaic_method           ? 
_exptl_crystal.pdbx_mosaic_block_size       ? 
_exptl_crystal.pdbx_mosaic_block_size_esd   ? 
# 
_exptl_crystal_grow.apparatus       ? 
_exptl_crystal_grow.atmosphere      ? 
_exptl_crystal_grow.crystal_id      1 
_exptl_crystal_grow.details         ? 
_exptl_crystal_grow.method          'VAPOR DIFFUSION, SITTING DROP' 
_exptl_crystal_grow.method_ref      ? 
_exptl_crystal_grow.pH              ? 
_exptl_crystal_grow.pressure        ? 
_exptl_crystal_grow.pressure_esd    ? 
_exptl_crystal_grow.seeding         ? 
_exptl_crystal_grow.seeding_ref     ? 
_exptl_crystal_grow.temp            277 
_exptl_crystal_grow.temp_details    ? 
_exptl_crystal_grow.temp_esd        ? 
_exptl_crystal_grow.time            ? 
_exptl_crystal_grow.pdbx_details    
'0.01 M magnesium chloride hexahydrate, 0.05 M Tris hydrochloride pH 7.6, 1.6 M ammonium sulfate' 
_exptl_crystal_grow.pdbx_pH_range   ? 
# 
_diffrn.ambient_environment              ? 
_diffrn.ambient_temp                     100 
_diffrn.ambient_temp_details             ? 
_diffrn.ambient_temp_esd                 ? 
_diffrn.crystal_id                       1 
_diffrn.crystal_support                  ? 
_diffrn.crystal_treatment                ? 
_diffrn.details                          ? 
_diffrn.id                               1 
_diffrn.ambient_pressure                 ? 
_diffrn.ambient_pressure_esd             ? 
_diffrn.ambient_pressure_gt              ? 
_diffrn.ambient_pressure_lt              ? 
_diffrn.ambient_temp_gt                  ? 
_diffrn.ambient_temp_lt                  ? 
_diffrn.pdbx_serial_crystal_experiment   N 
# 
_diffrn_detector.details                      ? 
_diffrn_detector.detector                     PIXEL 
_diffrn_detector.diffrn_id                    1 
_diffrn_detector.type                         'DECTRIS PILATUS3 6M' 
_diffrn_detector.area_resol_mean              ? 
_diffrn_detector.dtime                        ? 
_diffrn_detector.pdbx_frames_total            ? 
_diffrn_detector.pdbx_collection_time_total   ? 
_diffrn_detector.pdbx_collection_date         2020-07-11 
_diffrn_detector.pdbx_frequency               ? 
# 
_diffrn_radiation.collimation                      ? 
_diffrn_radiation.diffrn_id                        1 
_diffrn_radiation.filter_edge                      ? 
_diffrn_radiation.inhomogeneity                    ? 
_diffrn_radiation.monochromator                    ? 
_diffrn_radiation.polarisn_norm                    ? 
_diffrn_radiation.polarisn_ratio                   ? 
_diffrn_radiation.probe                            ? 
_diffrn_radiation.type                             ? 
_diffrn_radiation.xray_symbol                      ? 
_diffrn_radiation.wavelength_id                    1 
_diffrn_radiation.pdbx_monochromatic_or_laue_m_l   M 
_diffrn_radiation.pdbx_wavelength_list             ? 
_diffrn_radiation.pdbx_wavelength                  ? 
_diffrn_radiation.pdbx_diffrn_protocol             'SINGLE WAVELENGTH' 
_diffrn_radiation.pdbx_analyzer                    ? 
_diffrn_radiation.pdbx_scattering_type             x-ray 
# 
_diffrn_radiation_wavelength.id           1 
_diffrn_radiation_wavelength.wavelength   0.9184 
_diffrn_radiation_wavelength.wt           1.0 
# 
_diffrn_source.current                     ? 
_diffrn_source.details                     ? 
_diffrn_source.diffrn_id                   1 
_diffrn_source.power                       ? 
_diffrn_source.size                        ? 
_diffrn_source.source                      SYNCHROTRON 
_diffrn_source.target                      ? 
_diffrn_source.type                        'BESSY BEAMLINE 14.1' 
_diffrn_source.voltage                     ? 
_diffrn_source.take-off_angle              ? 
_diffrn_source.pdbx_wavelength_list        0.9184 
_diffrn_source.pdbx_wavelength             ? 
_diffrn_source.pdbx_synchrotron_beamline   14.1 
_diffrn_source.pdbx_synchrotron_site       BESSY 
# 
_reflns.B_iso_Wilson_estimate                          ? 
_reflns.entry_id                                       8AEU 
_reflns.data_reduction_details                         ? 
_reflns.data_reduction_method                          ? 
_reflns.d_resolution_high                              2.00 
_reflns.d_resolution_low                               45.07 
_reflns.details                                        ? 
_reflns.limit_h_max                                    ? 
_reflns.limit_h_min                                    ? 
_reflns.limit_k_max                                    ? 
_reflns.limit_k_min                                    ? 
_reflns.limit_l_max                                    ? 
_reflns.limit_l_min                                    ? 
_reflns.number_all                                     ? 
_reflns.number_obs                                     8645 
_reflns.observed_criterion                             ? 
_reflns.observed_criterion_F_max                       ? 
_reflns.observed_criterion_F_min                       ? 
_reflns.observed_criterion_I_max                       ? 
_reflns.observed_criterion_I_min                       ? 
_reflns.observed_criterion_sigma_F                     ? 
_reflns.observed_criterion_sigma_I                     ? 
_reflns.percent_possible_obs                           100 
_reflns.R_free_details                                 ? 
_reflns.Rmerge_F_all                                   ? 
_reflns.Rmerge_F_obs                                   ? 
_reflns.Friedel_coverage                               ? 
_reflns.number_gt                                      ? 
_reflns.threshold_expression                           ? 
_reflns.pdbx_redundancy                                24.7 
_reflns.pdbx_Rmerge_I_obs                              0.048 
_reflns.pdbx_Rmerge_I_all                              ? 
_reflns.pdbx_Rsym_value                                ? 
_reflns.pdbx_netI_over_av_sigmaI                       ? 
_reflns.pdbx_netI_over_sigmaI                          33.6 
_reflns.pdbx_res_netI_over_av_sigmaI_2                 ? 
_reflns.pdbx_res_netI_over_sigmaI_2                    ? 
_reflns.pdbx_chi_squared                               ? 
_reflns.pdbx_scaling_rejects                           ? 
_reflns.pdbx_d_res_high_opt                            ? 
_reflns.pdbx_d_res_low_opt                             ? 
_reflns.pdbx_d_res_opt_method                          ? 
_reflns.phase_calculation_details                      ? 
_reflns.pdbx_Rrim_I_all                                ? 
_reflns.pdbx_Rpim_I_all                                ? 
_reflns.pdbx_d_opt                                     ? 
_reflns.pdbx_number_measured_all                       ? 
_reflns.pdbx_diffrn_id                                 1 
_reflns.pdbx_ordinal                                   1 
_reflns.pdbx_CC_half                                   1.0 
_reflns.pdbx_CC_star                                   ? 
_reflns.pdbx_R_split                                   ? 
_reflns.pdbx_aniso_diffraction_limit_axis_1_ortho[1]   ? 
_reflns.pdbx_aniso_diffraction_limit_axis_1_ortho[2]   ? 
_reflns.pdbx_aniso_diffraction_limit_axis_1_ortho[3]   ? 
_reflns.pdbx_aniso_diffraction_limit_axis_2_ortho[1]   ? 
_reflns.pdbx_aniso_diffraction_limit_axis_2_ortho[2]   ? 
_reflns.pdbx_aniso_diffraction_limit_axis_2_ortho[3]   ? 
_reflns.pdbx_aniso_diffraction_limit_axis_3_ortho[1]   ? 
_reflns.pdbx_aniso_diffraction_limit_axis_3_ortho[2]   ? 
_reflns.pdbx_aniso_diffraction_limit_axis_3_ortho[3]   ? 
_reflns.pdbx_aniso_diffraction_limit_1                 ? 
_reflns.pdbx_aniso_diffraction_limit_2                 ? 
_reflns.pdbx_aniso_diffraction_limit_3                 ? 
_reflns.pdbx_aniso_B_tensor_eigenvector_1_ortho[1]     ? 
_reflns.pdbx_aniso_B_tensor_eigenvector_1_ortho[2]     ? 
_reflns.pdbx_aniso_B_tensor_eigenvector_1_ortho[3]     ? 
_reflns.pdbx_aniso_B_tensor_eigenvector_2_ortho[1]     ? 
_reflns.pdbx_aniso_B_tensor_eigenvector_2_ortho[2]     ? 
_reflns.pdbx_aniso_B_tensor_eigenvector_2_ortho[3]     ? 
_reflns.pdbx_aniso_B_tensor_eigenvector_3_ortho[1]     ? 
_reflns.pdbx_aniso_B_tensor_eigenvector_3_ortho[2]     ? 
_reflns.pdbx_aniso_B_tensor_eigenvector_3_ortho[3]     ? 
_reflns.pdbx_aniso_B_tensor_eigenvalue_1               ? 
_reflns.pdbx_aniso_B_tensor_eigenvalue_2               ? 
_reflns.pdbx_aniso_B_tensor_eigenvalue_3               ? 
_reflns.pdbx_orthogonalization_convention              ? 
_reflns.pdbx_percent_possible_ellipsoidal              ? 
_reflns.pdbx_percent_possible_spherical                ? 
_reflns.pdbx_percent_possible_ellipsoidal_anomalous    ? 
_reflns.pdbx_percent_possible_spherical_anomalous      ? 
_reflns.pdbx_redundancy_anomalous                      ? 
_reflns.pdbx_CC_half_anomalous                         ? 
_reflns.pdbx_absDiff_over_sigma_anomalous              ? 
_reflns.pdbx_percent_possible_anomalous                ? 
_reflns.pdbx_observed_signal_threshold                 ? 
_reflns.pdbx_signal_type                               ? 
_reflns.pdbx_signal_details                            ? 
_reflns.pdbx_signal_software_id                        ? 
_reflns.pdbx_CC_split_method                           ? 
# 
_reflns_shell.d_res_high                                    2.00 
_reflns_shell.d_res_low                                     2.05 
_reflns_shell.meanI_over_sigI_all                           ? 
_reflns_shell.meanI_over_sigI_obs                           ? 
_reflns_shell.number_measured_all                           ? 
_reflns_shell.number_measured_obs                           ? 
_reflns_shell.number_possible                               ? 
_reflns_shell.number_unique_all                             ? 
_reflns_shell.number_unique_obs                             6799 
_reflns_shell.percent_possible_all                          ? 
_reflns_shell.percent_possible_obs                          ? 
_reflns_shell.Rmerge_F_all                                  ? 
_reflns_shell.Rmerge_F_obs                                  ? 
_reflns_shell.Rmerge_I_all                                  ? 
_reflns_shell.Rmerge_I_obs                                  ? 
_reflns_shell.meanI_over_sigI_gt                            ? 
_reflns_shell.meanI_over_uI_all                             ? 
_reflns_shell.meanI_over_uI_gt                              ? 
_reflns_shell.number_measured_gt                            ? 
_reflns_shell.number_unique_gt                              ? 
_reflns_shell.percent_possible_gt                           ? 
_reflns_shell.Rmerge_F_gt                                   ? 
_reflns_shell.Rmerge_I_gt                                   ? 
_reflns_shell.pdbx_redundancy                               ? 
_reflns_shell.pdbx_Rsym_value                               ? 
_reflns_shell.pdbx_chi_squared                              ? 
_reflns_shell.pdbx_netI_over_sigmaI_all                     ? 
_reflns_shell.pdbx_netI_over_sigmaI_obs                     ? 
_reflns_shell.pdbx_Rrim_I_all                               ? 
_reflns_shell.pdbx_Rpim_I_all                               ? 
_reflns_shell.pdbx_rejects                                  ? 
_reflns_shell.pdbx_ordinal                                  1 
_reflns_shell.pdbx_diffrn_id                                1 
_reflns_shell.pdbx_CC_half                                  0.805 
_reflns_shell.pdbx_CC_star                                  ? 
_reflns_shell.pdbx_R_split                                  ? 
_reflns_shell.pdbx_percent_possible_ellipsoidal             ? 
_reflns_shell.pdbx_percent_possible_spherical               ? 
_reflns_shell.pdbx_percent_possible_ellipsoidal_anomalous   ? 
_reflns_shell.pdbx_percent_possible_spherical_anomalous     ? 
_reflns_shell.pdbx_redundancy_anomalous                     ? 
_reflns_shell.pdbx_CC_half_anomalous                        ? 
_reflns_shell.pdbx_absDiff_over_sigma_anomalous             ? 
_reflns_shell.pdbx_percent_possible_anomalous               ? 
# 
_refine.aniso_B[1][1]                            1.3300 
_refine.aniso_B[1][2]                            -0.0000 
_refine.aniso_B[1][3]                            -0.0000 
_refine.aniso_B[2][2]                            1.3300 
_refine.aniso_B[2][3]                            -0.0000 
_refine.aniso_B[3][3]                            -2.6700 
_refine.B_iso_max                                104.360 
_refine.B_iso_mean                               58.3712 
_refine.B_iso_min                                30.000 
_refine.correlation_coeff_Fo_to_Fc               0.9700 
_refine.correlation_coeff_Fo_to_Fc_free          0.9590 
_refine.details                                  
'U VALUES      : WITH TLS ADDED HYDROGENS HAVE BEEN ADDED IN THE RIDING POSITIONS U VALUES : RESIDUAL ONLY' 
_refine.diff_density_max                         ? 
_refine.diff_density_max_esd                     ? 
_refine.diff_density_min                         ? 
_refine.diff_density_min_esd                     ? 
_refine.diff_density_rms                         ? 
_refine.diff_density_rms_esd                     ? 
_refine.entry_id                                 8AEU 
_refine.pdbx_refine_id                           'X-RAY DIFFRACTION' 
_refine.ls_abs_structure_details                 ? 
_refine.ls_abs_structure_Flack                   ? 
_refine.ls_abs_structure_Flack_esd               ? 
_refine.ls_abs_structure_Rogers                  ? 
_refine.ls_abs_structure_Rogers_esd              ? 
_refine.ls_d_res_high                            2.0000 
_refine.ls_d_res_low                             45.0700 
_refine.ls_extinction_coef                       ? 
_refine.ls_extinction_coef_esd                   ? 
_refine.ls_extinction_expression                 ? 
_refine.ls_extinction_method                     ? 
_refine.ls_goodness_of_fit_all                   ? 
_refine.ls_goodness_of_fit_all_esd               ? 
_refine.ls_goodness_of_fit_obs                   ? 
_refine.ls_goodness_of_fit_obs_esd               ? 
_refine.ls_hydrogen_treatment                    ? 
_refine.ls_matrix_type                           ? 
_refine.ls_number_constraints                    ? 
_refine.ls_number_parameters                     ? 
_refine.ls_number_reflns_all                     ? 
_refine.ls_number_reflns_obs                     617 
_refine.ls_number_reflns_R_free                  820 
_refine.ls_number_reflns_R_work                  ? 
_refine.ls_number_restraints                     ? 
_refine.ls_percent_reflns_obs                    99.9900 
_refine.ls_percent_reflns_R_free                 9.5000 
_refine.ls_R_factor_all                          ? 
_refine.ls_R_factor_obs                          0.2012 
_refine.ls_R_factor_R_free                       0.2404 
_refine.ls_R_factor_R_free_error                 ? 
_refine.ls_R_factor_R_free_error_details         ? 
_refine.ls_R_factor_R_work                       0.1973 
_refine.ls_R_Fsqd_factor_obs                     ? 
_refine.ls_R_I_factor_obs                        ? 
_refine.ls_redundancy_reflns_all                 ? 
_refine.ls_redundancy_reflns_obs                 ? 
_refine.ls_restrained_S_all                      ? 
_refine.ls_restrained_S_obs                      ? 
_refine.ls_shift_over_esd_max                    ? 
_refine.ls_shift_over_esd_mean                   ? 
_refine.ls_structure_factor_coef                 ? 
_refine.ls_weighting_details                     ? 
_refine.ls_weighting_scheme                      ? 
_refine.ls_wR_factor_all                         ? 
_refine.ls_wR_factor_obs                         ? 
_refine.ls_wR_factor_R_free                      ? 
_refine.ls_wR_factor_R_work                      ? 
_refine.occupancy_max                            ? 
_refine.occupancy_min                            ? 
_refine.solvent_model_details                    MASK 
_refine.solvent_model_param_bsol                 ? 
_refine.solvent_model_param_ksol                 ? 
_refine.pdbx_R_complete                          ? 
_refine.ls_R_factor_gt                           ? 
_refine.ls_goodness_of_fit_gt                    ? 
_refine.ls_goodness_of_fit_ref                   ? 
_refine.ls_shift_over_su_max                     ? 
_refine.ls_shift_over_su_max_lt                  ? 
_refine.ls_shift_over_su_mean                    ? 
_refine.ls_shift_over_su_mean_lt                 ? 
_refine.pdbx_ls_sigma_I                          ? 
_refine.pdbx_ls_sigma_F                          ? 
_refine.pdbx_ls_sigma_Fsqd                       ? 
_refine.pdbx_data_cutoff_high_absF               ? 
_refine.pdbx_data_cutoff_high_rms_absF           ? 
_refine.pdbx_data_cutoff_low_absF                ? 
_refine.pdbx_isotropic_thermal_model             ? 
_refine.pdbx_ls_cross_valid_method               THROUGHOUT 
_refine.pdbx_method_to_determine_struct          'MOLECULAR REPLACEMENT' 
_refine.pdbx_starting_model                      4ZFI 
_refine.pdbx_stereochemistry_target_values       'MAXIMUM LIKELIHOOD' 
_refine.pdbx_R_Free_selection_details            RANDOM 
_refine.pdbx_stereochem_target_val_spec_case     ? 
_refine.pdbx_overall_ESU_R                       0.1660 
_refine.pdbx_overall_ESU_R_Free                  0.1570 
_refine.pdbx_solvent_vdw_probe_radii             1.2000 
_refine.pdbx_solvent_ion_probe_radii             1.0000 
_refine.pdbx_solvent_shrinkage_radii             1.0000 
_refine.pdbx_real_space_R                        ? 
_refine.pdbx_density_correlation                 ? 
_refine.pdbx_pd_number_of_powder_patterns        ? 
_refine.pdbx_pd_number_of_points                 ? 
_refine.pdbx_pd_meas_number_of_points            ? 
_refine.pdbx_pd_proc_ls_prof_R_factor            ? 
_refine.pdbx_pd_proc_ls_prof_wR_factor           ? 
_refine.pdbx_pd_Marquardt_correlation_coeff      ? 
_refine.pdbx_pd_Fsqrd_R_factor                   ? 
_refine.pdbx_pd_ls_matrix_band_width             ? 
_refine.pdbx_overall_phase_error                 ? 
_refine.pdbx_overall_SU_R_free_Cruickshank_DPI   ? 
_refine.pdbx_overall_SU_R_free_Blow_DPI          ? 
_refine.pdbx_overall_SU_R_Blow_DPI               ? 
_refine.pdbx_TLS_residual_ADP_flag               ? 
_refine.pdbx_diffrn_id                           1 
_refine.overall_SU_B                             8.5440 
_refine.overall_SU_ML                            0.1220 
_refine.overall_SU_R_Cruickshank_DPI             ? 
_refine.overall_SU_R_free                        ? 
_refine.overall_FOM_free_R_set                   ? 
_refine.overall_FOM_work_R_set                   ? 
_refine.pdbx_average_fsc_overall                 ? 
_refine.pdbx_average_fsc_work                    ? 
_refine.pdbx_average_fsc_free                    ? 
# 
_refine_hist.pdbx_refine_id                   'X-RAY DIFFRACTION' 
_refine_hist.cycle_id                         final 
_refine_hist.details                          ? 
_refine_hist.d_res_high                       2.0000 
_refine_hist.d_res_low                        45.0700 
_refine_hist.number_atoms_solvent             12 
_refine_hist.number_atoms_total               777 
_refine_hist.number_reflns_all                ? 
_refine_hist.number_reflns_obs                ? 
_refine_hist.number_reflns_R_free             ? 
_refine_hist.number_reflns_R_work             ? 
_refine_hist.R_factor_all                     ? 
_refine_hist.R_factor_obs                     ? 
_refine_hist.R_factor_R_free                  ? 
_refine_hist.R_factor_R_work                  ? 
_refine_hist.pdbx_number_residues_total       87 
_refine_hist.pdbx_B_iso_mean_ligand           54.51 
_refine_hist.pdbx_B_iso_mean_solvent          58.92 
_refine_hist.pdbx_number_atoms_protein        720 
_refine_hist.pdbx_number_atoms_nucleic_acid   0 
_refine_hist.pdbx_number_atoms_ligand         45 
_refine_hist.pdbx_number_atoms_lipid          ? 
_refine_hist.pdbx_number_atoms_carb           ? 
_refine_hist.pdbx_pseudo_atom_details         ? 
# 
_refine_ls_shell.pdbx_refine_id                   'X-RAY DIFFRACTION' 
_refine_ls_shell.d_res_high                       2.0000 
_refine_ls_shell.d_res_low                        2.0520 
_refine_ls_shell.number_reflns_all                614 
_refine_ls_shell.number_reflns_obs                ? 
_refine_ls_shell.number_reflns_R_free             60 
_refine_ls_shell.number_reflns_R_work             554 
_refine_ls_shell.percent_reflns_obs               100.0000 
_refine_ls_shell.percent_reflns_R_free            ? 
_refine_ls_shell.R_factor_all                     ? 
_refine_ls_shell.R_factor_obs                     ? 
_refine_ls_shell.R_factor_R_free                  0.3630 
_refine_ls_shell.R_factor_R_free_error            0.0000 
_refine_ls_shell.R_factor_R_work                  0.2740 
_refine_ls_shell.redundancy_reflns_all            ? 
_refine_ls_shell.redundancy_reflns_obs            ? 
_refine_ls_shell.wR_factor_all                    ? 
_refine_ls_shell.wR_factor_obs                    ? 
_refine_ls_shell.wR_factor_R_free                 ? 
_refine_ls_shell.wR_factor_R_work                 ? 
_refine_ls_shell.pdbx_R_complete                  ? 
_refine_ls_shell.pdbx_total_number_of_bins_used   20 
_refine_ls_shell.pdbx_phase_error                 ? 
_refine_ls_shell.pdbx_fsc_work                    ? 
_refine_ls_shell.pdbx_fsc_free                    ? 
# 
_struct.entry_id                     8AEU 
_struct.title                        'Structure of hMDM2 in complex with Nutlin-3a-aa' 
_struct.pdbx_model_details           ? 
_struct.pdbx_formula_weight          ? 
_struct.pdbx_formula_weight_method   ? 
_struct.pdbx_model_type_details      ? 
_struct.pdbx_CASP_flag               N 
# 
_struct_keywords.entry_id        8AEU 
_struct_keywords.text            'Biological activity, drug design, inhibitors, protein-protein interactions, LIGASE' 
_struct_keywords.pdbx_keywords   LIGASE 
# 
loop_
_struct_asym.id 
_struct_asym.pdbx_blank_PDB_chainid_flag 
_struct_asym.pdbx_modified 
_struct_asym.entity_id 
_struct_asym.details 
A N N 1 ? 
B N N 2 ? 
C N N 3 ? 
D N N 4 ? 
# 
_struct_ref.id                         1 
_struct_ref.db_name                    UNP 
_struct_ref.db_code                    MDM2_HUMAN 
_struct_ref.pdbx_db_accession          Q00987 
_struct_ref.pdbx_db_isoform            ? 
_struct_ref.entity_id                  1 
_struct_ref.pdbx_seq_one_letter_code   
;QIPASEQETLVRPKPLLLKLLKSVGAQKDTYTMKEVLFYLGQYIMTKRLYDEKQQHIVYCSNDLLGDLFGVPSFSVKEHR
KIYTMIYRNLVVVNQQ
;
_struct_ref.pdbx_align_begin           18 
# 
_struct_ref_seq.align_id                      1 
_struct_ref_seq.ref_id                        1 
_struct_ref_seq.pdbx_PDB_id_code              8AEU 
_struct_ref_seq.pdbx_strand_id                A 
_struct_ref_seq.seq_align_beg                 2 
_struct_ref_seq.pdbx_seq_align_beg_ins_code   ? 
_struct_ref_seq.seq_align_end                 97 
_struct_ref_seq.pdbx_seq_align_end_ins_code   ? 
_struct_ref_seq.pdbx_db_accession             Q00987 
_struct_ref_seq.db_align_beg                  18 
_struct_ref_seq.pdbx_db_align_beg_ins_code    ? 
_struct_ref_seq.db_align_end                  113 
_struct_ref_seq.pdbx_db_align_end_ins_code    ? 
_struct_ref_seq.pdbx_auth_seq_align_beg       2 
_struct_ref_seq.pdbx_auth_seq_align_end       97 
# 
_struct_ref_seq_dif.align_id                     1 
_struct_ref_seq_dif.pdbx_pdb_id_code             8AEU 
_struct_ref_seq_dif.mon_id                       MET 
_struct_ref_seq_dif.pdbx_pdb_strand_id           A 
_struct_ref_seq_dif.seq_num                      1 
_struct_ref_seq_dif.pdbx_pdb_ins_code            ? 
_struct_ref_seq_dif.pdbx_seq_db_name             UNP 
_struct_ref_seq_dif.pdbx_seq_db_accession_code   Q00987 
_struct_ref_seq_dif.db_mon_id                    ? 
_struct_ref_seq_dif.pdbx_seq_db_seq_num          ? 
_struct_ref_seq_dif.details                      'initiating methionine' 
_struct_ref_seq_dif.pdbx_auth_seq_num            1 
_struct_ref_seq_dif.pdbx_ordinal                 1 
# 
_pdbx_struct_assembly.id                   1 
_pdbx_struct_assembly.details              author_and_software_defined_assembly 
_pdbx_struct_assembly.method_details       PISA 
_pdbx_struct_assembly.oligomeric_details   dimeric 
_pdbx_struct_assembly.oligomeric_count     2 
# 
loop_
_pdbx_struct_assembly_prop.biol_id 
_pdbx_struct_assembly_prop.type 
_pdbx_struct_assembly_prop.value 
_pdbx_struct_assembly_prop.details 
1 'ABSA (A^2)' 4860  ? 
1 MORE         -41   ? 
1 'SSA (A^2)'  11120 ? 
# 
_pdbx_struct_assembly_gen.assembly_id       1 
_pdbx_struct_assembly_gen.oper_expression   1,2 
_pdbx_struct_assembly_gen.asym_id_list      A,B,C,D 
# 
_pdbx_struct_assembly_auth_evidence.id                     1 
_pdbx_struct_assembly_auth_evidence.assembly_id            1 
_pdbx_struct_assembly_auth_evidence.experimental_support   none 
_pdbx_struct_assembly_auth_evidence.details                ? 
# 
loop_
_pdbx_struct_oper_list.id 
_pdbx_struct_oper_list.type 
_pdbx_struct_oper_list.name 
_pdbx_struct_oper_list.symmetry_operation 
_pdbx_struct_oper_list.matrix[1][1] 
_pdbx_struct_oper_list.matrix[1][2] 
_pdbx_struct_oper_list.matrix[1][3] 
_pdbx_struct_oper_list.vector[1] 
_pdbx_struct_oper_list.matrix[2][1] 
_pdbx_struct_oper_list.matrix[2][2] 
_pdbx_struct_oper_list.matrix[2][3] 
_pdbx_struct_oper_list.vector[2] 
_pdbx_struct_oper_list.matrix[3][1] 
_pdbx_struct_oper_list.matrix[3][2] 
_pdbx_struct_oper_list.matrix[3][3] 
_pdbx_struct_oper_list.vector[3] 
1 'identity operation'         1_555 x,y,z            1.0000000000 0.0000000000 0.0000000000 0.0000000000  0.0000000000 1.0000000000  0.0000000000 0.0000000000  0.0000000000 0.0000000000 1.0000000000  0.0000000000  
2 'crystal symmetry operation' 8_665 -y+1,-x+1,-z+1/2 0.8062627481 0.5102018562 0.2993901251 -3.4484210947 0.5102018562 -0.8558870052 0.0845665437 16.5581529308 0.2993901251 0.0845665437 -0.9503757429 -7.4125550957 
# 
loop_
_struct_conf.conf_type_id 
_struct_conf.id 
_struct_conf.pdbx_PDB_helix_id 
_struct_conf.beg_label_comp_id 
_struct_conf.beg_label_asym_id 
_struct_conf.beg_label_seq_id 
_struct_conf.pdbx_beg_PDB_ins_code 
_struct_conf.end_label_comp_id 
_struct_conf.end_label_asym_id 
_struct_conf.end_label_seq_id 
_struct_conf.pdbx_end_PDB_ins_code 
_struct_conf.beg_auth_comp_id 
_struct_conf.beg_auth_asym_id 
_struct_conf.beg_auth_seq_id 
_struct_conf.end_auth_comp_id 
_struct_conf.end_auth_asym_id 
_struct_conf.end_auth_seq_id 
_struct_conf.pdbx_PDB_helix_class 
_struct_conf.details 
_struct_conf.pdbx_PDB_helix_length 
HELX_P HELX_P1 AA1 LYS A 15 ? VAL A 25 ? LYS A 15 VAL A 25 1 ? 11 
HELX_P HELX_P2 AA2 THR A 33 ? LYS A 48 ? THR A 33 LYS A 48 1 ? 16 
HELX_P HELX_P3 AA3 ASN A 63 ? GLY A 71 ? ASN A 63 GLY A 71 1 ? 9  
HELX_P HELX_P4 AA4 GLU A 79 ? ASN A 90 ? GLU A 79 ASN A 90 1 ? 12 
# 
_struct_conf_type.id          HELX_P 
_struct_conf_type.criteria    ? 
_struct_conf_type.reference   ? 
# 
_pdbx_validate_torsion.id              1 
_pdbx_validate_torsion.PDB_model_num   1 
_pdbx_validate_torsion.auth_comp_id    CYS 
_pdbx_validate_torsion.auth_asym_id    A 
_pdbx_validate_torsion.auth_seq_id     61 
_pdbx_validate_torsion.PDB_ins_code    ? 
_pdbx_validate_torsion.label_alt_id    ? 
_pdbx_validate_torsion.phi             -93.73 
_pdbx_validate_torsion.psi             30.18 
# 
_pdbx_refine_tls.id               1 
_pdbx_refine_tls.pdbx_refine_id   'X-RAY DIFFRACTION' 
_pdbx_refine_tls.details          ? 
_pdbx_refine_tls.method           refined 
_pdbx_refine_tls.origin_x         -0.3111 
_pdbx_refine_tls.origin_y         -0.0517 
_pdbx_refine_tls.origin_z         -0.0282 
_pdbx_refine_tls.T[1][1]          0.0089 
_pdbx_refine_tls.T[1][1]_esd      ? 
_pdbx_refine_tls.T[1][2]          -0.0072 
_pdbx_refine_tls.T[1][2]_esd      ? 
_pdbx_refine_tls.T[1][3]          0.0043 
_pdbx_refine_tls.T[1][3]_esd      ? 
_pdbx_refine_tls.T[2][2]          0.0425 
_pdbx_refine_tls.T[2][2]_esd      ? 
_pdbx_refine_tls.T[2][3]          -0.0192 
_pdbx_refine_tls.T[2][3]_esd      ? 
_pdbx_refine_tls.T[3][3]          0.0698 
_pdbx_refine_tls.T[3][3]_esd      ? 
_pdbx_refine_tls.L[1][1]          1.2572 
_pdbx_refine_tls.L[1][1]_esd      ? 
_pdbx_refine_tls.L[1][2]          -1.8907 
_pdbx_refine_tls.L[1][2]_esd      ? 
_pdbx_refine_tls.L[1][3]          0.4185 
_pdbx_refine_tls.L[1][3]_esd      ? 
_pdbx_refine_tls.L[2][2]          4.9758 
_pdbx_refine_tls.L[2][2]_esd      ? 
_pdbx_refine_tls.L[2][3]          -0.5053 
_pdbx_refine_tls.L[2][3]_esd      ? 
_pdbx_refine_tls.L[3][3]          1.1914 
_pdbx_refine_tls.L[3][3]_esd      ? 
_pdbx_refine_tls.S[1][1]          0.0145 
_pdbx_refine_tls.S[1][1]_esd      ? 
_pdbx_refine_tls.S[1][2]          0.0126 
_pdbx_refine_tls.S[1][2]_esd      ? 
_pdbx_refine_tls.S[1][3]          0.0103 
_pdbx_refine_tls.S[1][3]_esd      ? 
_pdbx_refine_tls.S[2][1]          0.0820 
_pdbx_refine_tls.S[2][1]_esd      ? 
_pdbx_refine_tls.S[2][2]          -0.0194 
_pdbx_refine_tls.S[2][2]_esd      ? 
_pdbx_refine_tls.S[2][3]          -0.1457 
_pdbx_refine_tls.S[2][3]_esd      ? 
_pdbx_refine_tls.S[3][1]          0.0008 
_pdbx_refine_tls.S[3][1]_esd      ? 
_pdbx_refine_tls.S[3][2]          0.1900 
_pdbx_refine_tls.S[3][2]_esd      ? 
_pdbx_refine_tls.S[3][3]          0.0048 
_pdbx_refine_tls.S[3][3]_esd      ? 
# 
_pdbx_refine_tls_group.id                  1 
_pdbx_refine_tls_group.pdbx_refine_id      'X-RAY DIFFRACTION' 
_pdbx_refine_tls_group.refine_tls_id       1 
_pdbx_refine_tls_group.beg_label_asym_id   ? 
_pdbx_refine_tls_group.beg_label_seq_id    ? 
_pdbx_refine_tls_group.beg_auth_asym_id    A 
_pdbx_refine_tls_group.beg_auth_seq_id     9 
_pdbx_refine_tls_group.beg_PDB_ins_code    ? 
_pdbx_refine_tls_group.end_label_asym_id   ? 
_pdbx_refine_tls_group.end_label_seq_id    ? 
_pdbx_refine_tls_group.end_auth_asym_id    A 
_pdbx_refine_tls_group.end_auth_seq_id     95 
_pdbx_refine_tls_group.end_PDB_ins_code    ? 
_pdbx_refine_tls_group.selection           ? 
_pdbx_refine_tls_group.selection_details   '{ A|all }' 
# 
_pdbx_entry_details.entry_id                 8AEU 
_pdbx_entry_details.nonpolymer_details       ? 
_pdbx_entry_details.sequence_details         ? 
_pdbx_entry_details.compound_details         ? 
_pdbx_entry_details.source_details           ? 
_pdbx_entry_details.has_ligand_of_interest   Y 
# 
loop_
_pdbx_unobs_or_zero_occ_residues.id 
_pdbx_unobs_or_zero_occ_residues.PDB_model_num 
_pdbx_unobs_or_zero_occ_residues.polymer_flag 
_pdbx_unobs_or_zero_occ_residues.occupancy_flag 
_pdbx_unobs_or_zero_occ_residues.auth_asym_id 
_pdbx_unobs_or_zero_occ_residues.auth_comp_id 
_pdbx_unobs_or_zero_occ_residues.auth_seq_id 
_pdbx_unobs_or_zero_occ_residues.PDB_ins_code 
_pdbx_unobs_or_zero_occ_residues.label_asym_id 
_pdbx_unobs_or_zero_occ_residues.label_comp_id 
_pdbx_unobs_or_zero_occ_residues.label_seq_id 
1  1 Y 1 A MET 1  ? A MET 1  
2  1 Y 1 A GLN 2  ? A GLN 2  
3  1 Y 1 A ILE 3  ? A ILE 3  
4  1 Y 1 A PRO 4  ? A PRO 4  
5  1 Y 1 A ALA 5  ? A ALA 5  
6  1 Y 1 A SER 6  ? A SER 6  
7  1 Y 1 A GLU 7  ? A GLU 7  
8  1 Y 1 A GLN 8  ? A GLN 8  
9  1 Y 1 A GLN 96 ? A GLN 96 
10 1 Y 1 A GLN 97 ? A GLN 97 
# 
loop_
_chem_comp_atom.comp_id 
_chem_comp_atom.atom_id 
_chem_comp_atom.type_symbol 
_chem_comp_atom.pdbx_aromatic_flag 
_chem_comp_atom.pdbx_stereo_config 
_chem_comp_atom.pdbx_ordinal 
ALA N    N  N N 1   
ALA CA   C  N S 2   
ALA C    C  N N 3   
ALA O    O  N N 4   
ALA CB   C  N N 5   
ALA OXT  O  N N 6   
ALA H    H  N N 7   
ALA H2   H  N N 8   
ALA HA   H  N N 9   
ALA HB1  H  N N 10  
ALA HB2  H  N N 11  
ALA HB3  H  N N 12  
ALA HXT  H  N N 13  
ARG N    N  N N 14  
ARG CA   C  N S 15  
ARG C    C  N N 16  
ARG O    O  N N 17  
ARG CB   C  N N 18  
ARG CG   C  N N 19  
ARG CD   C  N N 20  
ARG NE   N  N N 21  
ARG CZ   C  N N 22  
ARG NH1  N  N N 23  
ARG NH2  N  N N 24  
ARG OXT  O  N N 25  
ARG H    H  N N 26  
ARG H2   H  N N 27  
ARG HA   H  N N 28  
ARG HB2  H  N N 29  
ARG HB3  H  N N 30  
ARG HG2  H  N N 31  
ARG HG3  H  N N 32  
ARG HD2  H  N N 33  
ARG HD3  H  N N 34  
ARG HE   H  N N 35  
ARG HH11 H  N N 36  
ARG HH12 H  N N 37  
ARG HH21 H  N N 38  
ARG HH22 H  N N 39  
ARG HXT  H  N N 40  
ASN N    N  N N 41  
ASN CA   C  N S 42  
ASN C    C  N N 43  
ASN O    O  N N 44  
ASN CB   C  N N 45  
ASN CG   C  N N 46  
ASN OD1  O  N N 47  
ASN ND2  N  N N 48  
ASN OXT  O  N N 49  
ASN H    H  N N 50  
ASN H2   H  N N 51  
ASN HA   H  N N 52  
ASN HB2  H  N N 53  
ASN HB3  H  N N 54  
ASN HD21 H  N N 55  
ASN HD22 H  N N 56  
ASN HXT  H  N N 57  
ASP N    N  N N 58  
ASP CA   C  N S 59  
ASP C    C  N N 60  
ASP O    O  N N 61  
ASP CB   C  N N 62  
ASP CG   C  N N 63  
ASP OD1  O  N N 64  
ASP OD2  O  N N 65  
ASP OXT  O  N N 66  
ASP H    H  N N 67  
ASP H2   H  N N 68  
ASP HA   H  N N 69  
ASP HB2  H  N N 70  
ASP HB3  H  N N 71  
ASP HD2  H  N N 72  
ASP HXT  H  N N 73  
BME C1   C  N N 74  
BME C2   C  N N 75  
BME O1   O  N N 76  
BME S2   S  N N 77  
BME H11  H  N N 78  
BME H12  H  N N 79  
BME H21  H  N N 80  
BME H22  H  N N 81  
BME HO1  H  N N 82  
BME HS2  H  N N 83  
CYS N    N  N N 84  
CYS CA   C  N R 85  
CYS C    C  N N 86  
CYS O    O  N N 87  
CYS CB   C  N N 88  
CYS SG   S  N N 89  
CYS OXT  O  N N 90  
CYS H    H  N N 91  
CYS H2   H  N N 92  
CYS HA   H  N N 93  
CYS HB2  H  N N 94  
CYS HB3  H  N N 95  
CYS HG   H  N N 96  
CYS HXT  H  N N 97  
GLN N    N  N N 98  
GLN CA   C  N S 99  
GLN C    C  N N 100 
GLN O    O  N N 101 
GLN CB   C  N N 102 
GLN CG   C  N N 103 
GLN CD   C  N N 104 
GLN OE1  O  N N 105 
GLN NE2  N  N N 106 
GLN OXT  O  N N 107 
GLN H    H  N N 108 
GLN H2   H  N N 109 
GLN HA   H  N N 110 
GLN HB2  H  N N 111 
GLN HB3  H  N N 112 
GLN HG2  H  N N 113 
GLN HG3  H  N N 114 
GLN HE21 H  N N 115 
GLN HE22 H  N N 116 
GLN HXT  H  N N 117 
GLU N    N  N N 118 
GLU CA   C  N S 119 
GLU C    C  N N 120 
GLU O    O  N N 121 
GLU CB   C  N N 122 
GLU CG   C  N N 123 
GLU CD   C  N N 124 
GLU OE1  O  N N 125 
GLU OE2  O  N N 126 
GLU OXT  O  N N 127 
GLU H    H  N N 128 
GLU H2   H  N N 129 
GLU HA   H  N N 130 
GLU HB2  H  N N 131 
GLU HB3  H  N N 132 
GLU HG2  H  N N 133 
GLU HG3  H  N N 134 
GLU HE2  H  N N 135 
GLU HXT  H  N N 136 
GLY N    N  N N 137 
GLY CA   C  N N 138 
GLY C    C  N N 139 
GLY O    O  N N 140 
GLY OXT  O  N N 141 
GLY H    H  N N 142 
GLY H2   H  N N 143 
GLY HA2  H  N N 144 
GLY HA3  H  N N 145 
GLY HXT  H  N N 146 
HIS N    N  N N 147 
HIS CA   C  N S 148 
HIS C    C  N N 149 
HIS O    O  N N 150 
HIS CB   C  N N 151 
HIS CG   C  Y N 152 
HIS ND1  N  Y N 153 
HIS CD2  C  Y N 154 
HIS CE1  C  Y N 155 
HIS NE2  N  Y N 156 
HIS OXT  O  N N 157 
HIS H    H  N N 158 
HIS H2   H  N N 159 
HIS HA   H  N N 160 
HIS HB2  H  N N 161 
HIS HB3  H  N N 162 
HIS HD1  H  N N 163 
HIS HD2  H  N N 164 
HIS HE1  H  N N 165 
HIS HE2  H  N N 166 
HIS HXT  H  N N 167 
HOH O    O  N N 168 
HOH H1   H  N N 169 
HOH H2   H  N N 170 
ILE N    N  N N 171 
ILE CA   C  N S 172 
ILE C    C  N N 173 
ILE O    O  N N 174 
ILE CB   C  N S 175 
ILE CG1  C  N N 176 
ILE CG2  C  N N 177 
ILE CD1  C  N N 178 
ILE OXT  O  N N 179 
ILE H    H  N N 180 
ILE H2   H  N N 181 
ILE HA   H  N N 182 
ILE HB   H  N N 183 
ILE HG12 H  N N 184 
ILE HG13 H  N N 185 
ILE HG21 H  N N 186 
ILE HG22 H  N N 187 
ILE HG23 H  N N 188 
ILE HD11 H  N N 189 
ILE HD12 H  N N 190 
ILE HD13 H  N N 191 
ILE HXT  H  N N 192 
LEU N    N  N N 193 
LEU CA   C  N S 194 
LEU C    C  N N 195 
LEU O    O  N N 196 
LEU CB   C  N N 197 
LEU CG   C  N N 198 
LEU CD1  C  N N 199 
LEU CD2  C  N N 200 
LEU OXT  O  N N 201 
LEU H    H  N N 202 
LEU H2   H  N N 203 
LEU HA   H  N N 204 
LEU HB2  H  N N 205 
LEU HB3  H  N N 206 
LEU HG   H  N N 207 
LEU HD11 H  N N 208 
LEU HD12 H  N N 209 
LEU HD13 H  N N 210 
LEU HD21 H  N N 211 
LEU HD22 H  N N 212 
LEU HD23 H  N N 213 
LEU HXT  H  N N 214 
LYS N    N  N N 215 
LYS CA   C  N S 216 
LYS C    C  N N 217 
LYS O    O  N N 218 
LYS CB   C  N N 219 
LYS CG   C  N N 220 
LYS CD   C  N N 221 
LYS CE   C  N N 222 
LYS NZ   N  N N 223 
LYS OXT  O  N N 224 
LYS H    H  N N 225 
LYS H2   H  N N 226 
LYS HA   H  N N 227 
LYS HB2  H  N N 228 
LYS HB3  H  N N 229 
LYS HG2  H  N N 230 
LYS HG3  H  N N 231 
LYS HD2  H  N N 232 
LYS HD3  H  N N 233 
LYS HE2  H  N N 234 
LYS HE3  H  N N 235 
LYS HZ1  H  N N 236 
LYS HZ2  H  N N 237 
LYS HZ3  H  N N 238 
LYS HXT  H  N N 239 
M0L O3   O  N N 240 
M0L N2   N  N N 241 
M0L O2   O  N N 242 
M0L N3   N  N N 243 
M0L N1   N  N N 244 
M0L C10  C  Y N 245 
M0L C9   C  Y N 246 
M0L C3   C  Y N 247 
M0L C2   C  Y N 248 
M0L C5   C  Y N 249 
M0L O1   O  N N 250 
M0L C6   C  Y N 251 
M0L C8   C  Y N 252 
M0L C7   C  Y N 253 
M0L C4   C  Y N 254 
M0L C1   C  Y N 255 
M0L C23  C  N N 256 
M0L C22  C  Y N 257 
M0L C21  C  N R 258 
M0L C11  C  Y N 259 
M0L C12  C  Y N 260 
M0L C16  C  N N 261 
M0L C15  C  N N 262 
M0L CL   CL N N 263 
M0L C14  C  N N 264 
M0L C13  C  N N 265 
M0L CL6  CL N N 266 
M0L C61  C  Y N 267 
M0L C41  C  N S 268 
M0L C51  C  N N 269 
M0L C31  C  Y N 270 
M0L C42  C  Y N 271 
M0L C52  C  Y N 272 
M0L C62  C  Y N 273 
M0L C32  C  N N 274 
M0L C33  C  N N 275 
M0L C34  C  N N 276 
M0L C43  C  N N 277 
M0L N5   N  N N 278 
M0L C63  C  N N 279 
M0L O11  O  N N 280 
M0L H3   H  N N 281 
M0L H4   H  N N 282 
M0L H5   H  N N 283 
M0L H6   H  N N 284 
M0L H7   H  N N 285 
M0L H8   H  N N 286 
M0L H9   H  N N 287 
M0L H10  H  N N 288 
M0L H11  H  N N 289 
M0L H12  H  N N 290 
M0L H13  H  N N 291 
M0L H14  H  N N 292 
M0L H15  H  N N 293 
M0L H16  H  N N 294 
M0L H17  H  N N 295 
M0L H18  H  N N 296 
M0L H19  H  N N 297 
M0L H20  H  N N 298 
M0L H21  H  N N 299 
M0L H22  H  N N 300 
M0L H24  H  N N 301 
M0L H25  H  N N 302 
M0L H26  H  N N 303 
M0L H27  H  N N 304 
M0L H28  H  N N 305 
M0L H29  H  N N 306 
M0L H30  H  N N 307 
M0L H31  H  N N 308 
M0L H32  H  N N 309 
M0L H33  H  N N 310 
MET N    N  N N 311 
MET CA   C  N S 312 
MET C    C  N N 313 
MET O    O  N N 314 
MET CB   C  N N 315 
MET CG   C  N N 316 
MET SD   S  N N 317 
MET CE   C  N N 318 
MET OXT  O  N N 319 
MET H    H  N N 320 
MET H2   H  N N 321 
MET HA   H  N N 322 
MET HB2  H  N N 323 
MET HB3  H  N N 324 
MET HG2  H  N N 325 
MET HG3  H  N N 326 
MET HE1  H  N N 327 
MET HE2  H  N N 328 
MET HE3  H  N N 329 
MET HXT  H  N N 330 
PHE N    N  N N 331 
PHE CA   C  N S 332 
PHE C    C  N N 333 
PHE O    O  N N 334 
PHE CB   C  N N 335 
PHE CG   C  Y N 336 
PHE CD1  C  Y N 337 
PHE CD2  C  Y N 338 
PHE CE1  C  Y N 339 
PHE CE2  C  Y N 340 
PHE CZ   C  Y N 341 
PHE OXT  O  N N 342 
PHE H    H  N N 343 
PHE H2   H  N N 344 
PHE HA   H  N N 345 
PHE HB2  H  N N 346 
PHE HB3  H  N N 347 
PHE HD1  H  N N 348 
PHE HD2  H  N N 349 
PHE HE1  H  N N 350 
PHE HE2  H  N N 351 
PHE HZ   H  N N 352 
PHE HXT  H  N N 353 
PRO N    N  N N 354 
PRO CA   C  N S 355 
PRO C    C  N N 356 
PRO O    O  N N 357 
PRO CB   C  N N 358 
PRO CG   C  N N 359 
PRO CD   C  N N 360 
PRO OXT  O  N N 361 
PRO H    H  N N 362 
PRO HA   H  N N 363 
PRO HB2  H  N N 364 
PRO HB3  H  N N 365 
PRO HG2  H  N N 366 
PRO HG3  H  N N 367 
PRO HD2  H  N N 368 
PRO HD3  H  N N 369 
PRO HXT  H  N N 370 
SER N    N  N N 371 
SER CA   C  N S 372 
SER C    C  N N 373 
SER O    O  N N 374 
SER CB   C  N N 375 
SER OG   O  N N 376 
SER OXT  O  N N 377 
SER H    H  N N 378 
SER H2   H  N N 379 
SER HA   H  N N 380 
SER HB2  H  N N 381 
SER HB3  H  N N 382 
SER HG   H  N N 383 
SER HXT  H  N N 384 
THR N    N  N N 385 
THR CA   C  N S 386 
THR C    C  N N 387 
THR O    O  N N 388 
THR CB   C  N R 389 
THR OG1  O  N N 390 
THR CG2  C  N N 391 
THR OXT  O  N N 392 
THR H    H  N N 393 
THR H2   H  N N 394 
THR HA   H  N N 395 
THR HB   H  N N 396 
THR HG1  H  N N 397 
THR HG21 H  N N 398 
THR HG22 H  N N 399 
THR HG23 H  N N 400 
THR HXT  H  N N 401 
TYR N    N  N N 402 
TYR CA   C  N S 403 
TYR C    C  N N 404 
TYR O    O  N N 405 
TYR CB   C  N N 406 
TYR CG   C  Y N 407 
TYR CD1  C  Y N 408 
TYR CD2  C  Y N 409 
TYR CE1  C  Y N 410 
TYR CE2  C  Y N 411 
TYR CZ   C  Y N 412 
TYR OH   O  N N 413 
TYR OXT  O  N N 414 
TYR H    H  N N 415 
TYR H2   H  N N 416 
TYR HA   H  N N 417 
TYR HB2  H  N N 418 
TYR HB3  H  N N 419 
TYR HD1  H  N N 420 
TYR HD2  H  N N 421 
TYR HE1  H  N N 422 
TYR HE2  H  N N 423 
TYR HH   H  N N 424 
TYR HXT  H  N N 425 
VAL N    N  N N 426 
VAL CA   C  N S 427 
VAL C    C  N N 428 
VAL O    O  N N 429 
VAL CB   C  N N 430 
VAL CG1  C  N N 431 
VAL CG2  C  N N 432 
VAL OXT  O  N N 433 
VAL H    H  N N 434 
VAL H2   H  N N 435 
VAL HA   H  N N 436 
VAL HB   H  N N 437 
VAL HG11 H  N N 438 
VAL HG12 H  N N 439 
VAL HG13 H  N N 440 
VAL HG21 H  N N 441 
VAL HG22 H  N N 442 
VAL HG23 H  N N 443 
VAL HXT  H  N N 444 
# 
loop_
_chem_comp_bond.comp_id 
_chem_comp_bond.atom_id_1 
_chem_comp_bond.atom_id_2 
_chem_comp_bond.value_order 
_chem_comp_bond.pdbx_aromatic_flag 
_chem_comp_bond.pdbx_stereo_config 
_chem_comp_bond.pdbx_ordinal 
ALA N   CA   sing N N 1   
ALA N   H    sing N N 2   
ALA N   H2   sing N N 3   
ALA CA  C    sing N N 4   
ALA CA  CB   sing N N 5   
ALA CA  HA   sing N N 6   
ALA C   O    doub N N 7   
ALA C   OXT  sing N N 8   
ALA CB  HB1  sing N N 9   
ALA CB  HB2  sing N N 10  
ALA CB  HB3  sing N N 11  
ALA OXT HXT  sing N N 12  
ARG N   CA   sing N N 13  
ARG N   H    sing N N 14  
ARG N   H2   sing N N 15  
ARG CA  C    sing N N 16  
ARG CA  CB   sing N N 17  
ARG CA  HA   sing N N 18  
ARG C   O    doub N N 19  
ARG C   OXT  sing N N 20  
ARG CB  CG   sing N N 21  
ARG CB  HB2  sing N N 22  
ARG CB  HB3  sing N N 23  
ARG CG  CD   sing N N 24  
ARG CG  HG2  sing N N 25  
ARG CG  HG3  sing N N 26  
ARG CD  NE   sing N N 27  
ARG CD  HD2  sing N N 28  
ARG CD  HD3  sing N N 29  
ARG NE  CZ   sing N N 30  
ARG NE  HE   sing N N 31  
ARG CZ  NH1  sing N N 32  
ARG CZ  NH2  doub N N 33  
ARG NH1 HH11 sing N N 34  
ARG NH1 HH12 sing N N 35  
ARG NH2 HH21 sing N N 36  
ARG NH2 HH22 sing N N 37  
ARG OXT HXT  sing N N 38  
ASN N   CA   sing N N 39  
ASN N   H    sing N N 40  
ASN N   H2   sing N N 41  
ASN CA  C    sing N N 42  
ASN CA  CB   sing N N 43  
ASN CA  HA   sing N N 44  
ASN C   O    doub N N 45  
ASN C   OXT  sing N N 46  
ASN CB  CG   sing N N 47  
ASN CB  HB2  sing N N 48  
ASN CB  HB3  sing N N 49  
ASN CG  OD1  doub N N 50  
ASN CG  ND2  sing N N 51  
ASN ND2 HD21 sing N N 52  
ASN ND2 HD22 sing N N 53  
ASN OXT HXT  sing N N 54  
ASP N   CA   sing N N 55  
ASP N   H    sing N N 56  
ASP N   H2   sing N N 57  
ASP CA  C    sing N N 58  
ASP CA  CB   sing N N 59  
ASP CA  HA   sing N N 60  
ASP C   O    doub N N 61  
ASP C   OXT  sing N N 62  
ASP CB  CG   sing N N 63  
ASP CB  HB2  sing N N 64  
ASP CB  HB3  sing N N 65  
ASP CG  OD1  doub N N 66  
ASP CG  OD2  sing N N 67  
ASP OD2 HD2  sing N N 68  
ASP OXT HXT  sing N N 69  
BME C1  C2   sing N N 70  
BME C1  O1   sing N N 71  
BME C1  H11  sing N N 72  
BME C1  H12  sing N N 73  
BME C2  S2   sing N N 74  
BME C2  H21  sing N N 75  
BME C2  H22  sing N N 76  
BME O1  HO1  sing N N 77  
BME S2  HS2  sing N N 78  
CYS N   CA   sing N N 79  
CYS N   H    sing N N 80  
CYS N   H2   sing N N 81  
CYS CA  C    sing N N 82  
CYS CA  CB   sing N N 83  
CYS CA  HA   sing N N 84  
CYS C   O    doub N N 85  
CYS C   OXT  sing N N 86  
CYS CB  SG   sing N N 87  
CYS CB  HB2  sing N N 88  
CYS CB  HB3  sing N N 89  
CYS SG  HG   sing N N 90  
CYS OXT HXT  sing N N 91  
GLN N   CA   sing N N 92  
GLN N   H    sing N N 93  
GLN N   H2   sing N N 94  
GLN CA  C    sing N N 95  
GLN CA  CB   sing N N 96  
GLN CA  HA   sing N N 97  
GLN C   O    doub N N 98  
GLN C   OXT  sing N N 99  
GLN CB  CG   sing N N 100 
GLN CB  HB2  sing N N 101 
GLN CB  HB3  sing N N 102 
GLN CG  CD   sing N N 103 
GLN CG  HG2  sing N N 104 
GLN CG  HG3  sing N N 105 
GLN CD  OE1  doub N N 106 
GLN CD  NE2  sing N N 107 
GLN NE2 HE21 sing N N 108 
GLN NE2 HE22 sing N N 109 
GLN OXT HXT  sing N N 110 
GLU N   CA   sing N N 111 
GLU N   H    sing N N 112 
GLU N   H2   sing N N 113 
GLU CA  C    sing N N 114 
GLU CA  CB   sing N N 115 
GLU CA  HA   sing N N 116 
GLU C   O    doub N N 117 
GLU C   OXT  sing N N 118 
GLU CB  CG   sing N N 119 
GLU CB  HB2  sing N N 120 
GLU CB  HB3  sing N N 121 
GLU CG  CD   sing N N 122 
GLU CG  HG2  sing N N 123 
GLU CG  HG3  sing N N 124 
GLU CD  OE1  doub N N 125 
GLU CD  OE2  sing N N 126 
GLU OE2 HE2  sing N N 127 
GLU OXT HXT  sing N N 128 
GLY N   CA   sing N N 129 
GLY N   H    sing N N 130 
GLY N   H2   sing N N 131 
GLY CA  C    sing N N 132 
GLY CA  HA2  sing N N 133 
GLY CA  HA3  sing N N 134 
GLY C   O    doub N N 135 
GLY C   OXT  sing N N 136 
GLY OXT HXT  sing N N 137 
HIS N   CA   sing N N 138 
HIS N   H    sing N N 139 
HIS N   H2   sing N N 140 
HIS CA  C    sing N N 141 
HIS CA  CB   sing N N 142 
HIS CA  HA   sing N N 143 
HIS C   O    doub N N 144 
HIS C   OXT  sing N N 145 
HIS CB  CG   sing N N 146 
HIS CB  HB2  sing N N 147 
HIS CB  HB3  sing N N 148 
HIS CG  ND1  sing Y N 149 
HIS CG  CD2  doub Y N 150 
HIS ND1 CE1  doub Y N 151 
HIS ND1 HD1  sing N N 152 
HIS CD2 NE2  sing Y N 153 
HIS CD2 HD2  sing N N 154 
HIS CE1 NE2  sing Y N 155 
HIS CE1 HE1  sing N N 156 
HIS NE2 HE2  sing N N 157 
HIS OXT HXT  sing N N 158 
HOH O   H1   sing N N 159 
HOH O   H2   sing N N 160 
ILE N   CA   sing N N 161 
ILE N   H    sing N N 162 
ILE N   H2   sing N N 163 
ILE CA  C    sing N N 164 
ILE CA  CB   sing N N 165 
ILE CA  HA   sing N N 166 
ILE C   O    doub N N 167 
ILE C   OXT  sing N N 168 
ILE CB  CG1  sing N N 169 
ILE CB  CG2  sing N N 170 
ILE CB  HB   sing N N 171 
ILE CG1 CD1  sing N N 172 
ILE CG1 HG12 sing N N 173 
ILE CG1 HG13 sing N N 174 
ILE CG2 HG21 sing N N 175 
ILE CG2 HG22 sing N N 176 
ILE CG2 HG23 sing N N 177 
ILE CD1 HD11 sing N N 178 
ILE CD1 HD12 sing N N 179 
ILE CD1 HD13 sing N N 180 
ILE OXT HXT  sing N N 181 
LEU N   CA   sing N N 182 
LEU N   H    sing N N 183 
LEU N   H2   sing N N 184 
LEU CA  C    sing N N 185 
LEU CA  CB   sing N N 186 
LEU CA  HA   sing N N 187 
LEU C   O    doub N N 188 
LEU C   OXT  sing N N 189 
LEU CB  CG   sing N N 190 
LEU CB  HB2  sing N N 191 
LEU CB  HB3  sing N N 192 
LEU CG  CD1  sing N N 193 
LEU CG  CD2  sing N N 194 
LEU CG  HG   sing N N 195 
LEU CD1 HD11 sing N N 196 
LEU CD1 HD12 sing N N 197 
LEU CD1 HD13 sing N N 198 
LEU CD2 HD21 sing N N 199 
LEU CD2 HD22 sing N N 200 
LEU CD2 HD23 sing N N 201 
LEU OXT HXT  sing N N 202 
LYS N   CA   sing N N 203 
LYS N   H    sing N N 204 
LYS N   H2   sing N N 205 
LYS CA  C    sing N N 206 
LYS CA  CB   sing N N 207 
LYS CA  HA   sing N N 208 
LYS C   O    doub N N 209 
LYS C   OXT  sing N N 210 
LYS CB  CG   sing N N 211 
LYS CB  HB2  sing N N 212 
LYS CB  HB3  sing N N 213 
LYS CG  CD   sing N N 214 
LYS CG  HG2  sing N N 215 
LYS CG  HG3  sing N N 216 
LYS CD  CE   sing N N 217 
LYS CD  HD2  sing N N 218 
LYS CD  HD3  sing N N 219 
LYS CE  NZ   sing N N 220 
LYS CE  HE2  sing N N 221 
LYS CE  HE3  sing N N 222 
LYS NZ  HZ1  sing N N 223 
LYS NZ  HZ2  sing N N 224 
LYS NZ  HZ3  sing N N 225 
LYS OXT HXT  sing N N 226 
M0L C33 O2   sing N N 227 
M0L O2  C31  sing N N 228 
M0L C31 C42  doub Y N 229 
M0L C31 C22  sing Y N 230 
M0L N5  C43  sing N N 231 
M0L N5  C63  sing N N 232 
M0L C43 C34  sing N N 233 
M0L C42 C52  sing Y N 234 
M0L C22 C12  doub Y N 235 
M0L O11 C63  doub N N 236 
M0L C63 C15  sing N N 237 
M0L C13 C32  sing N N 238 
M0L C34 N2   sing N N 239 
M0L C52 O1   sing N N 240 
M0L C52 C62  doub Y N 241 
M0L C12 C62  sing Y N 242 
M0L O1  C32  sing N N 243 
M0L C32 C23  sing N N 244 
M0L C15 N2   sing N N 245 
M0L C15 C16  doub N N 246 
M0L C62 C51  sing N N 247 
M0L N2  C14  sing N N 248 
M0L C14 O3   doub N N 249 
M0L C14 N1   sing N N 250 
M0L C51 N1   sing N N 251 
M0L C51 N3   doub N N 252 
M0L N1  C21  sing N N 253 
M0L N3  C41  sing N N 254 
M0L C5  C6   doub Y N 255 
M0L C5  C4   sing Y N 256 
M0L C21 C41  sing N N 257 
M0L C21 C4   sing N N 258 
M0L C41 C61  sing N N 259 
M0L C6  C1   sing Y N 260 
M0L C4  C3   doub Y N 261 
M0L C7  C61  doub Y N 262 
M0L C7  C8   sing Y N 263 
M0L C61 C11  sing Y N 264 
M0L C1  CL6  sing N N 265 
M0L C1  C2   doub Y N 266 
M0L C3  C2   sing Y N 267 
M0L C8  C9   doub Y N 268 
M0L C11 C10  doub Y N 269 
M0L C9  C10  sing Y N 270 
M0L C9  CL   sing N N 271 
M0L C10 H3   sing N N 272 
M0L C3  H4   sing N N 273 
M0L C2  H5   sing N N 274 
M0L C5  H6   sing N N 275 
M0L C6  H7   sing N N 276 
M0L C8  H8   sing N N 277 
M0L C7  H9   sing N N 278 
M0L C23 H10  sing N N 279 
M0L C23 H11  sing N N 280 
M0L C23 H12  sing N N 281 
M0L C22 H13  sing N N 282 
M0L C21 H14  sing N N 283 
M0L C11 H15  sing N N 284 
M0L C12 H16  sing N N 285 
M0L C16 H17  sing N N 286 
M0L C16 H18  sing N N 287 
M0L C13 H19  sing N N 288 
M0L C13 H20  sing N N 289 
M0L C13 H21  sing N N 290 
M0L C41 H22  sing N N 291 
M0L C42 H24  sing N N 292 
M0L C32 H25  sing N N 293 
M0L C33 H26  sing N N 294 
M0L C33 H27  sing N N 295 
M0L C33 H28  sing N N 296 
M0L C34 H29  sing N N 297 
M0L C34 H30  sing N N 298 
M0L C43 H31  sing N N 299 
M0L C43 H32  sing N N 300 
M0L N5  H33  sing N N 301 
MET N   CA   sing N N 302 
MET N   H    sing N N 303 
MET N   H2   sing N N 304 
MET CA  C    sing N N 305 
MET CA  CB   sing N N 306 
MET CA  HA   sing N N 307 
MET C   O    doub N N 308 
MET C   OXT  sing N N 309 
MET CB  CG   sing N N 310 
MET CB  HB2  sing N N 311 
MET CB  HB3  sing N N 312 
MET CG  SD   sing N N 313 
MET CG  HG2  sing N N 314 
MET CG  HG3  sing N N 315 
MET SD  CE   sing N N 316 
MET CE  HE1  sing N N 317 
MET CE  HE2  sing N N 318 
MET CE  HE3  sing N N 319 
MET OXT HXT  sing N N 320 
PHE N   CA   sing N N 321 
PHE N   H    sing N N 322 
PHE N   H2   sing N N 323 
PHE CA  C    sing N N 324 
PHE CA  CB   sing N N 325 
PHE CA  HA   sing N N 326 
PHE C   O    doub N N 327 
PHE C   OXT  sing N N 328 
PHE CB  CG   sing N N 329 
PHE CB  HB2  sing N N 330 
PHE CB  HB3  sing N N 331 
PHE CG  CD1  doub Y N 332 
PHE CG  CD2  sing Y N 333 
PHE CD1 CE1  sing Y N 334 
PHE CD1 HD1  sing N N 335 
PHE CD2 CE2  doub Y N 336 
PHE CD2 HD2  sing N N 337 
PHE CE1 CZ   doub Y N 338 
PHE CE1 HE1  sing N N 339 
PHE CE2 CZ   sing Y N 340 
PHE CE2 HE2  sing N N 341 
PHE CZ  HZ   sing N N 342 
PHE OXT HXT  sing N N 343 
PRO N   CA   sing N N 344 
PRO N   CD   sing N N 345 
PRO N   H    sing N N 346 
PRO CA  C    sing N N 347 
PRO CA  CB   sing N N 348 
PRO CA  HA   sing N N 349 
PRO C   O    doub N N 350 
PRO C   OXT  sing N N 351 
PRO CB  CG   sing N N 352 
PRO CB  HB2  sing N N 353 
PRO CB  HB3  sing N N 354 
PRO CG  CD   sing N N 355 
PRO CG  HG2  sing N N 356 
PRO CG  HG3  sing N N 357 
PRO CD  HD2  sing N N 358 
PRO CD  HD3  sing N N 359 
PRO OXT HXT  sing N N 360 
SER N   CA   sing N N 361 
SER N   H    sing N N 362 
SER N   H2   sing N N 363 
SER CA  C    sing N N 364 
SER CA  CB   sing N N 365 
SER CA  HA   sing N N 366 
SER C   O    doub N N 367 
SER C   OXT  sing N N 368 
SER CB  OG   sing N N 369 
SER CB  HB2  sing N N 370 
SER CB  HB3  sing N N 371 
SER OG  HG   sing N N 372 
SER OXT HXT  sing N N 373 
THR N   CA   sing N N 374 
THR N   H    sing N N 375 
THR N   H2   sing N N 376 
THR CA  C    sing N N 377 
THR CA  CB   sing N N 378 
THR CA  HA   sing N N 379 
THR C   O    doub N N 380 
THR C   OXT  sing N N 381 
THR CB  OG1  sing N N 382 
THR CB  CG2  sing N N 383 
THR CB  HB   sing N N 384 
THR OG1 HG1  sing N N 385 
THR CG2 HG21 sing N N 386 
THR CG2 HG22 sing N N 387 
THR CG2 HG23 sing N N 388 
THR OXT HXT  sing N N 389 
TYR N   CA   sing N N 390 
TYR N   H    sing N N 391 
TYR N   H2   sing N N 392 
TYR CA  C    sing N N 393 
TYR CA  CB   sing N N 394 
TYR CA  HA   sing N N 395 
TYR C   O    doub N N 396 
TYR C   OXT  sing N N 397 
TYR CB  CG   sing N N 398 
TYR CB  HB2  sing N N 399 
TYR CB  HB3  sing N N 400 
TYR CG  CD1  doub Y N 401 
TYR CG  CD2  sing Y N 402 
TYR CD1 CE1  sing Y N 403 
TYR CD1 HD1  sing N N 404 
TYR CD2 CE2  doub Y N 405 
TYR CD2 HD2  sing N N 406 
TYR CE1 CZ   doub Y N 407 
TYR CE1 HE1  sing N N 408 
TYR CE2 CZ   sing Y N 409 
TYR CE2 HE2  sing N N 410 
TYR CZ  OH   sing N N 411 
TYR OH  HH   sing N N 412 
TYR OXT HXT  sing N N 413 
VAL N   CA   sing N N 414 
VAL N   H    sing N N 415 
VAL N   H2   sing N N 416 
VAL CA  C    sing N N 417 
VAL CA  CB   sing N N 418 
VAL CA  HA   sing N N 419 
VAL C   O    doub N N 420 
VAL C   OXT  sing N N 421 
VAL CB  CG1  sing N N 422 
VAL CB  CG2  sing N N 423 
VAL CB  HB   sing N N 424 
VAL CG1 HG11 sing N N 425 
VAL CG1 HG12 sing N N 426 
VAL CG1 HG13 sing N N 427 
VAL CG2 HG21 sing N N 428 
VAL CG2 HG22 sing N N 429 
VAL CG2 HG23 sing N N 430 
VAL OXT HXT  sing N N 431 
# 
_pdbx_audit_support.funding_organization   'Polish National Science Centre' 
_pdbx_audit_support.country                Poland 
_pdbx_audit_support.grant_number           2014/12/W/NZ1/00457 
_pdbx_audit_support.ordinal                1 
# 
_pdbx_entity_instance_feature.ordinal        1 
_pdbx_entity_instance_feature.comp_id        M0L 
_pdbx_entity_instance_feature.asym_id        ? 
_pdbx_entity_instance_feature.seq_num        ? 
_pdbx_entity_instance_feature.auth_comp_id   M0L 
_pdbx_entity_instance_feature.auth_asym_id   ? 
_pdbx_entity_instance_feature.auth_seq_num   ? 
_pdbx_entity_instance_feature.feature_type   'SUBJECT OF INVESTIGATION' 
_pdbx_entity_instance_feature.details        ? 
# 
_pdbx_initial_refinement_model.id               1 
_pdbx_initial_refinement_model.entity_id_list   ? 
_pdbx_initial_refinement_model.type             'experimental model' 
_pdbx_initial_refinement_model.source_name      PDB 
_pdbx_initial_refinement_model.accession_code   4ZFI 
_pdbx_initial_refinement_model.details          ? 
# 
_atom_sites.entry_id                    8AEU 
_atom_sites.Cartn_transf_matrix[1][1]   ? 
_atom_sites.Cartn_transf_matrix[1][2]   ? 
_atom_sites.Cartn_transf_matrix[1][3]   ? 
_atom_sites.Cartn_transf_matrix[2][1]   ? 
_atom_sites.Cartn_transf_matrix[2][2]   ? 
_atom_sites.Cartn_transf_matrix[2][3]   ? 
_atom_sites.Cartn_transf_matrix[3][1]   ? 
_atom_sites.Cartn_transf_matrix[3][2]   ? 
_atom_sites.Cartn_transf_matrix[3][3]   ? 
_atom_sites.Cartn_transf_vector[1]      ? 
_atom_sites.Cartn_transf_vector[2]      ? 
_atom_sites.Cartn_transf_vector[3]      ? 
_atom_sites.fract_transf_matrix[1][1]   -0.01448450 
_atom_sites.fract_transf_matrix[1][2]   0.00814843 
_atom_sites.fract_transf_matrix[1][3]   -0.00632752 
_atom_sites.fract_transf_matrix[2][1]   0.00941537 
_atom_sites.fract_transf_matrix[2][2]   0.01489925 
_atom_sites.fract_transf_matrix[2][3]   -0.00236609 
_atom_sites.fract_transf_matrix[3][1]   0.00314628 
_atom_sites.fract_transf_matrix[3][2]   -0.00393718 
_atom_sites.fract_transf_matrix[3][3]   -0.01227244 
_atom_sites.fract_transf_vector[1]      0.511586 
_atom_sites.fract_transf_vector[2]      0.256631 
_atom_sites.fract_transf_vector[3]      0.242539 
_atom_sites.solution_primary            ? 
_atom_sites.solution_secondary          ? 
_atom_sites.solution_hydrogens          ? 
_atom_sites.special_details             ? 
# 
loop_
_atom_type.symbol 
C  
CL 
N  
O  
S  
# 
loop_
_atom_site.group_PDB 
_atom_site.id 
_atom_site.type_symbol 
_atom_site.label_atom_id 
_atom_site.label_alt_id 
_atom_site.label_comp_id 
_atom_site.label_asym_id 
_atom_site.label_entity_id 
_atom_site.label_seq_id 
_atom_site.pdbx_PDB_ins_code 
_atom_site.Cartn_x 
_atom_site.Cartn_y 
_atom_site.Cartn_z 
_atom_site.occupancy 
_atom_site.B_iso_or_equiv 
_atom_site.pdbx_formal_charge 
_atom_site.auth_seq_id 
_atom_site.auth_comp_id 
_atom_site.auth_asym_id 
_atom_site.auth_atom_id 
_atom_site.pdbx_PDB_model_num 
ATOM   1   N  N   . GLU A 1 9  ? -3.724  -22.715 -8.037  1.00 87.39  ? 9   GLU A N   1 
ATOM   2   C  CA  . GLU A 1 9  ? -3.654  -23.417 -9.350  1.00 89.82  ? 9   GLU A CA  1 
ATOM   3   C  C   . GLU A 1 9  ? -2.983  -22.527 -10.434 1.00 87.59  ? 9   GLU A C   1 
ATOM   4   O  O   . GLU A 1 9  ? -2.479  -23.052 -11.425 1.00 91.41  ? 9   GLU A O   1 
ATOM   5   C  CB  . GLU A 1 9  ? -5.059  -23.890 -9.789  1.00 92.10  ? 9   GLU A CB  1 
ATOM   6   C  CG  . GLU A 1 9  ? -5.118  -24.493 -11.172 1.00 96.20  ? 9   GLU A CG  1 
ATOM   7   C  CD  . GLU A 1 9  ? -5.968  -25.754 -11.241 1.00 101.94 ? 9   GLU A CD  1 
ATOM   8   O  OE1 . GLU A 1 9  ? -7.144  -25.707 -10.795 1.00 104.36 ? 9   GLU A OE1 1 
ATOM   9   O  OE2 . GLU A 1 9  ? -5.461  -26.789 -11.745 1.00 103.99 ? 9   GLU A OE2 1 
ATOM   10  N  N   . THR A 1 10 ? -2.999  -21.196 -10.264 1.00 80.04  ? 10  THR A N   1 
ATOM   11  C  CA  . THR A 1 10 ? -2.296  -20.300 -11.201 1.00 77.29  ? 10  THR A CA  1 
ATOM   12  C  C   . THR A 1 10 ? -1.225  -19.502 -10.452 1.00 71.56  ? 10  THR A C   1 
ATOM   13  O  O   . THR A 1 10 ? -1.520  -18.763 -9.528  1.00 68.88  ? 10  THR A O   1 
ATOM   14  C  CB  . THR A 1 10 ? -3.249  -19.374 -11.974 1.00 76.83  ? 10  THR A CB  1 
ATOM   15  O  OG1 . THR A 1 10 ? -3.967  -20.139 -12.949 1.00 80.07  ? 10  THR A OG1 1 
ATOM   16  C  CG2 . THR A 1 10 ? -2.495  -18.233 -12.700 1.00 77.16  ? 10  THR A CG2 1 
ATOM   17  N  N   . LEU A 1 11 ? 0.028   -19.671 -10.869 1.00 69.13  ? 11  LEU A N   1 
ATOM   18  C  CA  . LEU A 1 11 ? 1.170   -19.071 -10.196 1.00 67.44  ? 11  LEU A CA  1 
ATOM   19  C  C   . LEU A 1 11 ? 1.635   -17.860 -11.008 1.00 66.63  ? 11  LEU A C   1 
ATOM   20  O  O   . LEU A 1 11 ? 1.590   -17.877 -12.218 1.00 69.09  ? 11  LEU A O   1 
ATOM   21  C  CB  . LEU A 1 11 ? 2.313   -20.068 -9.984  1.00 69.67  ? 11  LEU A CB  1 
ATOM   22  C  CG  . LEU A 1 11 ? 2.250   -21.107 -8.818  1.00 72.24  ? 11  LEU A CG  1 
ATOM   23  C  CD1 . LEU A 1 11 ? 3.400   -22.116 -8.796  1.00 73.66  ? 11  LEU A CD1 1 
ATOM   24  C  CD2 . LEU A 1 11 ? 2.171   -20.470 -7.430  1.00 72.28  ? 11  LEU A CD2 1 
ATOM   25  N  N   . VAL A 1 12 ? 2.050   -16.803 -10.292 1.00 62.27  ? 12  VAL A N   1 
ATOM   26  C  CA  . VAL A 1 12 ? 2.685   -15.652 -10.858 1.00 60.28  ? 12  VAL A CA  1 
ATOM   27  C  C   . VAL A 1 12 ? 4.032   -15.466 -10.215 1.00 58.40  ? 12  VAL A C   1 
ATOM   28  O  O   . VAL A 1 12 ? 4.268   -15.959 -9.085  1.00 54.25  ? 12  VAL A O   1 
ATOM   29  C  CB  . VAL A 1 12 ? 1.820   -14.355 -10.618 1.00 58.86  ? 12  VAL A CB  1 
ATOM   30  C  CG1 . VAL A 1 12 ? 0.539   -14.517 -11.374 1.00 62.18  ? 12  VAL A CG1 1 
ATOM   31  C  CG2 . VAL A 1 12 ? 1.575   -14.013 -9.135  1.00 56.30  ? 12  VAL A CG2 1 
ATOM   32  N  N   . ARG A 1 13 ? 4.891   -14.695 -10.906 1.00 58.07  ? 13  ARG A N   1 
ATOM   33  C  CA  . ARG A 1 13 ? 6.296   -14.447 -10.495 1.00 58.51  ? 13  ARG A CA  1 
ATOM   34  C  C   . ARG A 1 13 ? 6.514   -12.989 -10.123 1.00 55.15  ? 13  ARG A C   1 
ATOM   35  O  O   . ARG A 1 13 ? 6.579   -12.147 -11.001 1.00 55.63  ? 13  ARG A O   1 
ATOM   36  C  CB  . ARG A 1 13 ? 7.270   -14.806 -11.612 1.00 62.03  ? 13  ARG A CB  1 
ATOM   37  C  CG  . ARG A 1 13 ? 8.726   -14.739 -11.175 1.00 64.26  ? 13  ARG A CG  1 
ATOM   38  C  CD  . ARG A 1 13 ? 9.695   -15.097 -12.300 1.00 68.15  ? 13  ARG A CD  1 
ATOM   39  N  NE  . ARG A 1 13 ? 9.434   -16.430 -12.817 1.00 68.63  ? 13  ARG A NE  1 
ATOM   40  C  CZ  . ARG A 1 13 ? 9.843   -17.574 -12.256 1.00 71.65  ? 13  ARG A CZ  1 
ATOM   41  N  NH1 . ARG A 1 13 ? 10.556  -17.576 -11.134 1.00 67.98  ? 13  ARG A NH1 1 
ATOM   42  N  NH2 . ARG A 1 13 ? 9.551   -18.723 -12.848 1.00 72.82  ? 13  ARG A NH2 1 
ATOM   43  N  N   . PRO A 1 14 ? 6.685   -12.644 -8.828  1.00 54.49  ? 14  PRO A N   1 
ATOM   44  C  CA  . PRO A 1 14 ? 6.982   -11.259 -8.453  1.00 53.49  ? 14  PRO A CA  1 
ATOM   45  C  C   . PRO A 1 14 ? 8.299   -10.742 -9.059  1.00 55.01  ? 14  PRO A C   1 
ATOM   46  O  O   . PRO A 1 14 ? 9.233   -11.507 -9.145  1.00 54.71  ? 14  PRO A O   1 
ATOM   47  C  CB  . PRO A 1 14 ? 7.070   -11.327 -6.916  1.00 54.91  ? 14  PRO A CB  1 
ATOM   48  C  CG  . PRO A 1 14 ? 6.240   -12.541 -6.549  1.00 52.64  ? 14  PRO A CG  1 
ATOM   49  C  CD  . PRO A 1 14 ? 6.569   -13.523 -7.654  1.00 53.95  ? 14  PRO A CD  1 
ATOM   50  N  N   . LYS A 1 15 ? 8.316   -9.483  -9.509  1.00 56.51  ? 15  LYS A N   1 
ATOM   51  C  CA  . LYS A 1 15 ? 9.567   -8.787  -9.829  1.00 56.74  ? 15  LYS A CA  1 
ATOM   52  C  C   . LYS A 1 15 ? 10.401  -8.572  -8.559  1.00 54.06  ? 15  LYS A C   1 
ATOM   53  O  O   . LYS A 1 15 ? 9.909   -8.775  -7.461  1.00 51.67  ? 15  LYS A O   1 
ATOM   54  C  CB  . LYS A 1 15 ? 9.244   -7.486  -10.529 1.00 56.48  ? 15  LYS A CB  1 
ATOM   55  C  CG  . LYS A 1 15 ? 8.822   -7.671  -11.965 1.00 58.46  ? 15  LYS A CG  1 
ATOM   56  C  CD  . LYS A 1 15 ? 8.421   -6.329  -12.565 1.00 60.22  ? 15  LYS A CD  1 
ATOM   57  C  CE  . LYS A 1 15 ? 7.990   -6.446  -14.019 1.00 62.52  ? 15  LYS A CE  1 
ATOM   58  N  NZ  . LYS A 1 15 ? 7.360   -5.172  -14.442 1.00 64.06  ? 15  LYS A NZ  1 
ATOM   59  N  N   . PRO A 1 16 ? 11.704  -8.233  -8.656  1.00 57.69  ? 16  PRO A N   1 
ATOM   60  C  CA  . PRO A 1 16 ? 12.602  -8.333  -7.495  1.00 58.80  ? 16  PRO A CA  1 
ATOM   61  C  C   . PRO A 1 16 ? 12.119  -7.549  -6.260  1.00 56.36  ? 16  PRO A C   1 
ATOM   62  O  O   . PRO A 1 16 ? 12.174  -8.115  -5.147  1.00 57.38  ? 16  PRO A O   1 
ATOM   63  C  CB  . PRO A 1 16 ? 13.948  -7.799  -8.030  1.00 61.96  ? 16  PRO A CB  1 
ATOM   64  C  CG  . PRO A 1 16 ? 13.893  -8.146  -9.511  1.00 63.73  ? 16  PRO A CG  1 
ATOM   65  C  CD  . PRO A 1 16 ? 12.436  -7.942  -9.907  1.00 60.44  ? 16  PRO A CD  1 
ATOM   66  N  N   . LEU A 1 17 ? 11.603  -6.341  -6.467  1.00 55.60  ? 17  LEU A N   1 
ATOM   67  C  CA  . LEU A 1 17 ? 11.190  -5.493  -5.370  1.00 58.92  ? 17  LEU A CA  1 
ATOM   68  C  C   . LEU A 1 17 ? 10.007  -6.119  -4.607  1.00 54.83  ? 17  LEU A C   1 
ATOM   69  O  O   . LEU A 1 17 ? 9.982   -6.182  -3.367  1.00 54.22  ? 17  LEU A O   1 
ATOM   70  C  CB  . LEU A 1 17 ? 10.851  -4.100  -5.874  1.00 64.82  ? 17  LEU A CB  1 
ATOM   71  C  CG  . LEU A 1 17 ? 10.868  -2.984  -4.822  1.00 70.46  ? 17  LEU A CG  1 
ATOM   72  C  CD1 . LEU A 1 17 ? 12.316  -2.811  -4.332  1.00 74.95  ? 17  LEU A CD1 1 
ATOM   73  C  CD2 . LEU A 1 17 ? 10.357  -1.637  -5.353  1.00 73.06  ? 17  LEU A CD2 1 
ATOM   74  N  N   . LEU A 1 18 ? 9.010   -6.599  -5.338  1.00 52.74  ? 18  LEU A N   1 
ATOM   75  C  CA  . LEU A 1 18 ? 7.905   -7.277  -4.663  1.00 52.34  ? 18  LEU A CA  1 
ATOM   76  C  C   . LEU A 1 18 ? 8.353   -8.567  -3.958  1.00 51.11  ? 18  LEU A C   1 
ATOM   77  O  O   . LEU A 1 18 ? 7.909   -8.864  -2.843  1.00 49.77  ? 18  LEU A O   1 
ATOM   78  C  CB  . LEU A 1 18 ? 6.720   -7.547  -5.612  1.00 53.04  ? 18  LEU A CB  1 
ATOM   79  C  CG  . LEU A 1 18 ? 5.492   -8.304  -5.059  1.00 51.18  ? 18  LEU A CG  1 
ATOM   80  C  CD1 . LEU A 1 18 ? 4.837   -7.627  -3.852  1.00 49.41  ? 18  LEU A CD1 1 
ATOM   81  C  CD2 . LEU A 1 18 ? 4.405   -8.596  -6.161  1.00 51.27  ? 18  LEU A CD2 1 
ATOM   82  N  N   . LEU A 1 19 ? 9.271   -9.308  -4.593  1.00 51.60  ? 19  LEU A N   1 
ATOM   83  C  CA  . LEU A 1 19 ? 9.833   -10.528 -4.030  1.00 52.42  ? 19  LEU A CA  1 
ATOM   84  C  C   . LEU A 1 19 ? 10.541  -10.232 -2.695  1.00 55.01  ? 19  LEU A C   1 
ATOM   85  O  O   . LEU A 1 19 ? 10.387  -10.975 -1.681  1.00 55.13  ? 19  LEU A O   1 
ATOM   86  C  CB  . LEU A 1 19 ? 10.818  -11.193 -4.995  1.00 55.81  ? 19  LEU A CB  1 
ATOM   87  C  CG  . LEU A 1 19 ? 11.355  -12.548 -4.477  1.00 56.68  ? 19  LEU A CG  1 
ATOM   88  C  CD1 . LEU A 1 19 ? 10.232  -13.611 -4.512  1.00 57.31  ? 19  LEU A CD1 1 
ATOM   89  C  CD2 . LEU A 1 19 ? 12.557  -12.998 -5.274  1.00 58.67  ? 19  LEU A CD2 1 
ATOM   90  N  N   . LYS A 1 20 ? 11.284  -9.138  -2.670  1.00 55.32  ? 20  LYS A N   1 
ATOM   91  C  CA  . LYS A 1 20 ? 11.960  -8.748  -1.454  1.00 56.99  ? 20  LYS A CA  1 
ATOM   92  C  C   . LYS A 1 20 ? 10.959  -8.513  -0.311  1.00 53.31  ? 20  LYS A C   1 
ATOM   93  O  O   . LYS A 1 20 ? 11.157  -8.923  0.801   1.00 53.04  ? 20  LYS A O   1 
ATOM   94  C  CB  . LYS A 1 20 ? 12.698  -7.479  -1.720  1.00 61.27  ? 20  LYS A CB  1 
ATOM   95  C  CG  . LYS A 1 20 ? 13.351  -6.896  -0.497  1.00 65.45  ? 20  LYS A CG  1 
ATOM   96  C  CD  . LYS A 1 20 ? 14.094  -5.616  -0.825  1.00 68.67  ? 20  LYS A CD  1 
ATOM   97  C  CE  . LYS A 1 20 ? 15.249  -5.534  0.161   1.00 74.10  ? 20  LYS A CE  1 
ATOM   98  N  NZ  . LYS A 1 20 ? 15.856  -4.218  -0.021  1.00 79.29  ? 20  LYS A NZ  1 
ATOM   99  N  N   . LEU A 1 21 ? 9.857   -7.832  -0.598  1.00 52.13  ? 21  LEU A N   1 
ATOM   100 C  CA  . LEU A 1 21 ? 8.864   -7.601  0.442   1.00 51.44  ? 21  LEU A CA  1 
ATOM   101 C  C   . LEU A 1 21 ? 8.327   -8.926  0.930   1.00 50.19  ? 21  LEU A C   1 
ATOM   102 O  O   . LEU A 1 21 ? 8.225   -9.131  2.113   1.00 51.93  ? 21  LEU A O   1 
ATOM   103 C  CB  . LEU A 1 21 ? 7.793   -6.663  -0.080  1.00 50.63  ? 21  LEU A CB  1 
ATOM   104 C  CG  . LEU A 1 21 ? 6.599   -6.337  0.837   1.00 50.47  ? 21  LEU A CG  1 
ATOM   105 C  CD1 . LEU A 1 21 ? 5.980   -5.049  0.335   1.00 50.25  ? 21  LEU A CD1 1 
ATOM   106 C  CD2 . LEU A 1 21 ? 5.534   -7.433  0.888   1.00 51.92  ? 21  LEU A CD2 1 
ATOM   107 N  N   . LEU A 1 22 ? 8.024   -9.861  0.019   1.00 50.94  ? 22  LEU A N   1 
ATOM   108 C  CA  . LEU A 1 22 ? 7.448   -11.145 0.426   1.00 50.28  ? 22  LEU A CA  1 
ATOM   109 C  C   . LEU A 1 22 ? 8.418   -11.902 1.282   1.00 52.09  ? 22  LEU A C   1 
ATOM   110 O  O   . LEU A 1 22 ? 8.049   -12.511 2.291   1.00 48.91  ? 22  LEU A O   1 
ATOM   111 C  CB  . LEU A 1 22 ? 7.075   -12.028 -0.748  1.00 50.84  ? 22  LEU A CB  1 
ATOM   112 C  CG  . LEU A 1 22 ? 6.082   -11.397 -1.710  1.00 52.89  ? 22  LEU A CG  1 
ATOM   113 C  CD1 . LEU A 1 22 ? 5.688   -12.312 -2.843  1.00 52.62  ? 22  LEU A CD1 1 
ATOM   114 C  CD2 . LEU A 1 22 ? 4.834   -10.879 -1.080  1.00 53.53  ? 22  LEU A CD2 1 
ATOM   115 N  N   . LYS A 1 23 ? 9.679   -11.885 0.856   1.00 52.16  ? 23  LYS A N   1 
ATOM   116 C  CA  . LYS A 1 23 ? 10.733  -12.552 1.612   1.00 55.67  ? 23  LYS A CA  1 
ATOM   117 C  C   . LYS A 1 23 ? 10.954  -11.917 2.938   1.00 55.24  ? 23  LYS A C   1 
ATOM   118 O  O   . LYS A 1 23 ? 11.231  -12.602 3.897   1.00 55.78  ? 23  LYS A O   1 
ATOM   119 C  CB  . LYS A 1 23 ? 12.024  -12.655 0.777   1.00 58.31  ? 23  LYS A CB  1 
ATOM   120 C  CG  . LYS A 1 23 ? 11.762  -13.615 -0.367  1.00 59.43  ? 23  LYS A CG  1 
ATOM   121 C  CD  . LYS A 1 23 ? 13.002  -14.232 -0.979  1.00 64.74  ? 23  LYS A CD  1 
ATOM   122 C  CE  . LYS A 1 23 ? 12.597  -15.497 -1.702  1.00 65.25  ? 23  LYS A CE  1 
ATOM   123 N  NZ  . LYS A 1 23 ? 13.674  -15.918 -2.628  1.00 71.66  ? 23  LYS A NZ  1 
ATOM   124 N  N   . SER A 1 24 ? 10.807  -10.595 3.015   1.00 55.69  ? 24  SER A N   1 
ATOM   125 C  CA  . SER A 1 24 ? 10.872  -9.922  4.297   1.00 56.30  ? 24  SER A CA  1 
ATOM   126 C  C   . SER A 1 24 ? 9.857   -10.401 5.313   1.00 57.15  ? 24  SER A C   1 
ATOM   127 O  O   . SER A 1 24 ? 10.080  -10.203 6.503   1.00 57.92  ? 24  SER A O   1 
ATOM   128 C  CB  . SER A 1 24 ? 10.722  -8.398  4.181   1.00 57.11  ? 24  SER A CB  1 
ATOM   129 O  OG  . SER A 1 24 ? 9.373   -7.918  4.265   1.00 56.57  ? 24  SER A OG  1 
ATOM   130 N  N   . VAL A 1 25 ? 8.743   -11.015 4.889   1.00 54.15  ? 25  VAL A N   1 
ATOM   131 C  CA  . VAL A 1 25 ? 7.775   -11.512 5.888   1.00 53.98  ? 25  VAL A CA  1 
ATOM   132 C  C   . VAL A 1 25 ? 7.734   -13.024 5.857   1.00 55.17  ? 25  VAL A C   1 
ATOM   133 O  O   . VAL A 1 25 ? 6.724   -13.639 6.132   1.00 54.01  ? 25  VAL A O   1 
ATOM   134 C  CB  . VAL A 1 25 ? 6.338   -10.908 5.703   1.00 53.11  ? 25  VAL A CB  1 
ATOM   135 C  CG1 . VAL A 1 25 ? 6.324   -9.440  6.162   1.00 53.99  ? 25  VAL A CG1 1 
ATOM   136 C  CG2 . VAL A 1 25 ? 5.812   -11.069 4.288   1.00 51.58  ? 25  VAL A CG2 1 
ATOM   137 N  N   . GLY A 1 26 ? 8.845   -13.619 5.443   1.00 58.08  ? 26  GLY A N   1 
ATOM   138 C  CA  . GLY A 1 26 ? 9.044   -15.024 5.616   1.00 60.09  ? 26  GLY A CA  1 
ATOM   139 C  C   . GLY A 1 26 ? 8.686   -15.911 4.448   1.00 61.80  ? 26  GLY A C   1 
ATOM   140 O  O   . GLY A 1 26 ? 8.824   -17.103 4.580   1.00 58.22  ? 26  GLY A O   1 
ATOM   141 N  N   . ALA A 1 27 ? 8.310   -15.352 3.286   1.00 62.45  ? 27  ALA A N   1 
ATOM   142 C  CA  . ALA A 1 27 ? 8.061   -16.217 2.096   1.00 62.79  ? 27  ALA A CA  1 
ATOM   143 C  C   . ALA A 1 27 ? 9.395   -16.796 1.589   1.00 64.30  ? 27  ALA A C   1 
ATOM   144 O  O   . ALA A 1 27 ? 10.430  -16.156 1.671   1.00 62.86  ? 27  ALA A O   1 
ATOM   145 C  CB  . ALA A 1 27 ? 7.420   -15.410 0.966   1.00 60.96  ? 27  ALA A CB  1 
ATOM   146 N  N   . GLN A 1 28 ? 9.351   -17.972 0.982   1.00 68.47  ? 28  GLN A N   1 
ATOM   147 C  CA  . GLN A 1 28 ? 10.556  -18.558 0.429   1.00 72.45  ? 28  GLN A CA  1 
ATOM   148 C  C   . GLN A 1 28 ? 10.467  -19.119 -0.990  1.00 71.80  ? 28  GLN A C   1 
ATOM   149 O  O   . GLN A 1 28 ? 11.460  -19.618 -1.530  1.00 75.23  ? 28  GLN A O   1 
ATOM   150 C  CB  . GLN A 1 28 ? 10.995  -19.628 1.359   1.00 77.57  ? 28  GLN A CB  1 
ATOM   151 C  CG  . GLN A 1 28 ? 11.682  -19.066 2.576   1.00 81.58  ? 28  GLN A CG  1 
ATOM   152 C  CD  . GLN A 1 28 ? 11.679  -20.092 3.651   1.00 86.98  ? 28  GLN A CD  1 
ATOM   153 O  OE1 . GLN A 1 28 ? 12.717  -20.649 4.011   1.00 89.52  ? 28  GLN A OE1 1 
ATOM   154 N  NE2 . GLN A 1 28 ? 10.491  -20.408 4.130   1.00 88.79  ? 28  GLN A NE2 1 
ATOM   155 N  N   . LYS A 1 29 ? 9.294   -19.005 -1.605  1.00 67.63  ? 29  LYS A N   1 
ATOM   156 C  CA  . LYS A 1 29 ? 9.079   -19.446 -2.951  1.00 65.91  ? 29  LYS A CA  1 
ATOM   157 C  C   . LYS A 1 29 ? 9.506   -18.303 -3.889  1.00 65.30  ? 29  LYS A C   1 
ATOM   158 O  O   . LYS A 1 29 ? 9.723   -17.143 -3.469  1.00 61.69  ? 29  LYS A O   1 
ATOM   159 C  CB  . LYS A 1 29 ? 7.582   -19.809 -3.125  1.00 67.79  ? 29  LYS A CB  1 
ATOM   160 C  CG  . LYS A 1 29 ? 7.021   -20.685 -2.014  1.00 71.28  ? 29  LYS A CG  1 
ATOM   161 C  CD  . LYS A 1 29 ? 5.754   -21.466 -2.373  1.00 73.86  ? 29  LYS A CD  1 
ATOM   162 C  CE  . LYS A 1 29 ? 4.477   -20.637 -2.254  1.00 73.01  ? 29  LYS A CE  1 
ATOM   163 N  NZ  . LYS A 1 29 ? 3.650   -20.699 -3.492  1.00 76.82  ? 29  LYS A NZ  1 
ATOM   164 N  N   . ASP A 1 30 ? 9.628   -18.642 -5.172  1.00 64.05  ? 30  ASP A N   1 
ATOM   165 C  CA  . ASP A 1 30 ? 9.864   -17.661 -6.227  1.00 64.92  ? 30  ASP A CA  1 
ATOM   166 C  C   . ASP A 1 30 ? 8.574   -17.233 -6.987  1.00 62.39  ? 30  ASP A C   1 
ATOM   167 O  O   . ASP A 1 30 ? 8.550   -16.185 -7.674  1.00 59.12  ? 30  ASP A O   1 
ATOM   168 C  CB  . ASP A 1 30 ? 10.851  -18.261 -7.224  1.00 68.44  ? 30  ASP A CB  1 
ATOM   169 C  CG  . ASP A 1 30 ? 12.288  -18.068 -6.814  1.00 70.02  ? 30  ASP A CG  1 
ATOM   170 O  OD1 . ASP A 1 30 ? 12.599  -17.353 -5.825  1.00 68.53  ? 30  ASP A OD1 1 
ATOM   171 O  OD2 . ASP A 1 30 ? 13.112  -18.643 -7.521  1.00 72.70  ? 30  ASP A OD2 1 
ATOM   172 N  N   . THR A 1 31 ? 7.565   -18.118 -6.937  1.00 61.55  ? 31  THR A N   1 
ATOM   173 C  CA  . THR A 1 31 ? 6.266   -17.966 -7.616  1.00 62.77  ? 31  THR A CA  1 
ATOM   174 C  C   . THR A 1 31 ? 5.158   -18.216 -6.581  1.00 61.50  ? 31  THR A C   1 
ATOM   175 O  O   . THR A 1 31 ? 5.345   -18.980 -5.637  1.00 57.65  ? 31  THR A O   1 
ATOM   176 C  CB  . THR A 1 31 ? 6.065   -18.969 -8.764  1.00 65.10  ? 31  THR A CB  1 
ATOM   177 O  OG1 . THR A 1 31 ? 6.171   -20.314 -8.271  1.00 62.79  ? 31  THR A OG1 1 
ATOM   178 C  CG2 . THR A 1 31 ? 7.051   -18.726 -9.885  1.00 65.24  ? 31  THR A CG2 1 
ATOM   179 N  N   . TYR A 1 32 ? 4.021   -17.535 -6.751  1.00 58.33  ? 32  TYR A N   1 
ATOM   180 C  CA  . TYR A 1 32 ? 2.927   -17.428 -5.735  1.00 56.44  ? 32  TYR A CA  1 
ATOM   181 C  C   . TYR A 1 32 ? 1.563   -17.428 -6.435  1.00 55.69  ? 32  TYR A C   1 
ATOM   182 O  O   . TYR A 1 32 ? 1.516   -16.985 -7.618  1.00 52.66  ? 32  TYR A O   1 
ATOM   183 C  CB  . TYR A 1 32 ? 3.099   -16.153 -4.904  1.00 55.87  ? 32  TYR A CB  1 
ATOM   184 C  CG  . TYR A 1 32 ? 4.375   -16.133 -4.106  1.00 56.06  ? 32  TYR A CG  1 
ATOM   185 C  CD1 . TYR A 1 32 ? 5.573   -15.724 -4.685  1.00 56.28  ? 32  TYR A CD1 1 
ATOM   186 C  CD2 . TYR A 1 32 ? 4.398   -16.598 -2.795  1.00 57.00  ? 32  TYR A CD2 1 
ATOM   187 C  CE1 . TYR A 1 32 ? 6.760   -15.718 -3.959  1.00 55.94  ? 32  TYR A CE1 1 
ATOM   188 C  CE2 . TYR A 1 32 ? 5.583   -16.656 -2.082  1.00 58.11  ? 32  TYR A CE2 1 
ATOM   189 C  CZ  . TYR A 1 32 ? 6.766   -16.201 -2.660  1.00 57.42  ? 32  TYR A CZ  1 
ATOM   190 O  OH  . TYR A 1 32 ? 7.943   -16.267 -1.970  1.00 60.09  ? 32  TYR A OH  1 
ATOM   191 N  N   . THR A 1 33 ? 0.496   -17.862 -5.747  1.00 53.27  ? 33  THR A N   1 
ATOM   192 C  CA  . THR A 1 33 ? -0.841  -17.522 -6.205  1.00 53.21  ? 33  THR A CA  1 
ATOM   193 C  C   . THR A 1 33 ? -1.136  -16.050 -5.842  1.00 52.14  ? 33  THR A C   1 
ATOM   194 O  O   . THR A 1 33 ? -0.492  -15.474 -4.967  1.00 49.28  ? 33  THR A O   1 
ATOM   195 C  CB  . THR A 1 33 ? -1.897  -18.361 -5.493  1.00 54.66  ? 33  THR A CB  1 
ATOM   196 O  OG1 . THR A 1 33 ? -1.839  -18.039 -4.102  1.00 53.13  ? 33  THR A OG1 1 
ATOM   197 C  CG2 . THR A 1 33 ? -1.579  -19.825 -5.679  1.00 57.31  ? 33  THR A CG2 1 
ATOM   198 N  N   . MET A 1 34 ? -2.167  -15.488 -6.479  1.00 50.90  ? 34  MET A N   1 
ATOM   199 C  CA  . MET A 1 34 ? -2.605  -14.172 -6.164  1.00 52.99  ? 34  MET A CA  1 
ATOM   200 C  C   . MET A 1 34 ? -3.031  -14.041 -4.696  1.00 50.96  ? 34  MET A C   1 
ATOM   201 O  O   . MET A 1 34 ? -2.661  -13.066 -4.049  1.00 49.23  ? 34  MET A O   1 
ATOM   202 C  CB  . MET A 1 34 ? -3.719  -13.756 -7.107  1.00 54.08  ? 34  MET A CB  1 
ATOM   203 C  CG  . MET A 1 34 ? -4.143  -12.322 -6.918  1.00 54.36  ? 34  MET A CG  1 
ATOM   204 S  SD  . MET A 1 34 ? -2.915  -11.026 -7.311  1.00 57.05  ? 34  MET A SD  1 
ATOM   205 C  CE  . MET A 1 34 ? -2.856  -11.056 -9.087  1.00 58.73  ? 34  MET A CE  1 
ATOM   206 N  N   . LYS A 1 35 ? -3.769  -15.024 -4.186  1.00 51.42  ? 35  LYS A N   1 
ATOM   207 C  CA  . LYS A 1 35 ? -4.199  -15.013 -2.763  1.00 55.16  ? 35  LYS A CA  1 
ATOM   208 C  C   . LYS A 1 35 ? -2.957  -14.942 -1.871  1.00 50.84  ? 35  LYS A C   1 
ATOM   209 O  O   . LYS A 1 35 ? -3.012  -14.267 -0.863  1.00 49.87  ? 35  LYS A O   1 
ATOM   210 C  CB  . LYS A 1 35 ? -5.000  -16.268 -2.406  1.00 60.72  ? 35  LYS A CB  1 
ATOM   211 C  CG  . LYS A 1 35 ? -6.504  -16.195 -2.619  1.00 69.22  ? 35  LYS A CG  1 
ATOM   212 C  CD  . LYS A 1 35 ? -7.199  -15.123 -1.809  1.00 73.67  ? 35  LYS A CD  1 
ATOM   213 C  CE  . LYS A 1 35 ? -8.703  -15.093 -2.000  1.00 77.11  ? 35  LYS A CE  1 
ATOM   214 N  NZ  . LYS A 1 35 ? -9.134  -13.990 -2.893  1.00 78.92  ? 35  LYS A NZ  1 
ATOM   215 N  N   . GLU A 1 36 ? -1.884  -15.623 -2.257  1.00 49.14  ? 36  GLU A N   1 
ATOM   216 C  CA  . GLU A 1 36 ? -0.635  -15.620 -1.460  1.00 50.45  ? 36  GLU A CA  1 
ATOM   217 C  C   . GLU A 1 36 ? -0.023  -14.220 -1.450  1.00 49.48  ? 36  GLU A C   1 
ATOM   218 O  O   . GLU A 1 36 ? 0.339   -13.755 -0.387  1.00 49.02  ? 36  GLU A O   1 
ATOM   219 C  CB  . GLU A 1 36 ? 0.362   -16.614 -2.041  1.00 51.72  ? 36  GLU A CB  1 
ATOM   220 C  CG  . GLU A 1 36 ? 0.106   -18.032 -1.600  1.00 56.23  ? 36  GLU A CG  1 
ATOM   221 C  CD  . GLU A 1 36 ? 1.017   -19.060 -2.229  1.00 56.70  ? 36  GLU A CD  1 
ATOM   222 O  OE1 . GLU A 1 36 ? 1.615   -18.778 -3.257  1.00 55.82  ? 36  GLU A OE1 1 
ATOM   223 O  OE2 . GLU A 1 36 ? 1.120   -20.125 -1.671  1.00 61.31  ? 36  GLU A OE2 1 
ATOM   224 N  N   . VAL A 1 37 ? 0.107   -13.594 -2.610  1.00 49.85  ? 37  VAL A N   1 
ATOM   225 C  CA  . VAL A 1 37 ? 0.686   -12.226 -2.667  1.00 48.01  ? 37  VAL A CA  1 
ATOM   226 C  C   . VAL A 1 37 ? -0.157  -11.317 -1.775  1.00 45.70  ? 37  VAL A C   1 
ATOM   227 O  O   . VAL A 1 37 ? 0.415   -10.562 -1.024  1.00 44.82  ? 37  VAL A O   1 
ATOM   228 C  CB  . VAL A 1 37 ? 0.727   -11.695 -4.105  1.00 50.09  ? 37  VAL A CB  1 
ATOM   229 C  CG1 . VAL A 1 37 ? 1.263   -10.283 -4.157  1.00 51.03  ? 37  VAL A CG1 1 
ATOM   230 C  CG2 . VAL A 1 37 ? 1.520   -12.599 -5.019  1.00 51.79  ? 37  VAL A CG2 1 
ATOM   231 N  N   . LEU A 1 38 ? -1.475  -11.413 -1.865  1.00 44.66  ? 38  LEU A N   1 
ATOM   232 C  CA  . LEU A 1 38 ? -2.314  -10.540 -1.048  1.00 43.46  ? 38  LEU A CA  1 
ATOM   233 C  C   . LEU A 1 38 ? -2.125  -10.778 0.435   1.00 44.35  ? 38  LEU A C   1 
ATOM   234 O  O   . LEU A 1 38 ? -2.080  -9.850  1.227   1.00 45.83  ? 38  LEU A O   1 
ATOM   235 C  CB  . LEU A 1 38 ? -3.747  -10.734 -1.389  1.00 43.68  ? 38  LEU A CB  1 
ATOM   236 C  CG  . LEU A 1 38 ? -4.115  -10.255 -2.805  1.00 45.24  ? 38  LEU A CG  1 
ATOM   237 C  CD1 . LEU A 1 38 ? -5.522  -10.702 -3.202  1.00 48.00  ? 38  LEU A CD1 1 
ATOM   238 C  CD2 . LEU A 1 38 ? -4.044  -8.744  -2.937  1.00 46.46  ? 38  LEU A CD2 1 
ATOM   239 N  N   . PHE A 1 39 ? -2.013  -12.044 0.810   1.00 46.47  ? 39  PHE A N   1 
ATOM   240 C  CA  . PHE A 1 39 ? -1.825  -12.400 2.210   1.00 45.93  ? 39  PHE A CA  1 
ATOM   241 C  C   . PHE A 1 39 ? -0.550  -11.746 2.748   1.00 44.91  ? 39  PHE A C   1 
ATOM   242 O  O   . PHE A 1 39 ? -0.602  -11.065 3.768   1.00 44.27  ? 39  PHE A O   1 
ATOM   243 C  CB  . PHE A 1 39 ? -1.886  -13.895 2.393   1.00 48.18  ? 39  PHE A CB  1 
ATOM   244 C  CG  . PHE A 1 39 ? -1.458  -14.392 3.728   1.00 48.33  ? 39  PHE A CG  1 
ATOM   245 C  CD1 . PHE A 1 39 ? -0.131  -14.661 3.974   1.00 50.94  ? 39  PHE A CD1 1 
ATOM   246 C  CD2 . PHE A 1 39 ? -2.394  -14.652 4.686   1.00 51.22  ? 39  PHE A CD2 1 
ATOM   247 C  CE1 . PHE A 1 39 ? 0.288   -15.146 5.226   1.00 51.36  ? 39  PHE A CE1 1 
ATOM   248 C  CE2 . PHE A 1 39 ? -2.016  -15.134 5.918   1.00 51.99  ? 39  PHE A CE2 1 
ATOM   249 C  CZ  . PHE A 1 39 ? -0.688  -15.367 6.178   1.00 51.26  ? 39  PHE A CZ  1 
ATOM   250 N  N   . TYR A 1 40 ? 0.565   -11.897 2.036   1.00 44.10  ? 40  TYR A N   1 
ATOM   251 C  CA  . TYR A 1 40 ? 1.903   -11.384 2.441   1.00 46.22  ? 40  TYR A CA  1 
ATOM   252 C  C   . TYR A 1 40 ? 1.933   -9.843  2.428   1.00 44.22  ? 40  TYR A C   1 
ATOM   253 O  O   . TYR A 1 40 ? 2.570   -9.267  3.309   1.00 45.93  ? 40  TYR A O   1 
ATOM   254 C  CB  . TYR A 1 40 ? 2.998   -11.971 1.547   1.00 45.97  ? 40  TYR A CB  1 
ATOM   255 C  CG  . TYR A 1 40 ? 3.288   -13.414 1.879   1.00 49.25  ? 40  TYR A CG  1 
ATOM   256 C  CD1 . TYR A 1 40 ? 3.620   -13.797 3.170   1.00 50.33  ? 40  TYR A CD1 1 
ATOM   257 C  CD2 . TYR A 1 40 ? 3.251   -14.388 0.913   1.00 49.88  ? 40  TYR A CD2 1 
ATOM   258 C  CE1 . TYR A 1 40 ? 3.920   -15.117 3.479   1.00 52.93  ? 40  TYR A CE1 1 
ATOM   259 C  CE2 . TYR A 1 40 ? 3.515   -15.717 1.204   1.00 52.34  ? 40  TYR A CE2 1 
ATOM   260 C  CZ  . TYR A 1 40 ? 3.853   -16.081 2.489   1.00 53.57  ? 40  TYR A CZ  1 
ATOM   261 O  OH  . TYR A 1 40 ? 4.169   -17.382 2.745   1.00 58.23  ? 40  TYR A OH  1 
ATOM   262 N  N   . LEU A 1 41 ? 1.279   -9.191  1.467   1.00 45.11  ? 41  LEU A N   1 
ATOM   263 C  CA  . LEU A 1 41 ? 1.219   -7.726  1.500   1.00 46.14  ? 41  LEU A CA  1 
ATOM   264 C  C   . LEU A 1 41 ? 0.549   -7.278  2.749   1.00 44.49  ? 41  LEU A C   1 
ATOM   265 O  O   . LEU A 1 41 ? 1.046   -6.374  3.468   1.00 46.38  ? 41  LEU A O   1 
ATOM   266 C  CB  . LEU A 1 41 ? 0.457   -7.137  0.311   1.00 46.76  ? 41  LEU A CB  1 
ATOM   267 C  CG  . LEU A 1 41 ? 1.232   -7.228  -0.989  1.00 46.94  ? 41  LEU A CG  1 
ATOM   268 C  CD1 . LEU A 1 41 ? 0.284   -7.090  -2.125  1.00 47.25  ? 41  LEU A CD1 1 
ATOM   269 C  CD2 . LEU A 1 41 ? 2.284   -6.114  -1.092  1.00 47.60  ? 41  LEU A CD2 1 
ATOM   270 N  N   . GLY A 1 42 ? -0.592  -7.896  3.020   1.00 45.12  ? 42  GLY A N   1 
ATOM   271 C  CA  . GLY A 1 42 ? -1.288  -7.721  4.298   1.00 46.88  ? 42  GLY A CA  1 
ATOM   272 C  C   . GLY A 1 42 ? -0.408  -7.882  5.535   1.00 47.09  ? 42  GLY A C   1 
ATOM   273 O  O   . GLY A 1 42 ? -0.403  -7.009  6.418   1.00 46.46  ? 42  GLY A O   1 
ATOM   274 N  N   . GLN A 1 43 ? 0.377   -8.976  5.576   1.00 46.14  ? 43  GLN A N   1 
ATOM   275 C  CA  . GLN A 1 43 ? 1.199   -9.294  6.683   1.00 45.74  ? 43  GLN A CA  1 
ATOM   276 C  C   . GLN A 1 43 ? 2.224   -8.168  6.908   1.00 46.21  ? 43  GLN A C   1 
ATOM   277 O  O   . GLN A 1 43 ? 2.447   -7.712  8.062   1.00 46.83  ? 43  GLN A O   1 
ATOM   278 C  CB  . GLN A 1 43 ? 1.891   -10.608 6.416   1.00 46.65  ? 43  GLN A CB  1 
ATOM   279 C  CG  . GLN A 1 43 ? 2.819   -10.974 7.570   1.00 47.49  ? 43  GLN A CG  1 
ATOM   280 C  CD  . GLN A 1 43 ? 3.376   -12.391 7.473   1.00 49.91  ? 43  GLN A CD  1 
ATOM   281 O  OE1 . GLN A 1 43 ? 2.938   -13.196 6.657   1.00 48.76  ? 43  GLN A OE1 1 
ATOM   282 N  NE2 . GLN A 1 43 ? 4.413   -12.646 8.224   1.00 48.94  ? 43  GLN A NE2 1 
ATOM   283 N  N   . TYR A 1 44 ? 2.782   -7.691  5.800   1.00 44.33  ? 44  TYR A N   1 
ATOM   284 C  CA  . TYR A 1 44 ? 3.824   -6.636  5.784   1.00 44.81  ? 44  TYR A CA  1 
ATOM   285 C  C   . TYR A 1 44 ? 3.235   -5.387  6.414   1.00 44.04  ? 44  TYR A C   1 
ATOM   286 O  O   . TYR A 1 44 ? 3.816   -4.852  7.339   1.00 46.69  ? 44  TYR A O   1 
ATOM   287 C  CB  . TYR A 1 44 ? 4.313   -6.364  4.363   1.00 45.89  ? 44  TYR A CB  1 
ATOM   288 C  CG  . TYR A 1 44 ? 5.413   -5.343  4.241   1.00 46.44  ? 44  TYR A CG  1 
ATOM   289 C  CD1 . TYR A 1 44 ? 6.749   -5.706  4.371   1.00 48.79  ? 44  TYR A CD1 1 
ATOM   290 C  CD2 . TYR A 1 44 ? 5.111   -4.029  3.942   1.00 48.65  ? 44  TYR A CD2 1 
ATOM   291 C  CE1 . TYR A 1 44 ? 7.761   -4.763  4.241   1.00 51.67  ? 44  TYR A CE1 1 
ATOM   292 C  CE2 . TYR A 1 44 ? 6.110   -3.087  3.763   1.00 48.01  ? 44  TYR A CE2 1 
ATOM   293 C  CZ  . TYR A 1 44 ? 7.425   -3.440  3.972   1.00 51.33  ? 44  TYR A CZ  1 
ATOM   294 O  OH  . TYR A 1 44 ? 8.384   -2.472  3.797   1.00 55.67  ? 44  TYR A OH  1 
ATOM   295 N  N   . ILE A 1 45 ? 2.058   -5.019  5.959   1.00 43.86  ? 45  ILE A N   1 
ATOM   296 C  CA  . ILE A 1 45 ? 1.357   -3.855  6.488   1.00 46.70  ? 45  ILE A CA  1 
ATOM   297 C  C   . ILE A 1 45 ? 1.023   -3.942  7.982   1.00 48.38  ? 45  ILE A C   1 
ATOM   298 O  O   . ILE A 1 45 ? 1.189   -2.969  8.730   1.00 48.13  ? 45  ILE A O   1 
ATOM   299 C  CB  . ILE A 1 45 ? 0.122   -3.609  5.639   1.00 45.21  ? 45  ILE A CB  1 
ATOM   300 C  CG1 . ILE A 1 45 ? 0.563   -3.117  4.242   1.00 44.30  ? 45  ILE A CG1 1 
ATOM   301 C  CG2 . ILE A 1 45 ? -0.729  -2.519  6.275   1.00 46.34  ? 45  ILE A CG2 1 
ATOM   302 C  CD1 . ILE A 1 45 ? -0.517  -3.298  3.220   1.00 44.86  ? 45  ILE A CD1 1 
ATOM   303 N  N   . MET A 1 46 ? 0.520   -5.092  8.432   1.00 46.13  ? 46  MET A N   1 
ATOM   304 C  CA  . MET A 1 46 ? 0.119   -5.214  9.815   1.00 46.85  ? 46  MET A CA  1 
ATOM   305 C  C   . MET A 1 46 ? 1.341   -5.273  10.726  1.00 48.01  ? 46  MET A C   1 
ATOM   306 O  O   . MET A 1 46 ? 1.341   -4.681  11.830  1.00 51.69  ? 46  MET A O   1 
ATOM   307 C  CB  . MET A 1 46 ? -0.764  -6.439  10.062  1.00 45.73  ? 46  MET A CB  1 
ATOM   308 C  CG  . MET A 1 46 ? -2.057  -6.461  9.273   1.00 48.32  ? 46  MET A CG  1 
ATOM   309 S  SD  . MET A 1 46 ? -3.120  -5.025  9.456   1.00 48.11  ? 46  MET A SD  1 
ATOM   310 C  CE  . MET A 1 46 ? -3.682  -5.328  11.078  1.00 49.47  ? 46  MET A CE  1 
ATOM   311 N  N   . THR A 1 47 ? 2.359   -6.043  10.319  1.00 48.90  ? 47  THR A N   1 
ATOM   312 C  CA  . THR A 1 47 ? 3.513   -6.263  11.147  1.00 48.91  ? 47  THR A CA  1 
ATOM   313 C  C   . THR A 1 47 ? 4.451   -5.062  11.254  1.00 52.48  ? 47  THR A C   1 
ATOM   314 O  O   . THR A 1 47 ? 5.160   -4.937  12.268  1.00 51.57  ? 47  THR A O   1 
ATOM   315 C  CB  . THR A 1 47 ? 4.298   -7.503  10.813  1.00 49.74  ? 47  THR A CB  1 
ATOM   316 O  OG1 . THR A 1 47 ? 4.741   -7.434  9.462   1.00 46.50  ? 47  THR A OG1 1 
ATOM   317 C  CG2 . THR A 1 47 ? 3.362   -8.729  11.019  1.00 50.57  ? 47  THR A CG2 1 
ATOM   318 N  N   . LYS A 1 48 ? 4.420   -4.194  10.244  1.00 52.06  ? 48  LYS A N   1 
ATOM   319 C  CA  . LYS A 1 48 ? 5.157   -2.923  10.259  1.00 56.75  ? 48  LYS A CA  1 
ATOM   320 C  C   . LYS A 1 48 ? 4.325   -1.743  10.737  1.00 55.56  ? 48  LYS A C   1 
ATOM   321 O  O   . LYS A 1 48 ? 4.821   -0.621  10.829  1.00 54.49  ? 48  LYS A O   1 
ATOM   322 C  CB  . LYS A 1 48 ? 5.747   -2.665  8.844   1.00 57.01  ? 48  LYS A CB  1 
ATOM   323 C  CG  . LYS A 1 48 ? 6.768   -3.769  8.549   1.00 60.58  ? 48  LYS A CG  1 
ATOM   324 C  CD  . LYS A 1 48 ? 7.586   -3.551  7.291   1.00 64.54  ? 48  LYS A CD  1 
ATOM   325 C  CE  . LYS A 1 48 ? 8.609   -2.413  7.455   1.00 69.16  ? 48  LYS A CE  1 
ATOM   326 N  NZ  . LYS A 1 48 ? 9.968   -2.819  7.916   1.00 73.13  ? 48  LYS A NZ  1 
ATOM   327 N  N   . ARG A 1 49 ? 3.048   -2.014  11.019  1.00 53.84  ? 49  ARG A N   1 
ATOM   328 C  CA  . ARG A 1 49 ? 2.010   -1.033  11.425  1.00 56.07  ? 49  ARG A CA  1 
ATOM   329 C  C   . ARG A 1 49 ? 2.018   0.212   10.488  1.00 52.45  ? 49  ARG A C   1 
ATOM   330 O  O   . ARG A 1 49 ? 2.164   1.306   10.984  1.00 51.34  ? 49  ARG A O   1 
ATOM   331 C  CB  . ARG A 1 49 ? 2.251   -0.728  12.911  1.00 59.56  ? 49  ARG A CB  1 
ATOM   332 C  CG  . ARG A 1 49 ? 1.131   0.003   13.645  1.00 63.21  ? 49  ARG A CG  1 
ATOM   333 C  CD  . ARG A 1 49 ? 1.393   0.073   15.167  1.00 67.64  ? 49  ARG A CD  1 
ATOM   334 N  NE  . ARG A 1 49 ? 0.228   0.515   15.957  1.00 72.10  ? 49  ARG A NE  1 
ATOM   335 C  CZ  . ARG A 1 49 ? 0.141   0.517   17.296  1.00 75.51  ? 49  ARG A CZ  1 
ATOM   336 N  NH1 . ARG A 1 49 ? 1.153   0.114   18.056  1.00 76.69  ? 49  ARG A NH1 1 
ATOM   337 N  NH2 . ARG A 1 49 ? -0.981  0.908   17.871  1.00 78.70  ? 49  ARG A NH2 1 
ATOM   338 N  N   . LEU A 1 50 ? 1.807   0.042   9.198   1.00 51.33  ? 50  LEU A N   1 
ATOM   339 C  CA  . LEU A 1 50 ? 1.756   1.124   8.215   1.00 52.24  ? 50  LEU A CA  1 
ATOM   340 C  C   . LEU A 1 50 ? 0.374   1.718   8.024   1.00 53.24  ? 50  LEU A C   1 
ATOM   341 O  O   . LEU A 1 50 ? 0.159   2.631   7.183   1.00 56.22  ? 50  LEU A O   1 
ATOM   342 C  CB  . LEU A 1 50 ? 2.254   0.570   6.893   1.00 51.75  ? 50  LEU A CB  1 
ATOM   343 C  CG  . LEU A 1 50 ? 3.640   -0.054  6.968   1.00 53.36  ? 50  LEU A CG  1 
ATOM   344 C  CD1 . LEU A 1 50 ? 4.013   -0.574  5.585   1.00 55.49  ? 50  LEU A CD1 1 
ATOM   345 C  CD2 . LEU A 1 50 ? 4.675   1.003   7.394   1.00 56.67  ? 50  LEU A CD2 1 
ATOM   346 N  N   . TYR A 1 51 ? -0.593  1.136   8.749   1.00 52.14  ? 51  TYR A N   1 
ATOM   347 C  CA  . TYR A 1 51 ? -2.029  1.487   8.676   1.00 51.12  ? 51  TYR A CA  1 
ATOM   348 C  C   . TYR A 1 51 ? -2.284  2.620   9.682   1.00 53.13  ? 51  TYR A C   1 
ATOM   349 O  O   . TYR A 1 51 ? -1.562  2.814   10.660  1.00 56.10  ? 51  TYR A O   1 
ATOM   350 C  CB  . TYR A 1 51 ? -2.915  0.249   8.922   1.00 49.96  ? 51  TYR A CB  1 
ATOM   351 C  CG  . TYR A 1 51 ? -2.674  -0.440  10.231  1.00 49.28  ? 51  TYR A CG  1 
ATOM   352 C  CD1 . TYR A 1 51 ? -3.229  0.046   11.397  1.00 49.54  ? 51  TYR A CD1 1 
ATOM   353 C  CD2 . TYR A 1 51 ? -1.850  -1.554  10.333  1.00 48.75  ? 51  TYR A CD2 1 
ATOM   354 C  CE1 . TYR A 1 51 ? -2.979  -0.525  12.635  1.00 52.26  ? 51  TYR A CE1 1 
ATOM   355 C  CE2 . TYR A 1 51 ? -1.589  -2.148  11.571  1.00 49.07  ? 51  TYR A CE2 1 
ATOM   356 C  CZ  . TYR A 1 51 ? -2.197  -1.672  12.713  1.00 50.20  ? 51  TYR A CZ  1 
ATOM   357 O  OH  . TYR A 1 51 ? -1.934  -2.244  13.914  1.00 52.32  ? 51  TYR A OH  1 
ATOM   358 N  N   . ASP A 1 52 ? -3.320  3.395   9.439   1.00 55.89  ? 52  ASP A N   1 
ATOM   359 C  CA  . ASP A 1 52 ? -3.638  4.490   10.357  1.00 58.59  ? 52  ASP A CA  1 
ATOM   360 C  C   . ASP A 1 52 ? -4.268  3.897   11.622  1.00 59.87  ? 52  ASP A C   1 
ATOM   361 O  O   . ASP A 1 52 ? -5.163  3.108   11.513  1.00 57.21  ? 52  ASP A O   1 
ATOM   362 C  CB  . ASP A 1 52 ? -4.618  5.405   9.663   1.00 57.43  ? 52  ASP A CB  1 
ATOM   363 C  CG  . ASP A 1 52 ? -5.026  6.590   10.558  1.00 60.90  ? 52  ASP A CG  1 
ATOM   364 O  OD1 . ASP A 1 52 ? -4.233  7.524   10.665  1.00 60.77  ? 52  ASP A OD1 1 
ATOM   365 O  OD2 . ASP A 1 52 ? -6.064  6.497   11.226  1.00 60.68  ? 52  ASP A OD2 1 
ATOM   366 N  N   . GLU A 1 53 ? -3.825  4.307   12.816  1.00 67.61  ? 53  GLU A N   1 
ATOM   367 C  CA  . GLU A 1 53 ? -4.357  3.726   14.096  1.00 72.43  ? 53  GLU A CA  1 
ATOM   368 C  C   . GLU A 1 53 ? -5.855  3.879   14.275  1.00 70.75  ? 53  GLU A C   1 
ATOM   369 O  O   . GLU A 1 53 ? -6.491  2.994   14.839  1.00 69.27  ? 53  GLU A O   1 
ATOM   370 C  CB  . GLU A 1 53 ? -3.626  4.249   15.358  1.00 80.70  ? 53  GLU A CB  1 
ATOM   371 C  CG  . GLU A 1 53 ? -2.531  3.273   15.796  1.00 88.58  ? 53  GLU A CG  1 
ATOM   372 C  CD  . GLU A 1 53 ? -1.402  3.101   14.717  1.00 93.88  ? 53  GLU A CD  1 
ATOM   373 O  OE1 . GLU A 1 53 ? -0.610  4.075   14.500  1.00 99.43  ? 53  GLU A OE1 1 
ATOM   374 O  OE2 . GLU A 1 53 ? -1.282  2.010   14.071  1.00 88.00  ? 53  GLU A OE2 1 
ATOM   375 N  N   . LYS A 1 54 ? -6.390  5.000   13.769  1.00 71.35  ? 54  LYS A N   1 
ATOM   376 C  CA  . LYS A 1 54 ? -7.778  5.394   13.926  1.00 73.12  ? 54  LYS A CA  1 
ATOM   377 C  C   . LYS A 1 54 ? -8.665  4.906   12.808  1.00 69.95  ? 54  LYS A C   1 
ATOM   378 O  O   . LYS A 1 54 ? -9.822  4.659   13.002  1.00 68.80  ? 54  LYS A O   1 
ATOM   379 C  CB  . LYS A 1 54 ? -7.893  6.933   14.003  1.00 76.81  ? 54  LYS A CB  1 
ATOM   380 C  CG  . LYS A 1 54 ? -7.464  7.510   15.365  1.00 82.21  ? 54  LYS A CG  1 
ATOM   381 C  CD  . LYS A 1 54 ? -7.665  9.032   15.429  1.00 84.79  ? 54  LYS A CD  1 
ATOM   382 C  CE  . LYS A 1 54 ? -7.235  9.638   16.768  1.00 88.92  ? 54  LYS A CE  1 
ATOM   383 N  NZ  . LYS A 1 54 ? -7.004  11.097  16.564  1.00 92.49  ? 54  LYS A NZ  1 
ATOM   384 N  N   . GLN A 1 55 ? -8.136  4.851   11.597  1.00 63.26  ? 55  GLN A N   1 
ATOM   385 C  CA  . GLN A 1 55 ? -8.872  4.300   10.490  1.00 64.73  ? 55  GLN A CA  1 
ATOM   386 C  C   . GLN A 1 55 ? -8.026  3.248   9.779   1.00 59.91  ? 55  GLN A C   1 
ATOM   387 O  O   . GLN A 1 55 ? -7.246  3.566   8.852   1.00 56.80  ? 55  GLN A O   1 
ATOM   388 C  CB  . GLN A 1 55 ? -9.209  5.429   9.566   1.00 67.59  ? 55  GLN A CB  1 
ATOM   389 C  CG  . GLN A 1 55 ? -10.448 6.155   10.052  1.00 75.07  ? 55  GLN A CG  1 
ATOM   390 C  CD  . GLN A 1 55 ? -10.910 7.106   8.985   1.00 82.10  ? 55  GLN A CD  1 
ATOM   391 O  OE1 . GLN A 1 55 ? -10.157 8.030   8.622   1.00 85.20  ? 55  GLN A OE1 1 
ATOM   392 N  NE2 . GLN A 1 55 ? -12.142 6.874   8.428   1.00 86.26  ? 55  GLN A NE2 1 
ATOM   393 N  N   . GLN A 1 56 ? -8.171  2.015   10.248  1.00 57.74  ? 56  GLN A N   1 
ATOM   394 C  CA  . GLN A 1 56 ? -7.217  0.945   9.967   1.00 58.58  ? 56  GLN A CA  1 
ATOM   395 C  C   . GLN A 1 56 ? -7.286  0.447   8.535   1.00 54.29  ? 56  GLN A C   1 
ATOM   396 O  O   . GLN A 1 56 ? -6.392  -0.213  8.108   1.00 53.00  ? 56  GLN A O   1 
ATOM   397 C  CB  . GLN A 1 56 ? -7.296  -0.186  11.025  1.00 59.91  ? 56  GLN A CB  1 
ATOM   398 C  CG  . GLN A 1 56 ? -7.253  0.387   12.431  1.00 63.32  ? 56  GLN A CG  1 
ATOM   399 C  CD  . GLN A 1 56 ? -7.059  -0.661  13.532  1.00 66.89  ? 56  GLN A CD  1 
ATOM   400 O  OE1 . GLN A 1 56 ? -7.086  -1.835  13.287  1.00 68.98  ? 56  GLN A OE1 1 
ATOM   401 N  NE2 . GLN A 1 56 ? -6.838  -0.208  14.737  1.00 70.49  ? 56  GLN A NE2 1 
ATOM   402 N  N   . HIS A 1 57 ? -8.318  0.859   7.795   1.00 54.49  ? 57  HIS A N   1 
ATOM   403 C  CA  . HIS A 1 57 ? -8.454  0.565   6.389   1.00 55.19  ? 57  HIS A CA  1 
ATOM   404 C  C   . HIS A 1 57 ? -7.540  1.449   5.589   1.00 50.09  ? 57  HIS A C   1 
ATOM   405 O  O   . HIS A 1 57 ? -7.268  1.162   4.427   1.00 50.98  ? 57  HIS A O   1 
ATOM   406 C  CB  . HIS A 1 57 ? -9.928  0.615   5.938   1.00 59.70  ? 57  HIS A CB  1 
ATOM   407 C  CG  . HIS A 1 57 ? -10.536 1.970   6.106   1.00 64.95  ? 57  HIS A CG  1 
ATOM   408 N  ND1 . HIS A 1 57 ? -10.868 2.494   7.348   1.00 69.00  ? 57  HIS A ND1 1 
ATOM   409 C  CD2 . HIS A 1 57 ? -10.827 2.933   5.199   1.00 68.85  ? 57  HIS A CD2 1 
ATOM   410 C  CE1 . HIS A 1 57 ? -11.331 3.721   7.189   1.00 70.26  ? 57  HIS A CE1 1 
ATOM   411 N  NE2 . HIS A 1 57 ? -11.300 4.020   5.899   1.00 69.15  ? 57  HIS A NE2 1 
ATOM   412 N  N   . ILE A 1 58 ? -6.942  2.456   6.226   1.00 52.63  ? 58  ILE A N   1 
ATOM   413 C  CA  . ILE A 1 58 ? -6.014  3.395   5.529   1.00 52.78  ? 58  ILE A CA  1 
ATOM   414 C  C   . ILE A 1 58 ? -4.603  3.013   5.730   1.00 48.98  ? 58  ILE A C   1 
ATOM   415 O  O   . ILE A 1 58 ? -4.177  2.813   6.860   1.00 52.70  ? 58  ILE A O   1 
ATOM   416 C  CB  . ILE A 1 58 ? -6.158  4.894   5.983   1.00 53.84  ? 58  ILE A CB  1 
ATOM   417 C  CG1 . ILE A 1 58 ? -7.581  5.398   5.834   1.00 58.92  ? 58  ILE A CG1 1 
ATOM   418 C  CG2 . ILE A 1 58 ? -5.220  5.799   5.224   1.00 53.15  ? 58  ILE A CG2 1 
ATOM   419 C  CD1 . ILE A 1 58 ? -8.257  4.958   4.554   1.00 61.76  ? 58  ILE A CD1 1 
ATOM   420 N  N   . VAL A 1 59 ? -3.863  2.918   4.626   1.00 50.19  ? 59  VAL A N   1 
ATOM   421 C  CA  . VAL A 1 59 ? -2.431  2.506   4.630   1.00 49.28  ? 59  VAL A CA  1 
ATOM   422 C  C   . VAL A 1 59 ? -1.539  3.632   4.097   1.00 48.68  ? 59  VAL A C   1 
ATOM   423 O  O   . VAL A 1 59 ? -1.800  4.120   3.015   1.00 51.91  ? 59  VAL A O   1 
ATOM   424 C  CB  . VAL A 1 59 ? -2.235  1.229   3.801   1.00 45.59  ? 59  VAL A CB  1 
ATOM   425 C  CG1 . VAL A 1 59 ? -0.774  0.859   3.698   1.00 45.56  ? 59  VAL A CG1 1 
ATOM   426 C  CG2 . VAL A 1 59 ? -3.039  0.075   4.351   1.00 48.95  ? 59  VAL A CG2 1 
ATOM   427 N  N   . TYR A 1 60 ? -0.468  3.958   4.807   1.00 51.98  ? 60  TYR A N   1 
ATOM   428 C  CA  . TYR A 1 60 ? 0.446   5.027   4.345   1.00 57.05  ? 60  TYR A CA  1 
ATOM   429 C  C   . TYR A 1 60 ? 1.587   4.439   3.513   1.00 58.25  ? 60  TYR A C   1 
ATOM   430 O  O   . TYR A 1 60 ? 2.223   3.486   3.945   1.00 65.29  ? 60  TYR A O   1 
ATOM   431 C  CB  . TYR A 1 60 ? 1.002   5.804   5.537   1.00 60.14  ? 60  TYR A CB  1 
ATOM   432 C  CG  . TYR A 1 60 ? -0.037  6.593   6.281   1.00 62.52  ? 60  TYR A CG  1 
ATOM   433 C  CD1 . TYR A 1 60 ? -0.693  7.647   5.679   1.00 63.23  ? 60  TYR A CD1 1 
ATOM   434 C  CD2 . TYR A 1 60 ? -0.392  6.261   7.571   1.00 65.00  ? 60  TYR A CD2 1 
ATOM   435 C  CE1 . TYR A 1 60 ? -1.670  8.360   6.347   1.00 63.16  ? 60  TYR A CE1 1 
ATOM   436 C  CE2 . TYR A 1 60 ? -1.369  6.960   8.253   1.00 66.19  ? 60  TYR A CE2 1 
ATOM   437 C  CZ  . TYR A 1 60 ? -2.007  8.017   7.638   1.00 63.61  ? 60  TYR A CZ  1 
ATOM   438 O  OH  . TYR A 1 60 ? -2.965  8.710   8.304   1.00 62.38  ? 60  TYR A OH  1 
ATOM   439 N  N   . CYS A 1 61 ? 1.883   5.073   2.376   1.00 30.00  ? 61  CYS A N   1 
ATOM   440 C  CA  . CYS A 1 61 ? 2.991   4.637   1.492   1.00 30.00  ? 61  CYS A CA  1 
ATOM   441 C  C   . CYS A 1 61 ? 4.273   5.412   1.835   1.00 30.00  ? 61  CYS A C   1 
ATOM   442 O  O   . CYS A 1 61 ? 5.063   5.636   0.930   1.00 30.00  ? 61  CYS A O   1 
ATOM   443 C  CB  . CYS A 1 61 ? 2.693   4.827   0.005   1.00 30.00  ? 61  CYS A CB  1 
ATOM   444 S  SG  . CYS A 1 61 ? 0.975   4.631   -0.537  1.00 30.00  ? 61  CYS A SG  1 
ATOM   445 N  N   . SER A 1 62 ? 4.467   5.827   3.089   1.00 66.54  ? 62  SER A N   1 
ATOM   446 C  CA  . SER A 1 62 ? 5.710   6.518   3.507   1.00 68.43  ? 62  SER A CA  1 
ATOM   447 C  C   . SER A 1 62 ? 6.835   5.484   3.524   1.00 68.25  ? 62  SER A C   1 
ATOM   448 O  O   . SER A 1 62 ? 7.970   5.845   3.220   1.00 65.98  ? 62  SER A O   1 
ATOM   449 C  CB  . SER A 1 62 ? 5.546   7.183   4.841   1.00 69.97  ? 62  SER A CB  1 
ATOM   450 O  OG  . SER A 1 62 ? 5.116   6.264   5.828   1.00 71.17  ? 62  SER A OG  1 
ATOM   451 N  N   . ASN A 1 63 ? 6.498   4.243   3.883   1.00 67.45  ? 63  ASN A N   1 
ATOM   452 C  CA  . ASN A 1 63 ? 7.462   3.115   3.853   1.00 67.95  ? 63  ASN A CA  1 
ATOM   453 C  C   . ASN A 1 63 ? 8.014   3.056   2.431   1.00 68.36  ? 63  ASN A C   1 
ATOM   454 O  O   . ASN A 1 63 ? 7.225   3.012   1.498   1.00 70.91  ? 63  ASN A O   1 
ATOM   455 C  CB  . ASN A 1 63 ? 6.810   1.805   4.273   1.00 65.35  ? 63  ASN A CB  1 
ATOM   456 C  CG  . ASN A 1 63 ? 7.754   0.640   4.136   1.00 63.85  ? 63  ASN A CG  1 
ATOM   457 O  OD1 . ASN A 1 63 ? 7.732   -0.056  3.138   1.00 62.87  ? 63  ASN A OD1 1 
ATOM   458 N  ND2 . ASN A 1 63 ? 8.588   0.435   5.133   1.00 62.91  ? 63  ASN A ND2 1 
ATOM   459 N  N   . ASP A 1 64 ? 9.327   2.991   2.293   1.00 68.40  ? 64  ASP A N   1 
ATOM   460 C  CA  . ASP A 1 64 ? 9.934   3.140   0.988   1.00 70.95  ? 64  ASP A CA  1 
ATOM   461 C  C   . ASP A 1 64 ? 9.595   1.925   0.099   1.00 68.20  ? 64  ASP A C   1 
ATOM   462 O  O   . ASP A 1 64 ? 9.376   2.070   -1.119  1.00 73.24  ? 64  ASP A O   1 
ATOM   463 C  CB  . ASP A 1 64 ? 11.489  3.383   1.065   1.00 74.22  ? 64  ASP A CB  1 
ATOM   464 C  CG  . ASP A 1 64 ? 11.856  4.893   1.119   1.00 76.38  ? 64  ASP A CG  1 
ATOM   465 O  OD1 . ASP A 1 64 ? 10.994  5.752   1.450   1.00 79.32  ? 64  ASP A OD1 1 
ATOM   466 O  OD2 . ASP A 1 64 ? 13.002  5.225   0.788   1.00 81.67  ? 64  ASP A OD2 1 
ATOM   467 N  N   . LEU A 1 65 ? 9.617   0.727   0.673   1.00 63.02  ? 65  LEU A N   1 
ATOM   468 C  CA  . LEU A 1 65 ? 9.493   -0.454  -0.160  1.00 62.51  ? 65  LEU A CA  1 
ATOM   469 C  C   . LEU A 1 65 ? 8.075   -0.415  -0.788  1.00 60.39  ? 65  LEU A C   1 
ATOM   470 O  O   . LEU A 1 65 ? 7.909   -0.464  -2.015  1.00 56.49  ? 65  LEU A O   1 
ATOM   471 C  CB  . LEU A 1 65 ? 9.779   -1.695  0.704   1.00 62.11  ? 65  LEU A CB  1 
ATOM   472 C  CG  . LEU A 1 65 ? 9.644   -3.071  0.089   1.00 62.83  ? 65  LEU A CG  1 
ATOM   473 C  CD1 . LEU A 1 65 ? 10.228  -3.190  -1.299  1.00 64.54  ? 65  LEU A CD1 1 
ATOM   474 C  CD2 . LEU A 1 65 ? 10.320  -4.092  0.979   1.00 61.93  ? 65  LEU A CD2 1 
ATOM   475 N  N   . LEU A 1 66 ? 7.068   -0.186  0.067   1.00 57.23  ? 66  LEU A N   1 
ATOM   476 C  CA  . LEU A 1 66 ? 5.672   -0.268  -0.331  1.00 57.95  ? 66  LEU A CA  1 
ATOM   477 C  C   . LEU A 1 66 ? 5.360   0.840   -1.275  1.00 57.04  ? 66  LEU A C   1 
ATOM   478 O  O   . LEU A 1 66 ? 4.817   0.596   -2.313  1.00 54.34  ? 66  LEU A O   1 
ATOM   479 C  CB  . LEU A 1 66 ? 4.730   -0.246  0.888   1.00 58.11  ? 66  LEU A CB  1 
ATOM   480 C  CG  . LEU A 1 66 ? 3.273   -0.596  0.646   1.00 57.49  ? 66  LEU A CG  1 
ATOM   481 C  CD1 . LEU A 1 66 ? 3.016   -1.895  -0.104  1.00 55.86  ? 66  LEU A CD1 1 
ATOM   482 C  CD2 . LEU A 1 66 ? 2.542   -0.544  1.966   1.00 57.06  ? 66  LEU A CD2 1 
ATOM   483 N  N   . GLY A 1 67 ? 5.827   2.041   -0.949  1.00 58.34  ? 67  GLY A N   1 
ATOM   484 C  CA  . GLY A 1 67 ? 5.744   3.168   -1.841  1.00 60.55  ? 67  GLY A CA  1 
ATOM   485 C  C   . GLY A 1 67 ? 6.304   3.008   -3.228  1.00 58.27  ? 67  GLY A C   1 
ATOM   486 O  O   . GLY A 1 67 ? 5.677   3.358   -4.196  1.00 62.68  ? 67  GLY A O   1 
ATOM   487 N  N   . ASP A 1 68 ? 7.498   2.445   -3.319  1.00 58.20  ? 68  ASP A N   1 
ATOM   488 C  CA  . ASP A 1 68 ? 8.126   2.178   -4.567  1.00 60.52  ? 68  ASP A CA  1 
ATOM   489 C  C   . ASP A 1 68 ? 7.331   1.172   -5.432  1.00 59.45  ? 68  ASP A C   1 
ATOM   490 O  O   . ASP A 1 68 ? 7.383   1.216   -6.647  1.00 59.70  ? 68  ASP A O   1 
ATOM   491 C  CB  . ASP A 1 68 ? 9.511   1.614   -4.291  1.00 63.99  ? 68  ASP A CB  1 
ATOM   492 C  CG  . ASP A 1 68 ? 10.479  2.664   -3.665  1.00 67.60  ? 68  ASP A CG  1 
ATOM   493 O  OD1 . ASP A 1 68 ? 10.150  3.853   -3.446  1.00 67.70  ? 68  ASP A OD1 1 
ATOM   494 O  OD2 . ASP A 1 68 ? 11.581  2.231   -3.368  1.00 70.45  ? 68  ASP A OD2 1 
ATOM   495 N  N   . LEU A 1 69 ? 6.602   0.254   -4.792  1.00 55.34  ? 69  LEU A N   1 
ATOM   496 C  CA  . LEU A 1 69 ? 5.887   -0.753  -5.568  1.00 54.36  ? 69  LEU A CA  1 
ATOM   497 C  C   . LEU A 1 69 ? 4.802   -0.043  -6.347  1.00 52.87  ? 69  LEU A C   1 
ATOM   498 O  O   . LEU A 1 69 ? 4.484   -0.445  -7.447  1.00 50.31  ? 69  LEU A O   1 
ATOM   499 C  CB  . LEU A 1 69 ? 5.305   -1.824  -4.677  1.00 53.81  ? 69  LEU A CB  1 
ATOM   500 C  CG  . LEU A 1 69 ? 6.334   -2.729  -4.001  1.00 54.70  ? 69  LEU A CG  1 
ATOM   501 C  CD1 . LEU A 1 69 ? 5.648   -3.657  -3.033  1.00 58.12  ? 69  LEU A CD1 1 
ATOM   502 C  CD2 . LEU A 1 69 ? 7.120   -3.509  -4.990  1.00 56.68  ? 69  LEU A CD2 1 
ATOM   503 N  N   . PHE A 1 70 ? 4.268   1.048   -5.775  1.00 53.55  ? 70  PHE A N   1 
ATOM   504 C  CA  . PHE A 1 70 ? 3.238   1.862   -6.443  1.00 54.01  ? 70  PHE A CA  1 
ATOM   505 C  C   . PHE A 1 70 ? 3.703   2.684   -7.640  1.00 54.78  ? 70  PHE A C   1 
ATOM   506 O  O   . PHE A 1 70 ? 2.924   2.911   -8.550  1.00 58.30  ? 70  PHE A O   1 
ATOM   507 C  CB  . PHE A 1 70 ? 2.428   2.717   -5.454  1.00 52.81  ? 70  PHE A CB  1 
ATOM   508 C  CG  . PHE A 1 70 ? 1.446   1.919   -4.646  1.00 49.55  ? 70  PHE A CG  1 
ATOM   509 C  CD1 . PHE A 1 70 ? 0.194   1.689   -5.110  1.00 49.80  ? 70  PHE A CD1 1 
ATOM   510 C  CD2 . PHE A 1 70 ? 1.816   1.380   -3.434  1.00 49.10  ? 70  PHE A CD2 1 
ATOM   511 C  CE1 . PHE A 1 70 ? -0.710  0.972   -4.367  1.00 50.76  ? 70  PHE A CE1 1 
ATOM   512 C  CE2 . PHE A 1 70 ? 0.939   0.656   -2.677  1.00 48.98  ? 70  PHE A CE2 1 
ATOM   513 C  CZ  . PHE A 1 70 ? -0.336  0.454   -3.129  1.00 51.75  ? 70  PHE A CZ  1 
ATOM   514 N  N   . GLY A 1 71 ? 4.974   3.086   -7.685  1.00 58.07  ? 71  GLY A N   1 
ATOM   515 C  CA  . GLY A 1 71 ? 5.466   3.892   -8.795  1.00 59.53  ? 71  GLY A CA  1 
ATOM   516 C  C   . GLY A 1 71 ? 5.106   5.356   -8.515  1.00 58.09  ? 71  GLY A C   1 
ATOM   517 O  O   . GLY A 1 71 ? 4.827   5.690   -7.429  1.00 57.44  ? 71  GLY A O   1 
ATOM   518 N  N   . VAL A 1 72 ? 5.171   6.240   -9.505  1.00 59.35  ? 72  VAL A N   1 
ATOM   519 C  CA  . VAL A 1 72 ? 4.893   7.643   -9.227  1.00 62.38  ? 72  VAL A CA  1 
ATOM   520 C  C   . VAL A 1 72 ? 3.478   7.831   -8.696  1.00 57.74  ? 72  VAL A C   1 
ATOM   521 O  O   . VAL A 1 72 ? 2.517   7.353   -9.278  1.00 57.45  ? 72  VAL A O   1 
ATOM   522 C  CB  . VAL A 1 72 ? 5.010   8.507   -10.487 1.00 67.38  ? 72  VAL A CB  1 
ATOM   523 C  CG1 . VAL A 1 72 ? 4.828   9.989   -10.128 1.00 69.27  ? 72  VAL A CG1 1 
ATOM   524 C  CG2 . VAL A 1 72 ? 6.355   8.271   -11.143 1.00 71.33  ? 72  VAL A CG2 1 
ATOM   525 N  N   . PRO A 1 73 ? 3.308   8.489   -7.545  1.00 56.76  ? 73  PRO A N   1 
ATOM   526 C  CA  . PRO A 1 73 ? 1.974   8.712   -7.002  1.00 56.29  ? 73  PRO A CA  1 
ATOM   527 C  C   . PRO A 1 73 ? 1.103   9.567   -7.948  1.00 53.75  ? 73  PRO A C   1 
ATOM   528 O  O   . PRO A 1 73 ? 1.616   10.452  -8.664  1.00 52.95  ? 73  PRO A O   1 
ATOM   529 C  CB  . PRO A 1 73 ? 2.281   9.398   -5.656  1.00 58.75  ? 73  PRO A CB  1 
ATOM   530 C  CG  . PRO A 1 73 ? 3.631   10.066  -5.894  1.00 59.60  ? 73  PRO A CG  1 
ATOM   531 C  CD  . PRO A 1 73 ? 4.393   9.059   -6.722  1.00 60.63  ? 73  PRO A CD  1 
ATOM   532 N  N   . SER A 1 74 ? -0.182  9.228   -7.986  1.00 54.11  ? 74  SER A N   1 
ATOM   533 C  CA  . SER A 1 74 ? -1.117  9.867   -8.863  1.00 53.76  ? 74  SER A CA  1 
ATOM   534 C  C   . SER A 1 74 ? -2.471  9.803   -8.264  1.00 54.59  ? 74  SER A C   1 
ATOM   535 O  O   . SER A 1 74 ? -2.726  9.013   -7.355  1.00 55.76  ? 74  SER A O   1 
ATOM   536 C  CB  . SER A 1 74 ? -1.056  9.134   -10.214 1.00 56.73  ? 74  SER A CB  1 
ATOM   537 O  OG  . SER A 1 74 ? -1.765  7.921   -10.022 1.00 54.29  ? 74  SER A OG  1 
ATOM   538 N  N   . PHE A 1 75 ? -3.376  10.675  -8.739  1.00 53.74  ? 75  PHE A N   1 
ATOM   539 C  CA  . PHE A 1 75 ? -4.766  10.583  -8.397  1.00 49.47  ? 75  PHE A CA  1 
ATOM   540 C  C   . PHE A 1 75 ? -5.610  10.814  -9.647  1.00 50.26  ? 75  PHE A C   1 
ATOM   541 O  O   . PHE A 1 75 ? -5.152  11.327  -10.680 1.00 48.38  ? 75  PHE A O   1 
ATOM   542 C  CB  . PHE A 1 75 ? -5.123  11.546  -7.293  1.00 51.05  ? 75  PHE A CB  1 
ATOM   543 C  CG  . PHE A 1 75 ? -5.012  12.982  -7.664  1.00 50.16  ? 75  PHE A CG  1 
ATOM   544 C  CD1 . PHE A 1 75 ? -3.769  13.645  -7.619  1.00 52.27  ? 75  PHE A CD1 1 
ATOM   545 C  CD2 . PHE A 1 75 ? -6.118  13.673  -8.041  1.00 51.03  ? 75  PHE A CD2 1 
ATOM   546 C  CE1 . PHE A 1 75 ? -3.628  14.995  -7.981  1.00 52.44  ? 75  PHE A CE1 1 
ATOM   547 C  CE2 . PHE A 1 75 ? -5.988  15.029  -8.412  1.00 52.60  ? 75  PHE A CE2 1 
ATOM   548 C  CZ  . PHE A 1 75 ? -4.757  15.680  -8.375  1.00 51.85  ? 75  PHE A CZ  1 
ATOM   549 N  N   . SER A 1 76 ? -6.869  10.401  -9.571  1.00 51.90  ? 76  SER A N   1 
ATOM   550 C  CA  . SER A 1 76 ? -7.783  10.620  -10.695 1.00 52.51  ? 76  SER A CA  1 
ATOM   551 C  C   . SER A 1 76 ? -8.656  11.778  -10.266 1.00 52.70  ? 76  SER A C   1 
ATOM   552 O  O   . SER A 1 76 ? -9.001  11.860  -9.071  1.00 50.60  ? 76  SER A O   1 
ATOM   553 C  CB  . SER A 1 76 ? -8.632  9.383   -10.951 1.00 51.61  ? 76  SER A CB  1 
ATOM   554 O  OG  . SER A 1 76 ? -9.752  9.690   -11.711 1.00 52.96  ? 76  SER A OG  1 
ATOM   555 N  N   . VAL A 1 77 ? -9.025  12.628  -11.245 1.00 51.30  ? 77  VAL A N   1 
ATOM   556 C  CA  . VAL A 1 77 ? -9.940  13.742  -11.030 1.00 51.23  ? 77  VAL A CA  1 
ATOM   557 C  C   . VAL A 1 77 ? -11.332 13.260  -10.663 1.00 53.00  ? 77  VAL A C   1 
ATOM   558 O  O   . VAL A 1 77 ? -12.100 14.014  -10.196 1.00 48.98  ? 77  VAL A O   1 
ATOM   559 C  CB  . VAL A 1 77 ? -10.020 14.682  -12.208 1.00 53.33  ? 77  VAL A CB  1 
ATOM   560 C  CG1 . VAL A 1 77 ? -8.647  15.183  -12.559 1.00 53.86  ? 77  VAL A CG1 1 
ATOM   561 C  CG2 . VAL A 1 77 ? -10.655 14.053  -13.436 1.00 54.92  ? 77  VAL A CG2 1 
ATOM   562 N  N   . LYS A 1 78 ? -11.597 11.957  -10.822 1.00 55.20  ? 78  LYS A N   1 
ATOM   563 C  CA  . LYS A 1 78 ? -12.825 11.330  -10.379 1.00 57.64  ? 78  LYS A CA  1 
ATOM   564 C  C   . LYS A 1 78 ? -12.815 11.073  -8.869  1.00 53.40  ? 78  LYS A C   1 
ATOM   565 O  O   . LYS A 1 78 ? -13.863 10.866  -8.278  1.00 56.04  ? 78  LYS A O   1 
ATOM   566 C  CB  . LYS A 1 78 ? -13.060 9.991   -11.144 1.00 60.95  ? 78  LYS A CB  1 
ATOM   567 C  CG  . LYS A 1 78 ? -13.288 10.232  -12.647 1.00 66.34  ? 78  LYS A CG  1 
ATOM   568 C  CD  . LYS A 1 78 ? -13.583 8.949   -13.414 1.00 73.49  ? 78  LYS A CD  1 
ATOM   569 C  CE  . LYS A 1 78 ? -15.108 8.694   -13.545 1.00 76.38  ? 78  LYS A CE  1 
ATOM   570 N  NZ  . LYS A 1 78 ? -15.401 7.449   -14.342 1.00 78.51  ? 78  LYS A NZ  1 
ATOM   571 N  N   . GLU A 1 79 ? -11.653 11.157  -8.237  1.00 50.68  ? 79  GLU A N   1 
ATOM   572 C  CA  . GLU A 1 79 ? -11.593 10.924  -6.765  1.00 53.05  ? 79  GLU A CA  1 
ATOM   573 C  C   . GLU A 1 79 ? -11.971 12.186  -5.998  1.00 50.91  ? 79  GLU A C   1 
ATOM   574 O  O   . GLU A 1 79 ? -11.138 12.844  -5.469  1.00 48.96  ? 79  GLU A O   1 
ATOM   575 C  CB  . GLU A 1 79 ? -10.249 10.398  -6.307  1.00 51.84  ? 79  GLU A CB  1 
ATOM   576 C  CG  . GLU A 1 79 ? -9.779  9.132   -7.022  1.00 56.08  ? 79  GLU A CG  1 
ATOM   577 C  CD  . GLU A 1 79 ? -8.423  8.635   -6.493  1.00 59.83  ? 79  GLU A CD  1 
ATOM   578 O  OE1 . GLU A 1 79 ? -8.405  8.076   -5.378  1.00 68.09  ? 79  GLU A OE1 1 
ATOM   579 O  OE2 . GLU A 1 79 ? -7.351  8.827   -7.154  1.00 60.24  ? 79  GLU A OE2 1 
ATOM   580 N  N   . HIS A 1 80 ? -13.269 12.469  -5.907  1.00 52.36  ? 80  HIS A N   1 
ATOM   581 C  CA  . HIS A 1 80 ? -13.738 13.718  -5.335  1.00 54.42  ? 80  HIS A CA  1 
ATOM   582 C  C   . HIS A 1 80 ? -13.441 13.814  -3.870  1.00 52.90  ? 80  HIS A C   1 
ATOM   583 O  O   . HIS A 1 80 ? -13.084 14.872  -3.373  1.00 48.49  ? 80  HIS A O   1 
ATOM   584 C  CB  . HIS A 1 80 ? -15.214 13.926  -5.648  1.00 57.75  ? 80  HIS A CB  1 
ATOM   585 C  CG  . HIS A 1 80 ? -15.449 14.241  -7.104  1.00 64.56  ? 80  HIS A CG  1 
ATOM   586 N  ND1 . HIS A 1 80 ? -16.585 14.865  -7.571  1.00 70.69  ? 80  HIS A ND1 1 
ATOM   587 C  CD2 . HIS A 1 80 ? -14.635 14.103  -8.172  1.00 66.95  ? 80  HIS A CD2 1 
ATOM   588 C  CE1 . HIS A 1 80 ? -16.467 15.084  -8.862  1.00 71.72  ? 80  HIS A CE1 1 
ATOM   589 N  NE2 . HIS A 1 80 ? -15.312 14.587  -9.260  1.00 72.09  ? 80  HIS A NE2 1 
ATOM   590 N  N   . ARG A 1 81 ? -13.620 12.712  -3.151  1.00 50.15  ? 81  ARG A N   1 
ATOM   591 C  CA  . ARG A 1 81 ? -13.387 12.721  -1.689  1.00 53.74  ? 81  ARG A CA  1 
ATOM   592 C  C   . ARG A 1 81 ? -11.916 13.048  -1.411  1.00 52.06  ? 81  ARG A C   1 
ATOM   593 O  O   . ARG A 1 81 ? -11.651 13.854  -0.504  1.00 49.43  ? 81  ARG A O   1 
ATOM   594 C  CB  . ARG A 1 81 ? -13.769 11.383  -1.068  1.00 55.07  ? 81  ARG A CB  1 
ATOM   595 C  CG  . ARG A 1 81 ? -15.269 11.134  -1.126  1.00 61.69  ? 81  ARG A CG  1 
ATOM   596 C  CD  . ARG A 1 81 ? -15.530 9.736   -0.582  1.00 65.74  ? 81  ARG A CD  1 
ATOM   597 N  NE  . ARG A 1 81 ? -15.529 9.806   0.869   1.00 71.44  ? 81  ARG A NE  1 
ATOM   598 C  CZ  . ARG A 1 81 ? -15.886 8.796   1.669   1.00 78.89  ? 81  ARG A CZ  1 
ATOM   599 N  NH1 . ARG A 1 81 ? -16.231 7.636   1.123   1.00 79.00  ? 81  ARG A NH1 1 
ATOM   600 N  NH2 . ARG A 1 81 ? -15.892 8.940   2.995   1.00 78.83  ? 81  ARG A NH2 1 
ATOM   601 N  N   . LYS A 1 82 ? -10.997 12.466  -2.177  1.00 50.51  ? 82  LYS A N   1 
ATOM   602 C  CA  . LYS A 1 82 ? -9.583  12.636  -1.922  1.00 50.49  ? 82  LYS A CA  1 
ATOM   603 C  C   . LYS A 1 82 ? -9.157  14.064  -2.230  1.00 47.68  ? 82  LYS A C   1 
ATOM   604 O  O   . LYS A 1 82 ? -8.391  14.666  -1.465  1.00 49.02  ? 82  LYS A O   1 
ATOM   605 C  CB  . LYS A 1 82 ? -8.782  11.546  -2.657  1.00 55.28  ? 82  LYS A CB  1 
ATOM   606 C  CG  . LYS A 1 82 ? -7.305  11.878  -2.850  1.00 61.01  ? 82  LYS A CG  1 
ATOM   607 C  CD  . LYS A 1 82 ? -6.401  10.674  -3.169  1.00 64.87  ? 82  LYS A CD  1 
ATOM   608 C  CE  . LYS A 1 82 ? -5.945  10.039  -1.837  1.00 70.20  ? 82  LYS A CE  1 
ATOM   609 N  NZ  . LYS A 1 82 ? -4.688  9.261   -1.901  1.00 66.16  ? 82  LYS A NZ  1 
ATOM   610 N  N   . ILE A 1 83 ? -9.764  14.659  -3.263  1.00 47.28  ? 83  ILE A N   1 
ATOM   611 C  CA  . ILE A 1 83 ? -9.511  16.048  -3.661  1.00 47.11  ? 83  ILE A CA  1 
ATOM   612 C  C   . ILE A 1 83 ? -10.034 17.041  -2.653  1.00 45.91  ? 83  ILE A C   1 
ATOM   613 O  O   . ILE A 1 83 ? -9.310  17.917  -2.210  1.00 45.85  ? 83  ILE A O   1 
ATOM   614 C  CB  . ILE A 1 83 ? -10.045 16.350  -5.086  1.00 50.09  ? 83  ILE A CB  1 
ATOM   615 C  CG1 . ILE A 1 83 ? -9.207  15.539  -6.051  1.00 51.69  ? 83  ILE A CG1 1 
ATOM   616 C  CG2 . ILE A 1 83 ? -9.928  17.855  -5.423  1.00 49.57  ? 83  ILE A CG2 1 
ATOM   617 C  CD1 . ILE A 1 83 ? -9.751  15.454  -7.442  1.00 52.80  ? 83  ILE A CD1 1 
ATOM   618 N  N   . TYR A 1 84 ? -11.286 16.883  -2.209  1.00 46.90  ? 84  TYR A N   1 
ATOM   619 C  CA  . TYR A 1 84 ? -11.849 17.776  -1.165  1.00 46.41  ? 84  TYR A CA  1 
ATOM   620 C  C   . TYR A 1 84 ? -11.130 17.558  0.174   1.00 46.20  ? 84  TYR A C   1 
ATOM   621 O  O   . TYR A 1 84 ? -11.030 18.523  0.894   1.00 46.81  ? 84  TYR A O   1 
ATOM   622 C  CB  . TYR A 1 84 ? -13.354 17.618  -0.983  1.00 46.55  ? 84  TYR A CB  1 
ATOM   623 C  CG  . TYR A 1 84 ? -14.161 18.261  -2.068  1.00 46.59  ? 84  TYR A CG  1 
ATOM   624 C  CD1 . TYR A 1 84 ? -14.073 19.615  -2.274  1.00 50.49  ? 84  TYR A CD1 1 
ATOM   625 C  CD2 . TYR A 1 84 ? -14.912 17.506  -2.949  1.00 49.61  ? 84  TYR A CD2 1 
ATOM   626 C  CE1 . TYR A 1 84 ? -14.788 20.249  -3.271  1.00 50.59  ? 84  TYR A CE1 1 
ATOM   627 C  CE2 . TYR A 1 84 ? -15.603 18.101  -3.995  1.00 50.78  ? 84  TYR A CE2 1 
ATOM   628 C  CZ  . TYR A 1 84 ? -15.542 19.480  -4.130  1.00 52.13  ? 84  TYR A CZ  1 
ATOM   629 O  OH  . TYR A 1 84 ? -16.190 20.110  -5.108  1.00 50.09  ? 84  TYR A OH  1 
ATOM   630 N  N   . THR A 1 85 ? -10.659 16.351  0.479   1.00 47.06  ? 85  THR A N   1 
ATOM   631 C  CA  . THR A 1 85 ? -9.907  16.143  1.724   1.00 47.36  ? 85  THR A CA  1 
ATOM   632 C  C   . THR A 1 85 ? -8.658  17.028  1.707   1.00 46.01  ? 85  THR A C   1 
ATOM   633 O  O   . THR A 1 85 ? -8.376  17.776  2.662   1.00 48.57  ? 85  THR A O   1 
ATOM   634 C  CB  . THR A 1 85 ? -9.647  14.645  1.920   1.00 47.32  ? 85  THR A CB  1 
ATOM   635 O  OG1 . THR A 1 85 ? -10.946 14.091  2.116   1.00 45.94  ? 85  THR A OG1 1 
ATOM   636 C  CG2 . THR A 1 85 ? -8.653  14.322  3.189   1.00 47.10  ? 85  THR A CG2 1 
ATOM   637 N  N   . MET A 1 86 ? -7.945  16.958  0.592   1.00 45.68  ? 86  MET A N   1 
ATOM   638 C  CA  . MET A 1 86 ? -6.781  17.772  0.312   1.00 46.19  ? 86  MET A CA  1 
ATOM   639 C  C   . MET A 1 86 ? -7.093  19.256  0.379   1.00 47.23  ? 86  MET A C   1 
ATOM   640 O  O   . MET A 1 86 ? -6.357  20.033  0.969   1.00 50.06  ? 86  MET A O   1 
ATOM   641 C  CB  . MET A 1 86 ? -6.206  17.377  -1.041  1.00 46.05  ? 86  MET A CB  1 
ATOM   642 C  CG  . MET A 1 86 ? -4.925  18.169  -1.367  1.00 48.20  ? 86  MET A CG  1 
ATOM   643 S  SD  . MET A 1 86 ? -5.243  19.793  -2.133  1.00 52.78  ? 86  MET A SD  1 
ATOM   644 C  CE  . MET A 1 86 ? -5.872  19.311  -3.702  1.00 52.36  ? 86  MET A CE  1 
ATOM   645 N  N   . ILE A 1 87 ? -8.207  19.692  -0.218  1.00 46.22  ? 87  ILE A N   1 
ATOM   646 C  CA  . ILE A 1 87 ? -8.509  21.111  -0.191  1.00 48.31  ? 87  ILE A CA  1 
ATOM   647 C  C   . ILE A 1 87 ? -8.706  21.618  1.245   1.00 48.64  ? 87  ILE A C   1 
ATOM   648 O  O   . ILE A 1 87 ? -8.122  22.606  1.620   1.00 48.48  ? 87  ILE A O   1 
ATOM   649 C  CB  . ILE A 1 87 ? -9.680  21.514  -1.134  1.00 49.42  ? 87  ILE A CB  1 
ATOM   650 C  CG1 . ILE A 1 87 ? -9.257  21.373  -2.604  1.00 50.06  ? 87  ILE A CG1 1 
ATOM   651 C  CG2 . ILE A 1 87 ? -10.075 22.931  -0.906  1.00 50.15  ? 87  ILE A CG2 1 
ATOM   652 C  CD1 . ILE A 1 87 ? -10.387 21.414  -3.676  1.00 50.40  ? 87  ILE A CD1 1 
ATOM   653 N  N   . TYR A 1 88 ? -9.512  20.895  2.020   1.00 46.35  ? 88  TYR A N   1 
ATOM   654 C  CA  . TYR A 1 88 ? -9.958  21.328  3.348   1.00 46.99  ? 88  TYR A CA  1 
ATOM   655 C  C   . TYR A 1 88 ? -8.780  21.195  4.324   1.00 48.82  ? 88  TYR A C   1 
ATOM   656 O  O   . TYR A 1 88 ? -8.738  22.009  5.237   1.00 46.37  ? 88  TYR A O   1 
ATOM   657 C  CB  . TYR A 1 88 ? -11.161 20.520  3.805   1.00 48.64  ? 88  TYR A CB  1 
ATOM   658 C  CG  . TYR A 1 88 ? -12.485 21.071  3.349   1.00 48.25  ? 88  TYR A CG  1 
ATOM   659 C  CD1 . TYR A 1 88 ? -13.094 22.097  4.037   1.00 49.09  ? 88  TYR A CD1 1 
ATOM   660 C  CD2 . TYR A 1 88 ? -13.140 20.566  2.241   1.00 48.27  ? 88  TYR A CD2 1 
ATOM   661 C  CE1 . TYR A 1 88 ? -14.325 22.594  3.646   1.00 50.83  ? 88  TYR A CE1 1 
ATOM   662 C  CE2 . TYR A 1 88 ? -14.362 21.060  1.836   1.00 46.93  ? 88  TYR A CE2 1 
ATOM   663 C  CZ  . TYR A 1 88 ? -14.975 22.056  2.547   1.00 49.02  ? 88  TYR A CZ  1 
ATOM   664 O  OH  . TYR A 1 88 ? -16.170 22.589  2.152   1.00 48.49  ? 88  TYR A OH  1 
ATOM   665 N  N   . ARG A 1 89 ? -7.805  20.320  4.064   1.00 46.86  ? 89  ARG A N   1 
ATOM   666 C  CA  . ARG A 1 89 ? -6.593  20.304  4.920   1.00 52.69  ? 89  ARG A CA  1 
ATOM   667 C  C   . ARG A 1 89 ? -5.768  21.593  4.678   1.00 53.26  ? 89  ARG A C   1 
ATOM   668 O  O   . ARG A 1 89 ? -4.980  21.914  5.553   1.00 53.99  ? 89  ARG A O   1 
ATOM   669 C  CB  . ARG A 1 89 ? -5.860  18.978  4.778   1.00 54.43  ? 89  ARG A CB  1 
ATOM   670 C  CG  . ARG A 1 89 ? -4.715  18.954  3.797   1.00 59.28  ? 89  ARG A CG  1 
ATOM   671 C  CD  . ARG A 1 89 ? -4.114  17.529  3.732   1.00 62.83  ? 89  ARG A CD  1 
ATOM   672 N  NE  . ARG A 1 89 ? -3.149  17.301  4.799   1.00 65.17  ? 89  ARG A NE  1 
ATOM   673 C  CZ  . ARG A 1 89 ? -1.894  17.785  4.866   1.00 66.62  ? 89  ARG A CZ  1 
ATOM   674 N  NH1 . ARG A 1 89 ? -1.379  18.534  3.902   1.00 66.30  ? 89  ARG A NH1 1 
ATOM   675 N  NH2 . ARG A 1 89 ? -1.150  17.501  5.923   1.00 69.64  ? 89  ARG A NH2 1 
ATOM   676 N  N   . ASN A 1 90 ? -5.992  22.313  3.572   1.00 50.01  ? 90  ASN A N   1 
ATOM   677 C  CA  . ASN A 1 90 ? -5.264  23.520  3.226   1.00 51.01  ? 90  ASN A CA  1 
ATOM   678 C  C   . ASN A 1 90 ? -6.106  24.779  3.262   1.00 52.16  ? 90  ASN A C   1 
ATOM   679 O  O   . ASN A 1 90 ? -5.702  25.791  2.688   1.00 50.70  ? 90  ASN A O   1 
ATOM   680 C  CB  . ASN A 1 90 ? -4.647  23.348  1.836   1.00 50.79  ? 90  ASN A CB  1 
ATOM   681 C  CG  . ASN A 1 90 ? -3.535  22.304  1.851   1.00 50.72  ? 90  ASN A CG  1 
ATOM   682 O  OD1 . ASN A 1 90 ? -2.447  22.613  2.319   1.00 50.34  ? 90  ASN A OD1 1 
ATOM   683 N  ND2 . ASN A 1 90 ? -3.806  21.076  1.388   1.00 49.32  ? 90  ASN A ND2 1 
ATOM   684 N  N   . LEU A 1 91 ? -7.252  24.737  3.979   1.00 53.11  ? 91  LEU A N   1 
ATOM   685 C  CA  . LEU A 1 91 ? -8.104  25.916  4.213   1.00 53.64  ? 91  LEU A CA  1 
ATOM   686 C  C   . LEU A 1 91 ? -8.363  26.214  5.669   1.00 58.18  ? 91  LEU A C   1 
ATOM   687 O  O   . LEU A 1 91 ? -8.383  25.304  6.496   1.00 56.93  ? 91  LEU A O   1 
ATOM   688 C  CB  . LEU A 1 91 ? -9.502  25.683  3.701   1.00 53.35  ? 91  LEU A CB  1 
ATOM   689 C  CG  . LEU A 1 91 ? -9.580  25.406  2.247   1.00 53.65  ? 91  LEU A CG  1 
ATOM   690 C  CD1 . LEU A 1 91 ? -11.040 25.050  1.930   1.00 54.93  ? 91  LEU A CD1 1 
ATOM   691 C  CD2 . LEU A 1 91 ? -9.131  26.636  1.483   1.00 54.43  ? 91  LEU A CD2 1 
ATOM   692 N  N   . VAL A 1 92 ? -8.621  27.496  5.964   1.00 60.50  ? 92  VAL A N   1 
ATOM   693 C  CA  . VAL A 1 92 ? -9.319  27.874  7.211   1.00 62.73  ? 92  VAL A CA  1 
ATOM   694 C  C   . VAL A 1 92 ? -10.564 28.719  6.903   1.00 64.89  ? 92  VAL A C   1 
ATOM   695 O  O   . VAL A 1 92 ? -10.728 29.330  5.775   1.00 62.44  ? 92  VAL A O   1 
ATOM   696 C  CB  . VAL A 1 92 ? -8.413  28.619  8.144   1.00 63.94  ? 92  VAL A CB  1 
ATOM   697 C  CG1 . VAL A 1 92 ? -7.230  27.755  8.497   1.00 65.58  ? 92  VAL A CG1 1 
ATOM   698 C  CG2 . VAL A 1 92 ? -7.970  29.924  7.501   1.00 65.17  ? 92  VAL A CG2 1 
ATOM   699 N  N   . VAL A 1 93 ? -11.471 28.727  7.895   1.00 70.55  ? 93  VAL A N   1 
ATOM   700 C  CA  . VAL A 1 93 ? -12.676 29.554  7.867   1.00 72.39  ? 93  VAL A CA  1 
ATOM   701 C  C   . VAL A 1 93 ? -12.260 31.036  7.875   1.00 75.34  ? 93  VAL A C   1 
ATOM   702 O  O   . VAL A 1 93 ? -11.175 31.347  8.343   1.00 80.16  ? 93  VAL A O   1 
ATOM   703 C  CB  . VAL A 1 93 ? -13.598 29.258  9.087   1.00 74.64  ? 93  VAL A CB  1 
ATOM   704 C  CG1 . VAL A 1 93 ? -13.058 29.884  10.375  1.00 78.17  ? 93  VAL A CG1 1 
ATOM   705 C  CG2 . VAL A 1 93 ? -15.004 29.789  8.819   1.00 75.75  ? 93  VAL A CG2 1 
ATOM   706 N  N   . VAL A 1 94 ? -13.103 31.903  7.307   1.00 75.87  ? 94  VAL A N   1 
ATOM   707 C  CA  . VAL A 1 94 ? -13.032 33.352  7.439   1.00 82.30  ? 94  VAL A CA  1 
ATOM   708 C  C   . VAL A 1 94 ? -14.144 33.717  8.460   1.00 85.50  ? 94  VAL A C   1 
ATOM   709 O  O   . VAL A 1 94 ? -15.313 33.368  8.219   1.00 83.43  ? 94  VAL A O   1 
ATOM   710 C  CB  . VAL A 1 94 ? -13.239 34.072  6.076   1.00 81.25  ? 94  VAL A CB  1 
ATOM   711 C  CG1 . VAL A 1 94 ? -12.544 33.307  4.978   1.00 80.19  ? 94  VAL A CG1 1 
ATOM   712 C  CG2 . VAL A 1 94 ? -14.717 34.261  5.698   1.00 80.91  ? 94  VAL A CG2 1 
ATOM   713 N  N   . ASN A 1 95 ? -13.778 34.328  9.604   1.00 89.18  ? 95  ASN A N   1 
ATOM   714 C  CA  . ASN A 1 95 ? -14.776 34.699  10.677  1.00 93.44  ? 95  ASN A CA  1 
ATOM   715 C  C   . ASN A 1 95 ? -15.219 36.128  10.657  1.00 92.47  ? 95  ASN A C   1 
ATOM   716 O  O   . ASN A 1 95 ? -14.998 36.771  9.661   1.00 94.90  ? 95  ASN A O   1 
ATOM   717 C  CB  . ASN A 1 95 ? -14.281 34.363  12.083  1.00 95.06  ? 95  ASN A CB  1 
ATOM   718 C  CG  . ASN A 1 95 ? -14.436 32.897  12.402  1.00 94.57  ? 95  ASN A CG  1 
ATOM   719 O  OD1 . ASN A 1 95 ? -15.548 32.403  12.495  1.00 94.94  ? 95  ASN A OD1 1 
ATOM   720 N  ND2 . ASN A 1 95 ? -13.326 32.185  12.539  1.00 95.06  ? 95  ASN A ND2 1 
HETATM 721 C  C1  . BME B 2 .  ? -12.336 8.466   -4.279  1.00 77.36  ? 301 BME A C1  1 
HETATM 722 C  C2  . BME B 2 .  ? -13.699 8.324   -4.927  1.00 77.72  ? 301 BME A C2  1 
HETATM 723 O  O1  . BME B 2 .  ? -12.106 9.717   -3.610  1.00 62.32  ? 301 BME A O1  1 
HETATM 724 S  S2  . BME B 2 .  ? -14.947 9.484   -4.308  1.00 77.28  ? 301 BME A S2  1 
HETATM 725 O  O3  . M0L C 3 .  ? -4.415  -8.138  4.904   1.00 53.69  ? 302 M0L A O3  1 
HETATM 726 N  N2  . M0L C 3 .  ? -6.222  -8.149  6.202   1.00 55.15  ? 302 M0L A N2  1 
HETATM 727 O  O2  . M0L C 3 .  ? -9.346  -3.067  7.985   1.00 56.76  ? 302 M0L A O2  1 
HETATM 728 N  N3  . M0L C 3 .  ? -8.133  -6.601  2.944   1.00 49.87  ? 302 M0L A N3  1 
HETATM 729 N  N1  . M0L C 3 .  ? -6.290  -7.269  4.044   1.00 51.41  ? 302 M0L A N1  1 
HETATM 730 C  C10 . M0L C 3 .  ? -7.481  -7.703  -1.739  1.00 48.50  ? 302 M0L A C10 1 
HETATM 731 C  C9  . M0L C 3 .  ? -7.518  -6.371  -2.062  1.00 48.21  ? 302 M0L A C9  1 
HETATM 732 C  C3  . M0L C 3 .  ? -4.250  -7.152  0.908   1.00 47.58  ? 302 M0L A C3  1 
HETATM 733 C  C2  . M0L C 3 .  ? -3.358  -6.321  0.262   1.00 46.46  ? 302 M0L A C2  1 
HETATM 734 C  C5  . M0L C 3 .  ? -4.793  -5.408  2.425   1.00 49.08  ? 302 M0L A C5  1 
HETATM 735 O  O1  . M0L C 3 .  ? -5.702  -5.272  5.804   1.00 53.78  ? 302 M0L A O1  1 
HETATM 736 C  C6  . M0L C 3 .  ? -3.897  -4.569  1.788   1.00 48.21  ? 302 M0L A C6  1 
HETATM 737 C  C8  . M0L C 3 .  ? -7.571  -5.405  -1.091  1.00 51.47  ? 302 M0L A C8  1 
HETATM 738 C  C7  . M0L C 3 .  ? -7.553  -5.787  0.237   1.00 51.27  ? 302 M0L A C7  1 
HETATM 739 C  C4  . M0L C 3 .  ? -4.988  -6.708  1.990   1.00 48.06  ? 302 M0L A C4  1 
HETATM 740 C  C1  . M0L C 3 .  ? -3.197  -5.039  0.709   1.00 46.98  ? 302 M0L A C1  1 
HETATM 741 C  C23 . M0L C 3 .  ? -3.446  -4.942  6.134   1.00 50.90  ? 302 M0L A C23 1 
HETATM 742 C  C22 . M0L C 3 .  ? -9.734  -4.698  6.343   1.00 54.63  ? 302 M0L A C22 1 
HETATM 743 C  C21 . M0L C 3 .  ? -5.991  -7.627  2.652   1.00 46.27  ? 302 M0L A C21 1 
HETATM 744 C  C11 . M0L C 3 .  ? -7.462  -8.072  -0.409  1.00 48.71  ? 302 M0L A C11 1 
HETATM 745 C  C12 . M0L C 3 .  ? -9.262  -5.573  5.389   1.00 54.37  ? 302 M0L A C12 1 
HETATM 746 C  C16 . M0L C 3 .  ? -8.164  -8.995  5.243   1.00 59.39  ? 302 M0L A C16 1 
HETATM 747 C  C15 . M0L C 3 .  ? -7.527  -8.462  6.264   1.00 57.67  ? 302 M0L A C15 1 
HETATM 748 CL CL  . M0L C 3 .  ? -7.404  -5.896  -3.725  1.00 52.96  ? 302 M0L A CL  1 
HETATM 749 C  C14 . M0L C 3 .  ? -5.577  -7.864  5.047   1.00 51.95  ? 302 M0L A C14 1 
HETATM 750 C  C13 . M0L C 3 .  ? -4.904  -2.974  6.348   1.00 52.59  ? 302 M0L A C13 1 
HETATM 751 CL CL6 . M0L C 3 .  ? -2.106  -3.982  -0.124  1.00 49.85  ? 302 M0L A CL6 1 
HETATM 752 C  C61 . M0L C 3 .  ? -7.487  -7.122  0.598   1.00 49.75  ? 302 M0L A C61 1 
HETATM 753 C  C41 . M0L C 3 .  ? -7.424  -7.533  2.051   1.00 49.95  ? 302 M0L A C41 1 
HETATM 754 C  C51 . M0L C 3 .  ? -7.449  -6.525  4.021   1.00 51.52  ? 302 M0L A C51 1 
HETATM 755 C  C31 . M0L C 3 .  ? -8.844  -3.940  7.073   1.00 57.67  ? 302 M0L A C31 1 
HETATM 756 C  C42 . M0L C 3 .  ? -7.482  -4.067  6.877   1.00 53.91  ? 302 M0L A C42 1 
HETATM 757 C  C52 . M0L C 3 .  ? -7.021  -4.956  5.935   1.00 51.92  ? 302 M0L A C52 1 
HETATM 758 C  C62 . M0L C 3 .  ? -7.901  -5.700  5.151   1.00 51.79  ? 302 M0L A C62 1 
HETATM 759 C  C32 . M0L C 3 .  ? -4.680  -4.267  5.679   1.00 54.30  ? 302 M0L A C32 1 
HETATM 760 C  C33 . M0L C 3 .  ? -8.600  -2.888  9.173   1.00 58.67  ? 302 M0L A C33 1 
HETATM 761 C  C34 . M0L C 3 .  ? -5.458  -8.208  7.454   1.00 57.17  ? 302 M0L A C34 1 
HETATM 762 C  C43 . M0L C 3 .  ? -6.202  -7.443  8.496   1.00 57.33  ? 302 M0L A C43 1 
HETATM 763 N  N5  . M0L C 3 .  ? -7.559  -7.887  8.523   1.00 56.96  ? 302 M0L A N5  1 
HETATM 764 C  C63 . M0L C 3 .  ? -8.258  -8.248  7.460   1.00 59.45  ? 302 M0L A C63 1 
HETATM 765 O  O11 . M0L C 3 .  ? -9.462  -8.392  7.539   1.00 61.97  ? 302 M0L A O11 1 
HETATM 766 O  O   . HOH D 4 .  ? 14.169  -9.651  -4.887  1.00 61.74  ? 401 HOH A O   1 
HETATM 767 O  O   . HOH D 4 .  ? -8.819  17.234  5.204   1.00 49.97  ? 402 HOH A O   1 
HETATM 768 O  O   . HOH D 4 .  ? -3.388  -17.085 -8.621  1.00 55.35  ? 403 HOH A O   1 
HETATM 769 O  O   . HOH D 4 .  ? -17.216 24.121  4.132   1.00 51.90  ? 404 HOH A O   1 
HETATM 770 O  O   . HOH D 4 .  ? -0.350  21.066  3.155   1.00 61.46  ? 405 HOH A O   1 
HETATM 771 O  O   . HOH D 4 .  ? -6.450  13.698  0.239   1.00 48.74  ? 406 HOH A O   1 
HETATM 772 O  O   . HOH D 4 .  ? 0.825   5.320   -8.327  1.00 68.08  ? 407 HOH A O   1 
HETATM 773 O  O   . HOH D 4 .  ? -10.996 26.810  9.902   1.00 55.80  ? 408 HOH A O   1 
HETATM 774 O  O   . HOH D 4 .  ? 0.702   1.190   -9.353  1.00 53.10  ? 409 HOH A O   1 
HETATM 775 O  O   . HOH D 4 .  ? 5.947   -11.194 10.344  1.00 57.17  ? 410 HOH A O   1 
HETATM 776 O  O   . HOH D 4 .  ? -10.861 35.652  9.888   1.00 69.73  ? 411 HOH A O   1 
HETATM 777 O  O   . HOH D 4 .  ? 1.218   5.611   -3.126  1.00 74.03  ? 412 HOH A O   1 
# 
loop_
_atom_site_anisotrop.id 
_atom_site_anisotrop.type_symbol 
_atom_site_anisotrop.pdbx_label_atom_id 
_atom_site_anisotrop.pdbx_label_alt_id 
_atom_site_anisotrop.pdbx_label_comp_id 
_atom_site_anisotrop.pdbx_label_asym_id 
_atom_site_anisotrop.pdbx_label_seq_id 
_atom_site_anisotrop.pdbx_PDB_ins_code 
_atom_site_anisotrop.U[1][1] 
_atom_site_anisotrop.U[2][2] 
_atom_site_anisotrop.U[3][3] 
_atom_site_anisotrop.U[1][2] 
_atom_site_anisotrop.U[1][3] 
_atom_site_anisotrop.U[2][3] 
_atom_site_anisotrop.pdbx_auth_seq_id 
_atom_site_anisotrop.pdbx_auth_comp_id 
_atom_site_anisotrop.pdbx_auth_asym_id 
_atom_site_anisotrop.pdbx_auth_atom_id 
1   N N   . GLU A 9  ? 1.1932 0.9123 1.2149 0.1004  -0.1976 -0.0977 9  GLU A N   
2   C CA  . GLU A 9  ? 1.2527 0.9266 1.2333 0.1204  -0.2254 -0.1137 9  GLU A CA  
3   C C   . GLU A 9  ? 1.2461 0.9133 1.1686 0.1395  -0.2197 -0.1201 9  GLU A C   
4   O O   . GLU A 9  ? 1.3235 0.9551 1.1946 0.1621  -0.2311 -0.1306 9  GLU A O   
5   C CB  . GLU A 9  ? 1.2799 0.9242 1.2953 0.1139  -0.2622 -0.1225 9  GLU A CB  
6   C CG  . GLU A 9  ? 1.3649 0.9560 1.3340 0.1358  -0.2969 -0.1412 9  GLU A CG  
7   C CD  . GLU A 9  ? 1.4374 0.9943 1.4417 0.1312  -0.3321 -0.1486 9  GLU A CD  
8   O OE1 . GLU A 9  ? 1.4424 1.0084 1.5146 0.1112  -0.3443 -0.1444 9  GLU A OE1 
9   O OE2 . GLU A 9  ? 1.4882 1.0084 1.4547 0.1481  -0.3472 -0.1582 9  GLU A OE2 
10  N N   . THR A 10 ? 1.1386 0.8356 1.0669 0.1320  -0.2016 -0.1134 10 THR A N   
11  C CA  . THR A 10 ? 1.1225 0.8152 0.9990 0.1493  -0.1903 -0.1161 10 THR A CA  
12  C C   . THR A 10 ? 1.0339 0.7704 0.9147 0.1440  -0.1534 -0.1027 10 THR A C   
13  O O   . THR A 10 ? 0.9763 0.7462 0.8947 0.1251  -0.1409 -0.0937 10 THR A O   
14  C CB  . THR A 10 ? 1.1230 0.8018 0.9942 0.1495  -0.2068 -0.1226 10 THR A CB  
15  O OG1 . THR A 10 ? 1.1873 0.8161 1.0389 0.1623  -0.2448 -0.1380 10 THR A OG1 
16  C CG2 . THR A 10 ? 1.1417 0.8241 0.9661 0.1637  -0.1863 -0.1202 10 THR A CG2 
17  N N   . LEU A 11 ? 1.0167 0.7506 0.8594 0.1621  -0.1369 -0.1015 11 LEU A N   
18  C CA  . LEU A 11 ? 0.9791 0.7522 0.8311 0.1587  -0.1055 -0.0895 11 LEU A CA  
19  C C   . LEU A 11 ? 0.9766 0.7538 0.8012 0.1686  -0.0889 -0.0866 11 LEU A C   
20  O O   . LEU A 11 ? 1.0345 0.7770 0.8138 0.1883  -0.0957 -0.0937 11 LEU A O   
21  C CB  . LEU A 11 ? 1.0108 0.7841 0.8521 0.1707  -0.0957 -0.0875 11 LEU A CB  
22  C CG  . LEU A 11 ? 1.0298 0.8116 0.9033 0.1590  -0.1013 -0.0849 11 LEU A CG  
23  C CD1 . LEU A 11 ? 1.0552 0.8317 0.9117 0.1749  -0.0941 -0.0845 11 LEU A CD1 
24  C CD2 . LEU A 11 ? 1.0030 0.8239 0.9196 0.1370  -0.0884 -0.0740 11 LEU A CD2 
25  N N   . VAL A 12 ? 0.8993 0.7160 0.7509 0.1551  -0.0678 -0.0760 12 VAL A N   
26  C CA  . VAL A 12 ? 0.8757 0.7028 0.7117 0.1620  -0.0470 -0.0700 12 VAL A CA  
27  C C   . VAL A 12 ? 0.8334 0.6951 0.6903 0.1609  -0.0220 -0.0591 12 VAL A C   
28  O O   . VAL A 12 ? 0.7635 0.6460 0.6517 0.1494  -0.0231 -0.0564 12 VAL A O   
29  C CB  . VAL A 12 ? 0.8462 0.6880 0.7020 0.1450  -0.0487 -0.0677 12 VAL A CB  
30  C CG1 . VAL A 12 ? 0.9061 0.7128 0.7437 0.1485  -0.0752 -0.0787 12 VAL A CG1 
31  C CG2 . VAL A 12 ? 0.7855 0.6630 0.6907 0.1207  -0.0456 -0.0614 12 VAL A CG2 
32  N N   . ARG A 13 ? 0.8325 0.6995 0.6746 0.1727  0.0005  -0.0521 13 ARG A N   
33  C CA  . ARG A 13 ? 0.8188 0.7182 0.6860 0.1743  0.0253  -0.0409 13 ARG A CA  
34  C C   . ARG A 13 ? 0.7562 0.6861 0.6532 0.1597  0.0395  -0.0317 13 ARG A C   
35  O O   . ARG A 13 ? 0.7714 0.6928 0.6496 0.1676  0.0526  -0.0275 13 ARG A O   
36  C CB  . ARG A 13 ? 0.8808 0.7620 0.7142 0.2019  0.0446  -0.0374 13 ARG A CB  
37  C CG  . ARG A 13 ? 0.8854 0.8012 0.7549 0.2044  0.0685  -0.0255 13 ARG A CG  
38  C CD  . ARG A 13 ? 0.9508 0.8490 0.7897 0.2339  0.0927  -0.0198 13 ARG A CD  
39  N NE  . ARG A 13 ? 0.9848 0.8440 0.7786 0.2528  0.0787  -0.0304 13 ARG A NE  
40  C CZ  . ARG A 13 ? 1.0179 0.8810 0.8235 0.2554  0.0709  -0.0338 13 ARG A CZ  
41  N NH1 . ARG A 13 ? 0.9395 0.8440 0.7996 0.2412  0.0750  -0.0275 13 ARG A NH1 
42  N NH2 . ARG A 13 ? 1.0616 0.8836 0.8217 0.2739  0.0573  -0.0441 13 ARG A NH2 
43  N N   . PRO A 14 ? 0.7221 0.6849 0.6633 0.1401  0.0374  -0.0281 14 PRO A N   
44  C CA  . PRO A 14 ? 0.6909 0.6803 0.6611 0.1271  0.0487  -0.0200 14 PRO A CA  
45  C C   . PRO A 14 ? 0.7018 0.7051 0.6834 0.1383  0.0750  -0.0087 14 PRO A C   
46  O O   . PRO A 14 ? 0.6944 0.7023 0.6820 0.1506  0.0837  -0.0058 14 PRO A O   
47  C CB  . PRO A 14 ? 0.6884 0.7023 0.6956 0.1095  0.0383  -0.0199 14 PRO A CB  
48  C CG  . PRO A 14 ? 0.6709 0.6658 0.6634 0.1093  0.0200  -0.0283 14 PRO A CG  
49  C CD  . PRO A 14 ? 0.7059 0.6769 0.6671 0.1304  0.0230  -0.0315 14 PRO A CD  
50  N N   . LYS A 15 ? 0.7179 0.7259 0.7032 0.1351  0.0881  -0.0019 15 LYS A N   
51  C CA  . LYS A 15 ? 0.7045 0.7330 0.7185 0.1401  0.1146  0.0119  15 LYS A CA  
52  C C   . LYS A 15 ? 0.6378 0.7042 0.7119 0.1246  0.1107  0.0159  15 LYS A C   
53  O O   . LYS A 15 ? 0.6021 0.6750 0.6863 0.1104  0.0889  0.0083  15 LYS A O   
54  C CB  . LYS A 15 ? 0.7073 0.7284 0.7104 0.1385  0.1270  0.0180  15 LYS A CB  
55  C CG  . LYS A 15 ? 0.7661 0.7470 0.7081 0.1609  0.1364  0.0171  15 LYS A CG  
56  C CD  . LYS A 15 ? 0.7956 0.7674 0.7251 0.1585  0.1466  0.0231  15 LYS A CD  
57  C CE  . LYS A 15 ? 0.8632 0.7884 0.7238 0.1836  0.1543  0.0219  15 LYS A CE  
58  N NZ  . LYS A 15 ? 0.8913 0.8052 0.7373 0.1787  0.1569  0.0250  15 LYS A NZ  
59  N N   . PRO A 16 ? 0.6621 0.7521 0.7779 0.1287  0.1307  0.0281  16 PRO A N   
60  C CA  . PRO A 16 ? 0.6468 0.7684 0.8188 0.1185  0.1216  0.0297  16 PRO A CA  
61  C C   . PRO A 16 ? 0.6047 0.7382 0.7985 0.0956  0.0988  0.0242  16 PRO A C   
62  O O   . PRO A 16 ? 0.6116 0.7517 0.8168 0.0894  0.0784  0.0175  16 PRO A O   
63  C CB  . PRO A 16 ? 0.6637 0.8075 0.8830 0.1259  0.1495  0.0458  16 PRO A CB  
64  C CG  . PRO A 16 ? 0.7109 0.8280 0.8826 0.1495  0.1760  0.0514  16 PRO A CG  
65  C CD  . PRO A 16 ? 0.7005 0.7850 0.8112 0.1469  0.1633  0.0412  16 PRO A CD  
66  N N   . LEU A 17 ? 0.5965 0.7276 0.7883 0.0857  0.1020  0.0266  17 LEU A N   
67  C CA  . LEU A 17 ? 0.6300 0.7691 0.8394 0.0664  0.0828  0.0222  17 LEU A CA  
68  C C   . LEU A 17 ? 0.5958 0.7178 0.7695 0.0614  0.0607  0.0098  17 LEU A C   
69  O O   . LEU A 17 ? 0.5822 0.7097 0.7681 0.0524  0.0422  0.0047  17 LEU A O   
70  C CB  . LEU A 17 ? 0.7051 0.8419 0.9160 0.0589  0.0926  0.0277  17 LEU A CB  
71  C CG  . LEU A 17 ? 0.7617 0.9108 1.0047 0.0407  0.0770  0.0263  17 LEU A CG  
72  C CD1 . LEU A 17 ? 0.7885 0.9643 1.0949 0.0378  0.0767  0.0332  17 LEU A CD1 
73  C CD2 . LEU A 17 ? 0.7989 0.9408 1.0361 0.0336  0.0858  0.0308  17 LEU A CD2 
74  N N   . LEU A 18 ? 0.5918 0.6905 0.7215 0.0682  0.0623  0.0051  18 LEU A N   
75  C CA  . LEU A 18 ? 0.5998 0.6837 0.7051 0.0636  0.0440  -0.0045 18 LEU A CA  
76  C C   . LEU A 18 ? 0.5823 0.6679 0.6917 0.0686  0.0349  -0.0077 18 LEU A C   
77  O O   . LEU A 18 ? 0.5666 0.6495 0.6748 0.0613  0.0202  -0.0121 18 LEU A O   
78  C CB  . LEU A 18 ? 0.6308 0.6886 0.6958 0.0694  0.0435  -0.0093 18 LEU A CB  
79  C CG  . LEU A 18 ? 0.6184 0.6603 0.6661 0.0649  0.0264  -0.0176 18 LEU A CG  
80  C CD1 . LEU A 18 ? 0.5895 0.6380 0.6499 0.0495  0.0173  -0.0186 18 LEU A CD1 
81  C CD2 . LEU A 18 ? 0.6394 0.6545 0.6541 0.0722  0.0222  -0.0230 18 LEU A CD2 
82  N N   . LEU A 19 ? 0.5862 0.6750 0.6995 0.0826  0.0453  -0.0045 19 LEU A N   
83  C CA  . LEU A 19 ? 0.5943 0.6849 0.7128 0.0894  0.0379  -0.0068 19 LEU A CA  
84  C C   . LEU A 19 ? 0.6087 0.7188 0.7625 0.0804  0.0258  -0.0060 19 LEU A C   
85  O O   . LEU A 19 ? 0.6145 0.7183 0.7619 0.0792  0.0106  -0.0107 19 LEU A O   
86  C CB  . LEU A 19 ? 0.6359 0.7285 0.7563 0.1076  0.0543  -0.0021 19 LEU A CB  
87  C CG  . LEU A 19 ? 0.6465 0.7382 0.7689 0.1164  0.0460  -0.0051 19 LEU A CG  
88  C CD1 . LEU A 19 ? 0.6783 0.7405 0.7588 0.1190  0.0335  -0.0140 19 LEU A CD1 
89  C CD2 . LEU A 19 ? 0.6642 0.7646 0.8004 0.1343  0.0645  0.0016  19 LEU A CD2 
90  N N   . LYS A 20 ? 0.5940 0.7242 0.7838 0.0746  0.0311  -0.0001 20 LYS A N   
91  C CA  . LYS A 20 ? 0.5988 0.7438 0.8227 0.0668  0.0151  -0.0007 20 LYS A CA  
92  C C   . LYS A 20 ? 0.5659 0.6950 0.7648 0.0566  -0.0036 -0.0079 20 LYS A C   
93  O O   . LYS A 20 ? 0.5640 0.6889 0.7623 0.0568  -0.0202 -0.0117 20 LYS A O   
94  C CB  . LYS A 20 ? 0.6320 0.7971 0.8990 0.0603  0.0226  0.0067  20 LYS A CB  
95  C CG  . LYS A 20 ? 0.6687 0.8454 0.9725 0.0514  0.0011  0.0045  20 LYS A CG  
96  C CD  . LYS A 20 ? 0.6859 0.8825 1.0406 0.0437  0.0080  0.0126  20 LYS A CD  
97  C CE  . LYS A 20 ? 0.7320 0.9446 1.1389 0.0414  -0.0139 0.0113  20 LYS A CE  
98  N NZ  . LYS A 20 ? 0.7744 1.0036 1.2348 0.0312  -0.0116 0.0184  20 LYS A NZ  
99  N N   . LEU A 21 ? 0.5622 0.6802 0.7384 0.0494  0.0006  -0.0090 21 LEU A N   
100 C CA  . LEU A 21 ? 0.5664 0.6688 0.7194 0.0418  -0.0125 -0.0140 21 LEU A CA  
101 C C   . LEU A 21 ? 0.5651 0.6506 0.6913 0.0477  -0.0179 -0.0174 21 LEU A C   
102 O O   . LEU A 21 ? 0.5937 0.6693 0.7102 0.0472  -0.0300 -0.0196 21 LEU A O   
103 C CB  . LEU A 21 ? 0.5633 0.6586 0.7016 0.0344  -0.0052 -0.0138 21 LEU A CB  
104 C CG  . LEU A 21 ? 0.5748 0.6535 0.6896 0.0278  -0.0132 -0.0173 21 LEU A CG  
105 C CD1 . LEU A 21 ? 0.5719 0.6510 0.6864 0.0201  -0.0072 -0.0162 21 LEU A CD1 
106 C CD2 . LEU A 21 ? 0.6073 0.6689 0.6964 0.0312  -0.0121 -0.0192 21 LEU A CD2 
107 N N   . LEU A 22 ? 0.5813 0.6601 0.6940 0.0549  -0.0094 -0.0176 22 LEU A N   
108 C CA  . LEU A 22 ? 0.5863 0.6472 0.6769 0.0596  -0.0147 -0.0202 22 LEU A CA  
109 C C   . LEU A 22 ? 0.6059 0.6693 0.7041 0.0662  -0.0239 -0.0204 22 LEU A C   
110 O O   . LEU A 22 ? 0.5762 0.6241 0.6580 0.0671  -0.0321 -0.0214 22 LEU A O   
111 C CB  . LEU A 22 ? 0.6017 0.6522 0.6778 0.0673  -0.0080 -0.0217 22 LEU A CB  
112 C CG  . LEU A 22 ? 0.6340 0.6770 0.6987 0.0635  -0.0024 -0.0227 22 LEU A CG  
113 C CD1 . LEU A 22 ? 0.6430 0.6685 0.6879 0.0735  -0.0013 -0.0261 22 LEU A CD1 
114 C CD2 . LEU A 22 ? 0.6468 0.6813 0.7058 0.0525  -0.0070 -0.0234 22 LEU A CD2 
115 N N   . LYS A 23 ? 0.5918 0.6738 0.7162 0.0723  -0.0213 -0.0185 23 LYS A N   
116 C CA  . LYS A 23 ? 0.6297 0.7171 0.7684 0.0797  -0.0321 -0.0189 23 LYS A CA  
117 C C   . LYS A 23 ? 0.6231 0.7087 0.7669 0.0744  -0.0491 -0.0207 23 LYS A C   
118 O O   . LYS A 23 ? 0.6372 0.7115 0.7709 0.0804  -0.0624 -0.0229 23 LYS A O   
119 C CB  . LYS A 23 ? 0.6441 0.7539 0.8174 0.0883  -0.0231 -0.0151 23 LYS A CB  
120 C CG  . LYS A 23 ? 0.6685 0.7686 0.8209 0.0988  -0.0091 -0.0148 23 LYS A CG  
121 C CD  . LYS A 23 ? 0.7234 0.8375 0.8989 0.1132  0.0001  -0.0110 23 LYS A CD  
122 C CE  . LYS A 23 ? 0.7486 0.8412 0.8894 0.1257  0.0056  -0.0140 23 LYS A CE  
123 N NZ  . LYS A 23 ? 0.8212 0.9242 0.9774 0.1424  0.0216  -0.0093 23 LYS A NZ  
124 N N   . SER A 24 ? 0.6228 0.7152 0.7779 0.0647  -0.0501 -0.0204 24 SER A N   
125 C CA  . SER A 24 ? 0.6352 0.7181 0.7860 0.0611  -0.0685 -0.0236 24 SER A CA  
126 C C   . SER A 24 ? 0.6714 0.7240 0.7761 0.0633  -0.0735 -0.0256 24 SER A C   
127 O O   . SER A 24 ? 0.6907 0.7279 0.7818 0.0667  -0.0905 -0.0287 24 SER A O   
128 C CB  . SER A 24 ? 0.6380 0.7285 0.8036 0.0501  -0.0684 -0.0233 24 SER A CB  
129 O OG  . SER A 24 ? 0.6476 0.7215 0.7804 0.0440  -0.0615 -0.0238 24 SER A OG  
130 N N   . VAL A 25 ? 0.6451 0.6862 0.7260 0.0626  -0.0595 -0.0236 25 VAL A N   
131 C CA  . VAL A 25 ? 0.6650 0.6775 0.7085 0.0652  -0.0602 -0.0227 25 VAL A CA  
132 C C   . VAL A 25 ? 0.6874 0.6892 0.7196 0.0732  -0.0575 -0.0210 25 VAL A C   
133 O O   . VAL A 25 ? 0.6865 0.6687 0.6971 0.0735  -0.0501 -0.0177 25 VAL A O   
134 C CB  . VAL A 25 ? 0.6615 0.6654 0.6911 0.0568  -0.0475 -0.0203 25 VAL A CB  
135 C CG1 . VAL A 25 ? 0.6722 0.6771 0.7020 0.0513  -0.0529 -0.0221 25 VAL A CG1 
136 C CG2 . VAL A 25 ? 0.6334 0.6494 0.6768 0.0519  -0.0350 -0.0196 25 VAL A CG2 
137 N N   . GLY A 26 ? 0.7132 0.7289 0.7649 0.0798  -0.0625 -0.0226 26 GLY A N   
138 C CA  . GLY A 26 ? 0.7465 0.7500 0.7866 0.0895  -0.0643 -0.0219 26 GLY A CA  
139 C C   . GLY A 26 ? 0.7668 0.7719 0.8094 0.0909  -0.0529 -0.0213 26 GLY A C   
140 O O   . GLY A 26 ? 0.7290 0.7216 0.7613 0.0990  -0.0550 -0.0210 26 GLY A O   
141 N N   . ALA A 27 ? 0.7673 0.7846 0.8211 0.0850  -0.0427 -0.0219 27 ALA A N   
142 C CA  . ALA A 27 ? 0.7739 0.7872 0.8245 0.0898  -0.0355 -0.0231 27 ALA A CA  
143 C C   . ALA A 27 ? 0.7842 0.8101 0.8489 0.1021  -0.0355 -0.0238 27 ALA A C   
144 O O   . ALA A 27 ? 0.7507 0.7978 0.8400 0.1034  -0.0364 -0.0227 27 ALA A O   
145 C CB  . ALA A 27 ? 0.7482 0.7670 0.8013 0.0838  -0.0266 -0.0239 27 ALA A CB  
146 N N   . GLN A 28 ? 0.8453 0.8583 0.8979 0.1114  -0.0338 -0.0256 28 GLN A N   
147 C CA  . GLN A 28 ? 0.8884 0.9117 0.9526 0.1253  -0.0309 -0.0258 28 GLN A CA  
148 C C   . GLN A 28 ? 0.8878 0.9017 0.9385 0.1358  -0.0215 -0.0280 28 GLN A C   
149 O O   . GLN A 28 ? 0.9269 0.9473 0.9843 0.1501  -0.0155 -0.0273 28 GLN A O   
150 C CB  . GLN A 28 ? 0.9586 0.9715 1.0173 0.1326  -0.0416 -0.0261 28 GLN A CB  
151 C CG  . GLN A 28 ? 1.0002 1.0248 1.0748 0.1300  -0.0525 -0.0247 28 GLN A CG  
152 C CD  . GLN A 28 ? 1.0822 1.0853 1.1373 0.1360  -0.0642 -0.0248 28 GLN A CD  
153 O OE1 . GLN A 28 ? 1.1096 1.1171 1.1747 0.1469  -0.0728 -0.0254 28 GLN A OE1 
154 N NE2 . GLN A 28 ? 1.1227 1.1007 1.1504 0.1300  -0.0635 -0.0232 28 GLN A NE2 
155 N N   . LYS A 29 ? 0.8472 0.8440 0.8784 0.1303  -0.0207 -0.0307 29 LYS A N   
156 C CA  . LYS A 29 ? 0.8378 0.8182 0.8484 0.1414  -0.0159 -0.0344 29 LYS A CA  
157 C C   . LYS A 29 ? 0.8227 0.8189 0.8397 0.1442  -0.0011 -0.0314 29 LYS A C   
158 O O   . LYS A 29 ? 0.7617 0.7805 0.8017 0.1335  0.0034  -0.0270 29 LYS A O   
159 C CB  . LYS A 29 ? 0.8770 0.8301 0.8685 0.1339  -0.0264 -0.0392 29 LYS A CB  
160 C CG  . LYS A 29 ? 0.9252 0.8650 0.9181 0.1271  -0.0372 -0.0385 29 LYS A CG  
161 C CD  . LYS A 29 ? 0.9717 0.8815 0.9534 0.1242  -0.0479 -0.0428 29 LYS A CD  
162 C CE  . LYS A 29 ? 0.9575 0.8672 0.9493 0.1086  -0.0495 -0.0417 29 LYS A CE  
163 N NZ  . LYS A 29 ? 1.0161 0.9057 0.9969 0.1112  -0.0582 -0.0489 29 LYS A NZ  
164 N N   . ASP A 30 ? 0.8201 0.8002 0.8133 0.1600  0.0068  -0.0336 30 ASP A N   
165 C CA  . ASP A 30 ? 0.8311 0.8161 0.8195 0.1657  0.0233  -0.0300 30 ASP A CA  
166 C C   . ASP A 30 ? 0.8170 0.7776 0.7759 0.1621  0.0171  -0.0354 30 ASP A C   
167 O O   . ASP A 30 ? 0.7758 0.7401 0.7303 0.1627  0.0288  -0.0319 30 ASP A O   
168 C CB  . ASP A 30 ? 0.8832 0.8604 0.8569 0.1902  0.0388  -0.0277 30 ASP A CB  
169 C CG  . ASP A 30 ? 0.8780 0.8889 0.8936 0.1944  0.0532  -0.0186 30 ASP A CG  
170 O OD1 . ASP A 30 ? 0.8360 0.8759 0.8920 0.1785  0.0495  -0.0146 30 ASP A OD1 
171 O OD2 . ASP A 30 ? 0.9161 0.9220 0.9241 0.2152  0.0675  -0.0157 30 ASP A OD2 
172 N N   . THR A 31 ? 0.8219 0.7554 0.7614 0.1603  -0.0016 -0.0436 31 THR A N   
173 C CA  . THR A 31 ? 0.8540 0.7606 0.7703 0.1577  -0.0142 -0.0506 31 THR A CA  
174 C C   . THR A 31 ? 0.8315 0.7376 0.7678 0.1385  -0.0309 -0.0526 31 THR A C   
175 O O   . THR A 31 ? 0.7765 0.6869 0.7269 0.1343  -0.0350 -0.0510 31 THR A O   
176 C CB  . THR A 31 ? 0.9111 0.7770 0.7854 0.1782  -0.0236 -0.0593 31 THR A CB  
177 O OG1 . THR A 31 ? 0.8850 0.7398 0.7608 0.1813  -0.0348 -0.0628 31 THR A OG1 
178 C CG2 . THR A 31 ? 0.9245 0.7838 0.7706 0.2012  -0.0037 -0.0562 31 THR A CG2 
179 N N   . TYR A 32 ? 0.7928 0.6928 0.7309 0.1278  -0.0387 -0.0549 32 TYR A N   
180 C CA  . TYR A 32 ? 0.7584 0.6633 0.7226 0.1085  -0.0477 -0.0534 32 TYR A CA  
181 C C   . TYR A 32 ? 0.7586 0.6393 0.7180 0.1057  -0.0644 -0.0603 32 TYR A C   
182 O O   . TYR A 32 ? 0.7337 0.5999 0.6673 0.1164  -0.0667 -0.0654 32 TYR A O   
183 C CB  . TYR A 32 ? 0.7340 0.6692 0.7194 0.0953  -0.0355 -0.0461 32 TYR A CB  
184 C CG  . TYR A 32 ? 0.7254 0.6830 0.7218 0.0968  -0.0250 -0.0402 32 TYR A CG  
185 C CD1 . TYR A 32 ? 0.7245 0.6955 0.7184 0.1070  -0.0126 -0.0379 32 TYR A CD1 
186 C CD2 . TYR A 32 ? 0.7310 0.6938 0.7410 0.0899  -0.0278 -0.0368 32 TYR A CD2 
187 C CE1 . TYR A 32 ? 0.7067 0.6994 0.7194 0.1084  -0.0060 -0.0329 32 TYR A CE1 
188 C CE2 . TYR A 32 ? 0.7366 0.7160 0.7554 0.0933  -0.0231 -0.0331 32 TYR A CE2 
189 C CZ  . TYR A 32 ? 0.7204 0.7167 0.7446 0.1018  -0.0137 -0.0317 32 TYR A CZ  
190 O OH  . TYR A 32 ? 0.7428 0.7565 0.7839 0.1051  -0.0121 -0.0283 32 TYR A OH  
191 N N   . THR A 33 ? 0.7215 0.5967 0.7058 0.0930  -0.0752 -0.0597 33 THR A N   
192 C CA  . THR A 33 ? 0.7214 0.5835 0.7166 0.0862  -0.0897 -0.0641 33 THR A CA  
193 C C   . THR A 33 ? 0.6955 0.5816 0.7041 0.0750  -0.0779 -0.0585 33 THR A C   
194 O O   . THR A 33 ? 0.6487 0.5593 0.6644 0.0695  -0.0614 -0.0510 33 THR A O   
195 C CB  . THR A 33 ? 0.7316 0.5846 0.7609 0.0748  -0.1006 -0.0621 33 THR A CB  
196 O OG1 . THR A 33 ? 0.6967 0.5736 0.7485 0.0628  -0.0833 -0.0508 33 THR A OG1 
197 C CG2 . THR A 33 ? 0.7762 0.6059 0.7956 0.0841  -0.1118 -0.0665 33 THR A CG2 
198 N N   . MET A 34 ? 0.6816 0.5576 0.6948 0.0722  -0.0896 -0.0630 34 MET A N   
199 C CA  . MET A 34 ? 0.6973 0.5921 0.7241 0.0620  -0.0808 -0.0585 34 MET A CA  
200 C C   . MET A 34 ? 0.6537 0.5679 0.7145 0.0470  -0.0700 -0.0489 34 MET A C   
201 O O   . MET A 34 ? 0.6247 0.5592 0.6865 0.0417  -0.0551 -0.0430 34 MET A O   
202 C CB  . MET A 34 ? 0.7166 0.5939 0.7445 0.0629  -0.0987 -0.0657 34 MET A CB  
203 C CG  . MET A 34 ? 0.7109 0.6056 0.7488 0.0545  -0.0899 -0.0616 34 MET A CG  
204 S SD  . MET A 34 ? 0.7512 0.6604 0.7561 0.0609  -0.0698 -0.0582 34 MET A SD  
205 C CE  . MET A 34 ? 0.7991 0.6742 0.7581 0.0808  -0.0830 -0.0679 34 MET A CE  
206 N N   . LYS A 35 ? 0.6539 0.5584 0.7414 0.0413  -0.0772 -0.0468 35 LYS A N   
207 C CA  . LYS A 35 ? 0.6885 0.6053 0.8024 0.0307  -0.0627 -0.0355 35 LYS A CA  
208 C C   . LYS A 35 ? 0.6359 0.5663 0.7294 0.0337  -0.0470 -0.0303 35 LYS A C   
209 O O   . LYS A 35 ? 0.6183 0.5614 0.7152 0.0285  -0.0338 -0.0234 35 LYS A O   
210 C CB  . LYS A 35 ? 0.7540 0.6554 0.8978 0.0266  -0.0691 -0.0317 35 LYS A CB  
211 C CG  . LYS A 35 ? 0.8481 0.7451 1.0371 0.0171  -0.0763 -0.0290 35 LYS A CG  
212 C CD  . LYS A 35 ? 0.8925 0.8081 1.0985 0.0090  -0.0570 -0.0190 35 LYS A CD  
213 C CE  . LYS A 35 ? 0.9180 0.8314 1.1805 -0.0003 -0.0571 -0.0114 35 LYS A CE  
214 N NZ  . LYS A 35 ? 0.9352 0.8477 1.2156 -0.0020 -0.0763 -0.0202 35 LYS A NZ  
215 N N   . GLU A 36 ? 0.6231 0.5490 0.6951 0.0436  -0.0501 -0.0344 36 GLU A N   
216 C CA  . GLU A 36 ? 0.6399 0.5788 0.6982 0.0473  -0.0392 -0.0305 36 GLU A CA  
217 C C   . GLU A 36 ? 0.6234 0.5827 0.6741 0.0460  -0.0303 -0.0296 36 GLU A C   
218 O O   . GLU A 36 ? 0.6136 0.5840 0.6650 0.0429  -0.0226 -0.0245 36 GLU A O   
219 C CB  . GLU A 36 ? 0.6644 0.5956 0.7051 0.0595  -0.0442 -0.0351 36 GLU A CB  
220 C CG  . GLU A 36 ? 0.7253 0.6393 0.7720 0.0606  -0.0497 -0.0335 36 GLU A CG  
221 C CD  . GLU A 36 ? 0.7417 0.6429 0.7697 0.0742  -0.0573 -0.0398 36 GLU A CD  
222 O OE1 . GLU A 36 ? 0.7368 0.6385 0.7454 0.0850  -0.0580 -0.0457 36 GLU A OE1 
223 O OE2 . GLU A 36 ? 0.8029 0.6916 0.8350 0.0749  -0.0603 -0.0374 36 GLU A OE2 
224 N N   . VAL A 37 ? 0.6306 0.5912 0.6724 0.0496  -0.0326 -0.0347 37 VAL A N   
225 C CA  . VAL A 37 ? 0.6023 0.5806 0.6411 0.0477  -0.0239 -0.0330 37 VAL A CA  
226 C C   . VAL A 37 ? 0.5664 0.5512 0.6187 0.0361  -0.0202 -0.0288 37 VAL A C   
227 O O   . VAL A 37 ? 0.5508 0.5483 0.6039 0.0328  -0.0137 -0.0255 37 VAL A O   
228 C CB  . VAL A 37 ? 0.6355 0.6080 0.6597 0.0543  -0.0253 -0.0376 37 VAL A CB  
229 C CG1 . VAL A 37 ? 0.6412 0.6309 0.6669 0.0508  -0.0146 -0.0340 37 VAL A CG1 
230 C CG2 . VAL A 37 ? 0.6673 0.6284 0.6720 0.0692  -0.0263 -0.0413 37 VAL A CG2 
231 N N   . LEU A 38 ? 0.5527 0.5273 0.6169 0.0310  -0.0250 -0.0292 38 LEU A N   
232 C CA  . LEU A 38 ? 0.5315 0.5114 0.6086 0.0222  -0.0185 -0.0241 38 LEU A CA  
233 C C   . LEU A 38 ? 0.5425 0.5231 0.6196 0.0206  -0.0096 -0.0170 38 LEU A C   
234 O O   . LEU A 38 ? 0.5607 0.5471 0.6334 0.0179  -0.0025 -0.0136 38 LEU A O   
235 C CB  . LEU A 38 ? 0.5303 0.5005 0.6287 0.0179  -0.0248 -0.0245 38 LEU A CB  
236 C CG  . LEU A 38 ? 0.5535 0.5180 0.6474 0.0205  -0.0365 -0.0323 38 LEU A CG  
237 C CD1 . LEU A 38 ? 0.5836 0.5354 0.7045 0.0173  -0.0496 -0.0343 38 LEU A CD1 
238 C CD2 . LEU A 38 ? 0.5677 0.5434 0.6541 0.0179  -0.0301 -0.0318 38 LEU A CD2 
239 N N   . PHE A 39 ? 0.5723 0.5431 0.6503 0.0240  -0.0109 -0.0150 39 PHE A N   
240 C CA  . PHE A 39 ? 0.5697 0.5347 0.6407 0.0255  -0.0026 -0.0077 39 PHE A CA  
241 C C   . PHE A 39 ? 0.5601 0.5345 0.6117 0.0293  -0.0026 -0.0091 39 PHE A C   
242 O O   . PHE A 39 ? 0.5563 0.5279 0.5978 0.0290  0.0030  -0.0053 39 PHE A O   
243 C CB  . PHE A 39 ? 0.6016 0.5525 0.6765 0.0290  -0.0046 -0.0051 39 PHE A CB  
244 C CG  . PHE A 39 ? 0.6122 0.5529 0.6711 0.0340  0.0028  0.0020  39 PHE A CG  
245 C CD1 . PHE A 39 ? 0.6508 0.5941 0.6904 0.0415  -0.0029 -0.0014 39 PHE A CD1 
246 C CD2 . PHE A 39 ? 0.6517 0.5783 0.7162 0.0329  0.0155  0.0125  39 PHE A CD2 
247 C CE1 . PHE A 39 ? 0.6672 0.5968 0.6875 0.0483  0.0008  0.0043  39 PHE A CE1 
248 C CE2 . PHE A 39 ? 0.6741 0.5850 0.7161 0.0404  0.0231  0.0197  39 PHE A CE2 
249 C CZ  . PHE A 39 ? 0.6729 0.5843 0.6906 0.0482  0.0139  0.0147  39 PHE A CZ  
250 N N   . TYR A 40 ? 0.5479 0.5318 0.5959 0.0337  -0.0092 -0.0147 40 TYR A N   
251 C CA  . TYR A 40 ? 0.5732 0.5685 0.6143 0.0371  -0.0118 -0.0160 40 TYR A CA  
252 C C   . TYR A 40 ? 0.5432 0.5496 0.5872 0.0313  -0.0102 -0.0168 40 TYR A C   
253 O O   . TYR A 40 ? 0.5661 0.5741 0.6048 0.0320  -0.0135 -0.0164 40 TYR A O   
254 C CB  . TYR A 40 ? 0.5660 0.5700 0.6106 0.0439  -0.0156 -0.0198 40 TYR A CB  
255 C CG  . TYR A 40 ? 0.6133 0.6060 0.6521 0.0512  -0.0190 -0.0192 40 TYR A CG  
256 C CD1 . TYR A 40 ? 0.6329 0.6173 0.6622 0.0545  -0.0213 -0.0160 40 TYR A CD1 
257 C CD2 . TYR A 40 ? 0.6238 0.6097 0.6618 0.0566  -0.0213 -0.0223 40 TYR A CD2 
258 C CE1 . TYR A 40 ? 0.6722 0.6445 0.6946 0.0619  -0.0244 -0.0149 40 TYR A CE1 
259 C CE2 . TYR A 40 ? 0.6609 0.6347 0.6933 0.0635  -0.0251 -0.0219 40 TYR A CE2 
260 C CZ  . TYR A 40 ? 0.6805 0.6486 0.7065 0.0656  -0.0259 -0.0177 40 TYR A CZ  
261 O OH  . TYR A 40 ? 0.7461 0.7011 0.7654 0.0732  -0.0295 -0.0171 40 TYR A OH  
262 N N   . LEU A 41 ? 0.5510 0.5615 0.6016 0.0267  -0.0075 -0.0183 41 LEU A N   
263 C CA  . LEU A 41 ? 0.5608 0.5791 0.6135 0.0211  -0.0056 -0.0185 41 LEU A CA  
264 C C   . LEU A 41 ? 0.5461 0.5541 0.5902 0.0189  -0.0030 -0.0153 41 LEU A C   
265 O O   . LEU A 41 ? 0.5720 0.5808 0.6094 0.0183  -0.0058 -0.0156 41 LEU A O   
266 C CB  . LEU A 41 ? 0.5665 0.5865 0.6238 0.0178  -0.0034 -0.0202 41 LEU A CB  
267 C CG  . LEU A 41 ? 0.5667 0.5929 0.6238 0.0229  -0.0033 -0.0227 41 LEU A CG  
268 C CD1 . LEU A 41 ? 0.5751 0.5923 0.6278 0.0235  -0.0047 -0.0255 41 LEU A CD1 
269 C CD2 . LEU A 41 ? 0.5680 0.6087 0.6320 0.0211  0.0004  -0.0211 41 LEU A CD2 
270 N N   . GLY A 42 ? 0.5577 0.5540 0.6027 0.0186  0.0025  -0.0116 42 GLY A N   
271 C CA  . GLY A 42 ? 0.5886 0.5704 0.6223 0.0201  0.0103  -0.0058 42 GLY A CA  
272 C C   . GLY A 42 ? 0.6028 0.5735 0.6129 0.0275  0.0069  -0.0048 42 GLY A C   
273 O O   . GLY A 42 ? 0.6042 0.5651 0.5960 0.0301  0.0073  -0.0042 42 GLY A O   
274 N N   . GLN A 43 ? 0.5919 0.5614 0.5998 0.0324  0.0014  -0.0056 43 GLN A N   
275 C CA  . GLN A 43 ? 0.5985 0.5551 0.5843 0.0410  -0.0049 -0.0053 43 GLN A CA  
276 C C   . GLN A 43 ? 0.6030 0.5671 0.5856 0.0409  -0.0178 -0.0113 43 GLN A C   
277 O O   . GLN A 43 ? 0.6255 0.5712 0.5825 0.0474  -0.0239 -0.0118 43 GLN A O   
278 C CB  . GLN A 43 ? 0.6079 0.5662 0.5983 0.0455  -0.0100 -0.0060 43 GLN A CB  
279 C CG  . GLN A 43 ? 0.6314 0.5747 0.5982 0.0559  -0.0196 -0.0063 43 GLN A CG  
280 C CD  . GLN A 43 ? 0.6626 0.6030 0.6305 0.0622  -0.0231 -0.0058 43 GLN A CD  
281 O OE1 . GLN A 43 ? 0.6417 0.5865 0.6245 0.0591  -0.0173 -0.0045 43 GLN A OE1 
282 N NE2 . GLN A 43 ? 0.6576 0.5904 0.6113 0.0713  -0.0359 -0.0082 43 GLN A NE2 
283 N N   . TYR A 44 ? 0.5629 0.5506 0.5706 0.0344  -0.0217 -0.0154 44 TYR A N   
284 C CA  . TYR A 44 ? 0.5613 0.5610 0.5801 0.0320  -0.0333 -0.0199 44 TYR A CA  
285 C C   . TYR A 44 ? 0.5606 0.5483 0.5645 0.0295  -0.0336 -0.0204 44 TYR A C   
286 O O   . TYR A 44 ? 0.6023 0.5783 0.5933 0.0336  -0.0468 -0.0236 44 TYR A O   
287 C CB  . TYR A 44 ? 0.5570 0.5814 0.6052 0.0262  -0.0299 -0.0209 44 TYR A CB  
288 C CG  . TYR A 44 ? 0.5516 0.5908 0.6221 0.0227  -0.0386 -0.0229 44 TYR A CG  
289 C CD1 . TYR A 44 ? 0.5710 0.6212 0.6616 0.0267  -0.0487 -0.0240 44 TYR A CD1 
290 C CD2 . TYR A 44 ? 0.5763 0.6191 0.6529 0.0153  -0.0364 -0.0230 44 TYR A CD2 
291 C CE1 . TYR A 44 ? 0.5921 0.6573 0.7139 0.0224  -0.0566 -0.0245 44 TYR A CE1 
292 C CE2 . TYR A 44 ? 0.5547 0.6110 0.6583 0.0108  -0.0435 -0.0236 44 TYR A CE2 
293 C CZ  . TYR A 44 ? 0.5849 0.6524 0.7131 0.0140  -0.0541 -0.0241 44 TYR A CZ  
294 O OH  . TYR A 44 ? 0.6231 0.7048 0.7874 0.0084  -0.0609 -0.0234 44 TYR A OH  
295 N N   . ILE A 45 ? 0.5582 0.5457 0.5625 0.0247  -0.0209 -0.0177 45 ILE A N   
296 C CA  . ILE A 45 ? 0.6031 0.5786 0.5928 0.0235  -0.0183 -0.0176 45 ILE A CA  
297 C C   . ILE A 45 ? 0.6468 0.5920 0.5994 0.0342  -0.0180 -0.0155 45 ILE A C   
298 O O   . ILE A 45 ? 0.6555 0.5854 0.5879 0.0377  -0.0262 -0.0187 45 ILE A O   
299 C CB  . ILE A 45 ? 0.5779 0.5602 0.5797 0.0173  -0.0048 -0.0146 45 ILE A CB  
300 C CG1 . ILE A 45 ? 0.5507 0.5551 0.5773 0.0097  -0.0072 -0.0176 45 ILE A CG1 
301 C CG2 . ILE A 45 ? 0.6021 0.5704 0.5881 0.0181  0.0005  -0.0134 45 ILE A CG2 
302 C CD1 . ILE A 45 ? 0.5526 0.5617 0.5903 0.0062  0.0014  -0.0161 45 ILE A CD1 
303 N N   . MET A 46 ? 0.6267 0.5591 0.5670 0.0407  -0.0080 -0.0096 46 MET A N   
304 C CA  . MET A 46 ? 0.6603 0.5594 0.5603 0.0535  -0.0024 -0.0051 46 MET A CA  
305 C C   . MET A 46 ? 0.6897 0.5715 0.5630 0.0636  -0.0230 -0.0109 46 MET A C   
306 O O   . MET A 46 ? 0.7599 0.6111 0.5930 0.0748  -0.0286 -0.0124 46 MET A O   
307 C CB  . MET A 46 ? 0.6507 0.5389 0.5480 0.0580  0.0166  0.0052  46 MET A CB  
308 C CG  . MET A 46 ? 0.6686 0.5704 0.5971 0.0491  0.0341  0.0111  46 MET A CG  
309 S SD  . MET A 46 ? 0.6689 0.5657 0.5932 0.0484  0.0456  0.0133  46 MET A SD  
310 C CE  . MET A 46 ? 0.7147 0.5710 0.5939 0.0665  0.0642  0.0243  46 MET A CE  
311 N N   . THR A 47 ? 0.6894 0.5866 0.5818 0.0619  -0.0351 -0.0143 47 THR A N   
312 C CA  . THR A 47 ? 0.7009 0.5831 0.5745 0.0719  -0.0568 -0.0197 47 THR A CA  
313 C C   . THR A 47 ? 0.7415 0.6280 0.6243 0.0692  -0.0805 -0.0291 47 THR A C   
314 O O   . THR A 47 ? 0.7474 0.6089 0.6034 0.0805  -0.1019 -0.0347 47 THR A O   
315 C CB  . THR A 47 ? 0.7014 0.5962 0.5923 0.0733  -0.0621 -0.0198 47 THR A CB  
316 O OG1 . THR A 47 ? 0.6320 0.5644 0.5704 0.0608  -0.0619 -0.0219 47 THR A OG1 
317 C CG2 . THR A 47 ? 0.7224 0.6022 0.5968 0.0784  -0.0415 -0.0101 47 THR A CG2 
318 N N   . LYS A 48 ? 0.7150 0.6291 0.6339 0.0555  -0.0777 -0.0306 48 LYS A N   
319 C CA  . LYS A 48 ? 0.7678 0.6864 0.7021 0.0505  -0.0971 -0.0379 48 LYS A CA  
320 C C   . LYS A 48 ? 0.7692 0.6663 0.6756 0.0517  -0.0943 -0.0389 48 LYS A C   
321 O O   . LYS A 48 ? 0.7531 0.6486 0.6686 0.0479  -0.1112 -0.0451 48 LYS A O   
322 C CB  . LYS A 48 ? 0.7386 0.6981 0.7292 0.0361  -0.0939 -0.0372 48 LYS A CB  
323 C CG  . LYS A 48 ? 0.7701 0.7465 0.7852 0.0386  -0.0996 -0.0369 48 LYS A CG  
324 C CD  . LYS A 48 ? 0.7904 0.8029 0.8588 0.0289  -0.0964 -0.0353 48 LYS A CD  
325 C CE  . LYS A 48 ? 0.8357 0.8554 0.9366 0.0237  -0.1164 -0.0394 48 LYS A CE  
326 N NZ  . LYS A 48 ? 0.8750 0.9006 1.0031 0.0287  -0.1388 -0.0428 48 LYS A NZ  
327 N N   . ARG A 49 ? 0.7626 0.6436 0.6395 0.0570  -0.0722 -0.0323 49 ARG A N   
328 C CA  . ARG A 49 ? 0.8066 0.6675 0.6563 0.0601  -0.0619 -0.0309 49 ARG A CA  
329 C C   . ARG A 49 ? 0.7419 0.6259 0.6252 0.0457  -0.0645 -0.0342 49 ARG A C   
330 O O   . ARG A 49 ? 0.7390 0.6054 0.6063 0.0481  -0.0777 -0.0398 49 ARG A O   
331 C CB  . ARG A 49 ? 0.8850 0.6996 0.6785 0.0782  -0.0774 -0.0355 49 ARG A CB  
332 C CG  . ARG A 49 ? 0.9570 0.7388 0.7058 0.0892  -0.0628 -0.0323 49 ARG A CG  
333 C CD  . ARG A 49 ? 1.0543 0.7813 0.7345 0.1125  -0.0772 -0.0363 49 ARG A CD  
334 N NE  . ARG A 49 ? 1.1403 0.8303 0.7691 0.1283  -0.0554 -0.0300 49 ARG A NE  
335 C CZ  . ARG A 49 ? 1.2259 0.8604 0.7825 0.1534  -0.0580 -0.0302 49 ARG A CZ  
336 N NH1 . ARG A 49 ? 1.2613 0.8677 0.7848 0.1661  -0.0857 -0.0378 49 ARG A NH1 
337 N NH2 . ARG A 49 ? 1.2899 0.8948 0.8057 0.1677  -0.0318 -0.0221 49 ARG A NH2 
338 N N   . LEU A 50 ? 0.7033 0.6205 0.6264 0.0331  -0.0523 -0.0308 50 LEU A N   
339 C CA  . LEU A 50 ? 0.6987 0.6356 0.6504 0.0209  -0.0514 -0.0321 50 LEU A CA  
340 C C   . LEU A 50 ? 0.7166 0.6480 0.6581 0.0200  -0.0341 -0.0283 50 LEU A C   
341 O O   . LEU A 50 ? 0.7435 0.6883 0.7044 0.0110  -0.0317 -0.0288 50 LEU A O   
342 C CB  . LEU A 50 ? 0.6680 0.6379 0.6603 0.0114  -0.0466 -0.0298 50 LEU A CB  
343 C CG  . LEU A 50 ? 0.6790 0.6588 0.6895 0.0126  -0.0611 -0.0323 50 LEU A CG  
344 C CD1 . LEU A 50 ? 0.6844 0.6939 0.7299 0.0061  -0.0510 -0.0287 50 LEU A CD1 
345 C CD2 . LEU A 50 ? 0.7177 0.6944 0.7410 0.0100  -0.0830 -0.0380 50 LEU A CD2 
346 N N   . TYR A 51 ? 0.7179 0.6304 0.6326 0.0298  -0.0198 -0.0232 51 TYR A N   
347 C CA  . TYR A 51 ? 0.7081 0.6156 0.6185 0.0311  -0.0001 -0.0175 51 TYR A CA  
348 C C   . TYR A 51 ? 0.7559 0.6334 0.6292 0.0406  -0.0031 -0.0201 51 TYR A C   
349 O O   . TYR A 51 ? 0.8128 0.6650 0.6536 0.0500  -0.0185 -0.0252 51 TYR A O   
350 C CB  . TYR A 51 ? 0.6952 0.5987 0.6045 0.0368  0.0192  -0.0085 51 TYR A CB  
351 C CG  . TYR A 51 ? 0.7091 0.5834 0.5798 0.0514  0.0204  -0.0056 51 TYR A CG  
352 C CD1 . TYR A 51 ? 0.7381 0.5781 0.5660 0.0662  0.0294  -0.0024 51 TYR A CD1 
353 C CD2 . TYR A 51 ? 0.7015 0.5780 0.5728 0.0530  0.0123  -0.0062 51 TYR A CD2 
354 C CE1 . TYR A 51 ? 0.7994 0.6048 0.5813 0.0831  0.0302  0.0003  51 TYR A CE1 
355 C CE2 . TYR A 51 ? 0.7301 0.5747 0.5597 0.0685  0.0117  -0.0038 51 TYR A CE2 
356 C CZ  . TYR A 51 ? 0.7720 0.5799 0.5556 0.0840  0.0218  0.0000  51 TYR A CZ  
357 O OH  . TYR A 51 ? 0.8273 0.5983 0.5622 0.1020  0.0215  0.0028  51 TYR A OH  
358 N N   . ASP A 52 ? 0.7901 0.6672 0.6660 0.0396  0.0096  -0.0174 52 ASP A N   
359 C CA  . ASP A 52 ? 0.8475 0.6935 0.6853 0.0504  0.0083  -0.0199 52 ASP A CA  
360 C C   . ASP A 52 ? 0.8889 0.7018 0.6840 0.0695  0.0248  -0.0127 52 ASP A C   
361 O O   . ASP A 52 ? 0.8478 0.6684 0.6574 0.0709  0.0474  -0.0027 52 ASP A O   
362 C CB  . ASP A 52 ? 0.8228 0.6799 0.6792 0.0446  0.0193  -0.0179 52 ASP A CB  
363 C CG  . ASP A 52 ? 0.8913 0.7150 0.7075 0.0569  0.0196  -0.0203 52 ASP A CG  
364 O OD1 . ASP A 52 ? 0.8967 0.7101 0.7019 0.0547  -0.0019 -0.0294 52 ASP A OD1 
365 O OD2 . ASP A 52 ? 0.9017 0.7070 0.6967 0.0702  0.0410  -0.0129 52 ASP A OD2 
366 N N   . GLU A 53 ? 1.0179 0.7910 0.7601 0.0853  0.0135  -0.0175 53 GLU A N   
367 C CA  . GLU A 53 ? 1.1095 0.8428 0.7996 0.1079  0.0312  -0.0095 53 GLU A CA  
368 C C   . GLU A 53 ? 1.0913 0.8178 0.7790 0.1162  0.0657  0.0029  53 GLU A C   
369 O O   . GLU A 53 ? 1.0810 0.7942 0.7565 0.1278  0.0907  0.0152  53 GLU A O   
370 C CB  . GLU A 53 ? 1.2534 0.9362 0.8765 0.1272  0.0097  -0.0185 53 GLU A CB  
371 C CG  . GLU A 53 ? 1.3611 1.0347 0.9701 0.1314  -0.0096 -0.0223 53 GLU A CG  
372 C CD  . GLU A 53 ? 1.3934 1.1116 1.0620 0.1084  -0.0342 -0.0304 53 GLU A CD  
373 O OE1 . GLU A 53 ? 1.4589 1.1802 1.1390 0.1007  -0.0615 -0.0416 53 GLU A OE1 
374 O OE2 . GLU A 53 ? 1.2964 1.0453 1.0018 0.0985  -0.0260 -0.0250 53 GLU A OE2 
375 N N   . LYS A 54 ? 1.0903 0.8266 0.7939 0.1103  0.0672  0.0003  54 LYS A N   
376 C CA  . LYS A 54 ? 1.1142 0.8446 0.8192 0.1189  0.0971  0.0107  54 LYS A CA  
377 C C   . LYS A 54 ? 1.0371 0.8107 0.8100 0.1031  0.1135  0.0189  54 LYS A C   
378 O O   . LYS A 54 ? 1.0182 0.7910 0.8050 0.1102  0.1421  0.0316  54 LYS A O   
379 C CB  . LYS A 54 ? 1.1735 0.8878 0.8570 0.1227  0.0874  0.0025  54 LYS A CB  
380 C CG  . LYS A 54 ? 1.2871 0.9444 0.8920 0.1463  0.0775  -0.0035 54 LYS A CG  
381 C CD  . LYS A 54 ? 1.3330 0.9718 0.9171 0.1506  0.0682  -0.0115 54 LYS A CD  
382 C CE  . LYS A 54 ? 1.4339 1.0097 0.9348 0.1760  0.0540  -0.0195 54 LYS A CE  
383 N NZ  . LYS A 54 ? 1.4850 1.0504 0.9790 0.1722  0.0310  -0.0321 54 LYS A NZ  
384 N N   . GLN A 55 ? 0.9258 0.7355 0.7423 0.0825  0.0946  0.0116  55 GLN A N   
385 C CA  . GLN A 55 ? 0.9128 0.7582 0.7884 0.0689  0.1039  0.0172  55 GLN A CA  
386 C C   . GLN A 55 ? 0.8359 0.7041 0.7362 0.0563  0.0895  0.0136  55 GLN A C   
387 O O   . GLN A 55 ? 0.7846 0.6722 0.7011 0.0435  0.0693  0.0044  55 GLN A O   
388 C CB  . GLN A 55 ? 0.9356 0.7978 0.8347 0.0593  0.0963  0.0115  55 GLN A CB  
389 C CG  . GLN A 55 ? 1.0367 0.8851 0.9305 0.0711  0.1178  0.0188  55 GLN A CG  
390 C CD  . GLN A 55 ? 1.1087 0.9771 1.0337 0.0608  0.1105  0.0143  55 GLN A CD  
391 O OE1 . GLN A 55 ? 1.1530 1.0200 1.0640 0.0546  0.0905  0.0040  55 GLN A OE1 
392 N NE2 . GLN A 55 ? 1.1396 1.0268 1.1111 0.0584  0.1253  0.0221  55 GLN A NE2 
393 N N   . GLN A 56 ? 0.8100 0.6729 0.7108 0.0615  0.1018  0.0219  56 GLN A N   
394 C CA  . GLN A 56 ? 0.8150 0.6882 0.7226 0.0553  0.0887  0.0187  56 GLN A CA  
395 C C   . GLN A 56 ? 0.7323 0.6398 0.6907 0.0391  0.0811  0.0162  56 GLN A C   
396 O O   . GLN A 56 ? 0.7106 0.6285 0.6746 0.0336  0.0679  0.0116  56 GLN A O   
397 C CB  . GLN A 56 ? 0.8474 0.6975 0.7314 0.0682  0.1038  0.0285  56 GLN A CB  
398 C CG  . GLN A 56 ? 0.9249 0.7334 0.7477 0.0884  0.1110  0.0305  56 GLN A CG  
399 C CD  . GLN A 56 ? 0.9928 0.7707 0.7779 0.1041  0.1221  0.0388  56 GLN A CD  
400 O OE1 . GLN A 56 ? 1.0071 0.7969 0.8170 0.0992  0.1280  0.0448  56 GLN A OE1 
401 N NE2 . GLN A 56 ? 1.0738 0.8092 0.7952 0.1242  0.1233  0.0385  56 GLN A NE2 
402 N N   . HIS A 57 ? 0.7188 0.6408 0.7107 0.0335  0.0879  0.0185  57 HIS A N   
403 C CA  . HIS A 57 ? 0.7055 0.6533 0.7380 0.0208  0.0774  0.0146  57 HIS A CA  
404 C C   . HIS A 57 ? 0.6403 0.5975 0.6653 0.0138  0.0587  0.0039  57 HIS A C   
405 O O   . HIS A 57 ? 0.6394 0.6129 0.6846 0.0059  0.0481  -0.0005 57 HIS A O   
406 C CB  . HIS A 57 ? 0.7463 0.7030 0.8192 0.0191  0.0886  0.0207  57 HIS A CB  
407 C CG  . HIS A 57 ? 0.8168 0.7683 0.8828 0.0226  0.0942  0.0207  57 HIS A CG  
408 N ND1 . HIS A 57 ? 0.8850 0.8148 0.9219 0.0352  0.1115  0.0269  57 HIS A ND1 
409 C CD2 . HIS A 57 ? 0.8584 0.8201 0.9374 0.0172  0.0846  0.0148  57 HIS A CD2 
410 C CE1 . HIS A 57 ? 0.9021 0.8307 0.9369 0.0366  0.1118  0.0244  57 HIS A CE1 
411 N NE2 . HIS A 57 ? 0.8727 0.8211 0.9335 0.0252  0.0952  0.0172  57 HIS A NE2 
412 N N   . ILE A 58 ? 0.6872 0.6313 0.6811 0.0176  0.0539  0.0000  58 ILE A N   
413 C CA  . ILE A 58 ? 0.6873 0.6395 0.6788 0.0102  0.0375  -0.0084 58 ILE A CA  
414 C C   . ILE A 58 ? 0.6425 0.5952 0.6235 0.0090  0.0244  -0.0127 58 ILE A C   
415 O O   . ILE A 58 ? 0.7042 0.6391 0.6589 0.0171  0.0224  -0.0127 58 ILE A O   
416 C CB  . ILE A 58 ? 0.7124 0.6499 0.6834 0.0132  0.0357  -0.0112 58 ILE A CB  
417 C CG1 . ILE A 58 ? 0.7732 0.7098 0.7556 0.0159  0.0493  -0.0067 58 ILE A CG1 
418 C CG2 . ILE A 58 ? 0.6990 0.6451 0.6751 0.0044  0.0204  -0.0178 58 ILE A CG2 
419 C CD1 . ILE A 58 ? 0.7892 0.7474 0.8101 0.0084  0.0497  -0.0054 58 ILE A CD1 
420 N N   . VAL A 59 ? 0.6449 0.6165 0.6458 0.0006  0.0156  -0.0161 59 VAL A N   
421 C CA  . VAL A 59 ? 0.6307 0.6086 0.6329 -0.0012 0.0041  -0.0192 59 VAL A CA  
422 C C   . VAL A 59 ? 0.6171 0.6029 0.6295 -0.0082 -0.0058 -0.0229 59 VAL A C   
423 O O   . VAL A 59 ? 0.6496 0.6463 0.6763 -0.0136 -0.0026 -0.0221 59 VAL A O   
424 C CB  . VAL A 59 ? 0.5729 0.5661 0.5933 -0.0029 0.0061  -0.0178 59 VAL A CB  
425 C CG1 . VAL A 59 ? 0.5679 0.5694 0.5938 -0.0037 -0.0039 -0.0202 59 VAL A CG1 
426 C CG2 . VAL A 59 ? 0.6193 0.6044 0.6360 0.0027  0.0152  -0.0132 59 VAL A CG2 
427 N N   . TYR A 60 ? 0.6637 0.6419 0.6695 -0.0074 -0.0187 -0.0263 60 TYR A N   
428 C CA  . TYR A 60 ? 0.7171 0.7058 0.7447 -0.0150 -0.0290 -0.0281 60 TYR A CA  
429 C C   . TYR A 60 ? 0.7176 0.7265 0.7692 -0.0167 -0.0289 -0.0261 60 TYR A C   
430 O O   . TYR A 60 ? 0.8043 0.8139 0.8626 -0.0148 -0.0407 -0.0281 60 TYR A O   
431 C CB  . TYR A 60 ? 0.7673 0.7363 0.7815 -0.0129 -0.0463 -0.0335 60 TYR A CB  
432 C CG  . TYR A 60 ? 0.8166 0.7605 0.7982 -0.0069 -0.0442 -0.0354 60 TYR A CG  
433 C CD1 . TYR A 60 ? 0.8246 0.7687 0.8092 -0.0114 -0.0375 -0.0343 60 TYR A CD1 
434 C CD2 . TYR A 60 ? 0.8694 0.7865 0.8136 0.0056  -0.0469 -0.0374 60 TYR A CD2 
435 C CE1 . TYR A 60 ? 0.8410 0.7624 0.7965 -0.0042 -0.0336 -0.0355 60 TYR A CE1 
436 C CE2 . TYR A 60 ? 0.9039 0.7959 0.8152 0.0142  -0.0407 -0.0376 60 TYR A CE2 
437 C CZ  . TYR A 60 ? 0.8676 0.7629 0.7865 0.0090  -0.0342 -0.0369 60 TYR A CZ  
438 O OH  . TYR A 60 ? 0.8711 0.7411 0.7580 0.0192  -0.0273 -0.0370 60 TYR A OH  
445 N N   . SER A 62 ? 0.7882 0.8199 0.9204 -0.0352 -0.0513 -0.0241 62 SER A N   
446 C CA  . SER A 62 ? 0.8009 0.8344 0.9650 -0.0396 -0.0707 -0.0261 62 SER A CA  
447 C C   . SER A 62 ? 0.7838 0.8344 0.9751 -0.0369 -0.0747 -0.0246 62 SER A C   
448 O O   . SER A 62 ? 0.7338 0.8002 0.9730 -0.0424 -0.0803 -0.0210 62 SER A O   
449 C CB  . SER A 62 ? 0.8394 0.8438 0.9751 -0.0358 -0.0934 -0.0355 62 SER A CB  
450 O OG  . SER A 62 ? 0.8736 0.8624 0.9680 -0.0245 -0.0949 -0.0396 62 SER A OG  
451 N N   . ASN A 63 ? 0.7836 0.8312 0.9479 -0.0282 -0.0713 -0.0266 63 ASN A N   
452 C CA  . ASN A 63 ? 0.7780 0.8407 0.9630 -0.0238 -0.0733 -0.0252 63 ASN A CA  
453 C C   . ASN A 63 ? 0.7629 0.8514 0.9831 -0.0266 -0.0532 -0.0160 63 ASN A C   
454 O O   . ASN A 63 ? 0.8000 0.8903 1.0039 -0.0254 -0.0335 -0.0120 63 ASN A O   
455 C CB  . ASN A 63 ? 0.7614 0.8134 0.9082 -0.0142 -0.0700 -0.0277 63 ASN A CB  
456 C CG  . ASN A 63 ? 0.7307 0.7979 0.8976 -0.0091 -0.0706 -0.0260 63 ASN A CG  
457 O OD1 . ASN A 63 ? 0.7119 0.7928 0.8842 -0.0072 -0.0531 -0.0211 63 ASN A OD1 
458 N ND2 . ASN A 63 ? 0.7176 0.7795 0.8931 -0.0054 -0.0922 -0.0306 63 ASN A ND2 
459 N N   . ASP A 64 ? 0.7411 0.8475 1.0101 -0.0286 -0.0586 -0.0124 64 ASP A N   
460 C CA  . ASP A 64 ? 0.7541 0.8820 1.0598 -0.0307 -0.0364 -0.0012 64 ASP A CA  
461 C C   . ASP A 64 ? 0.7252 0.8579 1.0081 -0.0210 -0.0154 0.0022  64 ASP A C   
462 O O   . ASP A 64 ? 0.7893 0.9253 1.0682 -0.0190 0.0072  0.0097  64 ASP A O   
463 C CB  . ASP A 64 ? 0.7657 0.9145 1.1398 -0.0346 -0.0443 0.0042  64 ASP A CB  
464 C CG  . ASP A 64 ? 0.7805 0.9293 1.1923 -0.0466 -0.0520 0.0072  64 ASP A CG  
465 O OD1 . ASP A 64 ? 0.8348 0.9636 1.2153 -0.0513 -0.0593 0.0018  64 ASP A OD1 
466 O OD2 . ASP A 64 ? 0.8194 0.9882 1.2955 -0.0513 -0.0492 0.0159  64 ASP A OD2 
467 N N   . LEU A 65 ? 0.6657 0.7959 0.9328 -0.0136 -0.0237 -0.0030 65 LEU A N   
468 C CA  . LEU A 65 ? 0.6629 0.7971 0.9150 -0.0040 -0.0070 -0.0001 65 LEU A CA  
469 C C   . LEU A 65 ? 0.6562 0.7743 0.8639 -0.0030 0.0041  -0.0016 65 LEU A C   
470 O O   . LEU A 65 ? 0.6091 0.7277 0.8096 0.0016  0.0224  0.0037  65 LEU A O   
471 C CB  . LEU A 65 ? 0.6612 0.7932 0.9055 0.0029  -0.0206 -0.0056 65 LEU A CB  
472 C CG  . LEU A 65 ? 0.6765 0.8082 0.9025 0.0135  -0.0088 -0.0047 65 LEU A CG  
473 C CD1 . LEU A 65 ? 0.6879 0.8327 0.9316 0.0196  0.0137  0.0039  65 LEU A CD1 
474 C CD2 . LEU A 65 ? 0.6626 0.7957 0.8948 0.0197  -0.0235 -0.0083 65 LEU A CD2 
475 N N   . LEU A 66 ? 0.6310 0.7329 0.8106 -0.0065 -0.0074 -0.0082 66 LEU A N   
476 C CA  . LEU A 66 ? 0.6566 0.7441 0.8012 -0.0055 -0.0007 -0.0102 66 LEU A CA  
477 C C   . LEU A 66 ? 0.6447 0.7318 0.7909 -0.0093 0.0100  -0.0062 66 LEU A C   
478 O O   . LEU A 66 ? 0.6175 0.6996 0.7475 -0.0045 0.0209  -0.0046 66 LEU A O   
479 C CB  . LEU A 66 ? 0.6722 0.7434 0.7923 -0.0070 -0.0121 -0.0160 66 LEU A CB  
480 C CG  . LEU A 66 ? 0.6773 0.7360 0.7710 -0.0053 -0.0059 -0.0174 66 LEU A CG  
481 C CD1 . LEU A 66 ? 0.6589 0.7175 0.7459 0.0013  0.0002  -0.0172 66 LEU A CD1 
482 C CD2 . LEU A 66 ? 0.6834 0.7266 0.7580 -0.0050 -0.0128 -0.0203 66 LEU A CD2 
483 N N   . GLY A 67 ? 0.6530 0.7436 0.8199 -0.0171 0.0053  -0.0045 67 GLY A N   
484 C CA  . GLY A 67 ? 0.6791 0.7694 0.8523 -0.0210 0.0164  0.0011  67 GLY A CA  
485 C C   . GLY A 67 ? 0.6447 0.7422 0.8270 -0.0149 0.0369  0.0101  67 GLY A C   
486 O O   . GLY A 67 ? 0.7114 0.7983 0.8721 -0.0113 0.0483  0.0128  67 GLY A O   
487 N N   . ASP A 68 ? 0.6287 0.7417 0.8408 -0.0114 0.0418  0.0151  68 ASP A N   
488 C CA  . ASP A 68 ? 0.6540 0.7723 0.8733 -0.0022 0.0645  0.0250  68 ASP A CA  
489 C C   . ASP A 68 ? 0.6612 0.7635 0.8340 0.0110  0.0721  0.0218  68 ASP A C   
490 O O   . ASP A 68 ? 0.6727 0.7661 0.8294 0.0211  0.0906  0.0285  68 ASP A O   
491 C CB  . ASP A 68 ? 0.6763 0.8154 0.9397 -0.0001 0.0660  0.0299  68 ASP A CB  
492 C CG  . ASP A 68 ? 0.6977 0.8527 1.0183 -0.0122 0.0583  0.0347  68 ASP A CG  
493 O OD1 . ASP A 68 ? 0.6995 0.8481 1.0246 -0.0223 0.0523  0.0345  68 ASP A OD1 
494 O OD2 . ASP A 68 ? 0.7137 0.8865 1.0766 -0.0109 0.0559  0.0381  68 ASP A OD2 
495 N N   . LEU A 69 ? 0.6188 0.7145 0.7696 0.0119  0.0570  0.0119  69 LEU A N   
496 C CA  . LEU A 69 ? 0.6241 0.7036 0.7376 0.0235  0.0599  0.0080  69 LEU A CA  
497 C C   . LEU A 69 ? 0.6212 0.6821 0.7054 0.0245  0.0620  0.0068  69 LEU A C   
498 O O   . LEU A 69 ? 0.6042 0.6483 0.6590 0.0367  0.0687  0.0068  69 LEU A O   
499 C CB  . LEU A 69 ? 0.6218 0.6979 0.7250 0.0226  0.0437  -0.0009 69 LEU A CB  
500 C CG  . LEU A 69 ? 0.6214 0.7111 0.7458 0.0251  0.0402  -0.0005 69 LEU A CG  
501 C CD1 . LEU A 69 ? 0.6718 0.7540 0.7826 0.0237  0.0253  -0.0080 69 LEU A CD1 
502 C CD2 . LEU A 69 ? 0.6464 0.7374 0.7697 0.0387  0.0541  0.0040  69 LEU A CD2 
503 N N   . PHE A 70 ? 0.6276 0.6890 0.7182 0.0131  0.0552  0.0055  70 PHE A N   
504 C CA  . PHE A 70 ? 0.6471 0.6916 0.7135 0.0135  0.0559  0.0045  70 PHE A CA  
505 C C   . PHE A 70 ? 0.6613 0.6985 0.7214 0.0197  0.0740  0.0140  70 PHE A C   
506 O O   . PHE A 70 ? 0.7237 0.7400 0.7514 0.0274  0.0756  0.0128  70 PHE A O   
507 C CB  . PHE A 70 ? 0.6300 0.6748 0.7018 0.0014  0.0436  0.0000  70 PHE A CB  
508 C CG  . PHE A 70 ? 0.5929 0.6338 0.6559 0.0001  0.0304  -0.0081 70 PHE A CG  
509 C CD1 . PHE A 70 ? 0.6072 0.6341 0.6510 0.0038  0.0252  -0.0126 70 PHE A CD1 
510 C CD2 . PHE A 70 ? 0.5796 0.6298 0.6560 -0.0039 0.0232  -0.0102 70 PHE A CD2 
511 C CE1 . PHE A 70 ? 0.6199 0.6445 0.6642 0.0021  0.0159  -0.0176 70 PHE A CE1 
512 C CE2 . PHE A 70 ? 0.5827 0.6272 0.6513 -0.0040 0.0153  -0.0150 70 PHE A CE2 
513 C CZ  . PHE A 70 ? 0.6258 0.6590 0.6816 -0.0017 0.0131  -0.0179 70 PHE A CZ  
514 N N   . GLY A 71 ? 0.6878 0.7398 0.7789 0.0179  0.0881  0.0241  71 GLY A N   
515 C CA  . GLY A 71 ? 0.7100 0.7539 0.7982 0.0244  0.1102  0.0362  71 GLY A CA  
516 C C   . GLY A 71 ? 0.6889 0.7308 0.7874 0.0120  0.1069  0.0382  71 GLY A C   
517 O O   . GLY A 71 ? 0.6721 0.7228 0.7873 -0.0006 0.0901  0.0317  71 GLY A O   
518 N N   . VAL A 72 ? 0.7136 0.7414 0.8002 0.0171  0.1243  0.0481  72 VAL A N   
519 C CA  . VAL A 72 ? 0.7488 0.7739 0.8474 0.0053  0.1211  0.0504  72 VAL A CA  
520 C C   . VAL A 72 ? 0.7023 0.7168 0.7748 0.0006  0.0989  0.0369  72 VAL A C   
521 O O   . VAL A 72 ? 0.7176 0.7145 0.7509 0.0107  0.0939  0.0306  72 VAL A O   
522 C CB  . VAL A 72 ? 0.8251 0.8303 0.9049 0.0142  0.1443  0.0634  72 VAL A CB  
523 C CG1 . VAL A 72 ? 0.8436 0.8468 0.9415 0.0006  0.1406  0.0665  72 VAL A CG1 
524 C CG2 . VAL A 72 ? 0.8645 0.8776 0.9682 0.0225  0.1726  0.0795  72 VAL A CG2 
525 N N   . PRO A 73 ? 0.6793 0.7030 0.7745 -0.0138 0.0838  0.0318  73 PRO A N   
526 C CA  . PRO A 73 ? 0.6839 0.6976 0.7573 -0.0168 0.0667  0.0209  73 PRO A CA  
527 C C   . PRO A 73 ? 0.6692 0.6609 0.7125 -0.0112 0.0709  0.0226  73 PRO A C   
528 O O   . PRO A 73 ? 0.6608 0.6449 0.7063 -0.0103 0.0855  0.0330  73 PRO A O   
529 C CB  . PRO A 73 ? 0.7020 0.7259 0.8044 -0.0304 0.0541  0.0180  73 PRO A CB  
530 C CG  . PRO A 73 ? 0.6974 0.7304 0.8367 -0.0360 0.0653  0.0294  73 PRO A CG  
531 C CD  . PRO A 73 ? 0.7066 0.7477 0.8495 -0.0261 0.0817  0.0364  73 PRO A CD  
532 N N   . SER A 74 ? 0.6857 0.6668 0.7036 -0.0065 0.0589  0.0134  74 SER A N   
533 C CA  . SER A 74 ? 0.6984 0.6574 0.6868 0.0007  0.0579  0.0128  74 SER A CA  
534 C C   . SER A 74 ? 0.7111 0.6678 0.6951 -0.0013 0.0407  0.0024  74 SER A C   
535 O O   . SER A 74 ? 0.7173 0.6867 0.7147 -0.0053 0.0322  -0.0035 74 SER A O   
536 C CB  . SER A 74 ? 0.7528 0.6941 0.7087 0.0174  0.0655  0.0150  74 SER A CB  
537 O OG  . SER A 74 ? 0.7236 0.6662 0.6731 0.0215  0.0507  0.0048  74 SER A OG  
538 N N   . PHE A 75 ? 0.7118 0.6516 0.6786 0.0019  0.0363  0.0011  75 PHE A N   
539 C CA  . PHE A 75 ? 0.6592 0.5958 0.6245 0.0028  0.0214  -0.0076 75 PHE A CA  
540 C C   . PHE A 75 ? 0.6871 0.5993 0.6233 0.0154  0.0149  -0.0096 75 PHE A C   
541 O O   . PHE A 75 ? 0.6776 0.5717 0.5889 0.0232  0.0239  -0.0035 75 PHE A O   
542 C CB  . PHE A 75 ? 0.6718 0.6146 0.6530 -0.0070 0.0186  -0.0088 75 PHE A CB  
543 C CG  . PHE A 75 ? 0.6678 0.5977 0.6404 -0.0084 0.0233  -0.0039 75 PHE A CG  
544 C CD1 . PHE A 75 ? 0.6904 0.6228 0.6728 -0.0152 0.0343  0.0042  75 PHE A CD1 
545 C CD2 . PHE A 75 ? 0.6882 0.6033 0.6475 -0.0034 0.0164  -0.0069 75 PHE A CD2 
546 C CE1 . PHE A 75 ? 0.6989 0.6174 0.6763 -0.0172 0.0395  0.0101  75 PHE A CE1 
547 C CE2 . PHE A 75 ? 0.7164 0.6167 0.6655 -0.0043 0.0211  -0.0017 75 PHE A CE2 
548 C CZ  . PHE A 75 ? 0.7037 0.6052 0.6611 -0.0115 0.0331  0.0069  75 PHE A CZ  
549 N N   . SER A 76 ? 0.7074 0.6168 0.6475 0.0187  -0.0011 -0.0179 76 SER A N   
550 C CA  . SER A 76 ? 0.7318 0.6161 0.6471 0.0313  -0.0136 -0.0220 76 SER A CA  
551 C C   . SER A 76 ? 0.7311 0.6147 0.6565 0.0270  -0.0181 -0.0229 76 SER A C   
552 O O   . SER A 76 ? 0.6886 0.5911 0.6430 0.0173  -0.0175 -0.0242 76 SER A O   
553 C CB  . SER A 76 ? 0.7198 0.6007 0.6404 0.0379  -0.0321 -0.0309 76 SER A CB  
554 O OG  . SER A 76 ? 0.7477 0.6076 0.6570 0.0477  -0.0505 -0.0369 76 SER A OG  
555 N N   . VAL A 77 ? 0.7309 0.5896 0.6286 0.0366  -0.0223 -0.0223 77 VAL A N   
556 C CA  . VAL A 77 ? 0.7298 0.5834 0.6332 0.0356  -0.0286 -0.0238 77 VAL A CA  
557 C C   . VAL A 77 ? 0.7405 0.6017 0.6717 0.0370  -0.0468 -0.0323 77 VAL A C   
558 O O   . VAL A 77 ? 0.6834 0.5477 0.6299 0.0350  -0.0496 -0.0333 77 VAL A O   
559 C CB  . VAL A 77 ? 0.7797 0.6019 0.6446 0.0472  -0.0299 -0.0210 77 VAL A CB  
560 C CG1 . VAL A 77 ? 0.7954 0.6108 0.6403 0.0456  -0.0078 -0.0097 77 VAL A CG1 
561 C CG2 . VAL A 77 ? 0.8185 0.6139 0.6544 0.0648  -0.0486 -0.0277 77 VAL A CG2 
562 N N   . LYS A 78 ? 0.7632 0.6286 0.7054 0.0402  -0.0576 -0.0376 78 LYS A N   
563 C CA  . LYS A 78 ? 0.7774 0.6541 0.7584 0.0394  -0.0727 -0.0436 78 LYS A CA  
564 C C   . LYS A 78 ? 0.7018 0.6073 0.7197 0.0268  -0.0588 -0.0401 78 LYS A C   
565 O O   . LYS A 78 ? 0.7192 0.6359 0.7740 0.0255  -0.0635 -0.0416 78 LYS A O   
566 C CB  . LYS A 78 ? 0.8232 0.6898 0.8030 0.0475  -0.0912 -0.0506 78 LYS A CB  
567 C CG  . LYS A 78 ? 0.9177 0.7477 0.8550 0.0644  -0.1097 -0.0559 78 LYS A CG  
568 C CD  . LYS A 78 ? 1.0157 0.8290 0.9474 0.0745  -0.1331 -0.0647 78 LYS A CD  
569 C CE  . LYS A 78 ? 1.0401 0.8505 1.0116 0.0779  -0.1636 -0.0738 78 LYS A CE  
570 N NZ  . LYS A 78 ? 1.0758 0.8648 1.0423 0.0883  -0.1918 -0.0840 78 LYS A NZ  
571 N N   . GLU A 79 ? 0.6674 0.5825 0.6757 0.0191  -0.0413 -0.0348 79 GLU A N   
572 C CA  . GLU A 79 ? 0.6821 0.6178 0.7158 0.0101  -0.0295 -0.0320 79 GLU A CA  
573 C C   . GLU A 79 ? 0.6541 0.5896 0.6906 0.0078  -0.0224 -0.0297 79 GLU A C   
574 O O   . GLU A 79 ? 0.6339 0.5692 0.6572 0.0028  -0.0128 -0.0267 79 GLU A O   
575 C CB  . GLU A 79 ? 0.6668 0.6113 0.6919 0.0041  -0.0185 -0.0288 79 GLU A CB  
576 C CG  . GLU A 79 ? 0.7226 0.6661 0.7420 0.0076  -0.0236 -0.0308 79 GLU A CG  
577 C CD  . GLU A 79 ? 0.7678 0.7222 0.7833 0.0021  -0.0122 -0.0271 79 GLU A CD  
578 O OE1 . GLU A 79 ? 0.8623 0.8296 0.8953 -0.0030 -0.0080 -0.0264 79 GLU A OE1 
579 O OE2 . GLU A 79 ? 0.7813 0.7304 0.7774 0.0035  -0.0061 -0.0239 79 GLU A OE2 
580 N N   . HIS A 80 ? 0.6654 0.6008 0.7231 0.0122  -0.0282 -0.0314 80 HIS A N   
581 C CA  . HIS A 80 ? 0.6931 0.6245 0.7500 0.0131  -0.0223 -0.0297 80 HIS A CA  
582 C C   . HIS A 80 ? 0.6703 0.6094 0.7303 0.0089  -0.0071 -0.0264 80 HIS A C   
583 O O   . HIS A 80 ? 0.6233 0.5538 0.6651 0.0078  -0.0015 -0.0254 80 HIS A O   
584 C CB  . HIS A 80 ? 0.7268 0.6571 0.8103 0.0204  -0.0323 -0.0320 80 HIS A CB  
585 C CG  . HIS A 80 ? 0.8243 0.7373 0.8914 0.0273  -0.0505 -0.0365 80 HIS A CG  
586 N ND1 . HIS A 80 ? 0.9002 0.8054 0.9804 0.0351  -0.0630 -0.0392 80 HIS A ND1 
587 C CD2 . HIS A 80 ? 0.8707 0.7689 0.9040 0.0295  -0.0569 -0.0380 80 HIS A CD2 
588 C CE1 . HIS A 80 ? 0.9300 0.8138 0.9813 0.0423  -0.0785 -0.0431 80 HIS A CE1 
589 N NE2 . HIS A 80 ? 0.9464 0.8249 0.9679 0.0397  -0.0739 -0.0420 80 HIS A NE2 
590 N N   . ARG A 81 ? 0.6244 0.5761 0.7050 0.0079  -0.0013 -0.0245 81 ARG A N   
591 C CA  . ARG A 81 ? 0.6706 0.6239 0.7471 0.0073  0.0135  -0.0210 81 ARG A CA  
592 C C   . ARG A 81 ? 0.6615 0.6090 0.7075 0.0015  0.0142  -0.0219 81 ARG A C   
593 O O   . ARG A 81 ? 0.6374 0.5745 0.6661 0.0025  0.0193  -0.0217 81 ARG A O   
594 C CB  . ARG A 81 ? 0.6752 0.6404 0.7770 0.0081  0.0208  -0.0174 81 ARG A CB  
595 C CG  . ARG A 81 ? 0.7428 0.7151 0.8861 0.0134  0.0223  -0.0145 81 ARG A CG  
596 C CD  . ARG A 81 ? 0.7810 0.7642 0.9526 0.0127  0.0302  -0.0095 81 ARG A CD  
597 N NE  . ARG A 81 ? 0.8583 0.8369 1.0193 0.0175  0.0518  -0.0026 81 ARG A NE  
598 C CZ  . ARG A 81 ? 0.9440 0.9275 1.1258 0.0198  0.0664  0.0051  81 ARG A CZ  
599 N NH1 . ARG A 81 ? 0.9291 0.9244 1.1483 0.0155  0.0594  0.0062  81 ARG A NH1 
600 N NH2 . ARG A 81 ? 0.9534 0.9260 1.1159 0.0277  0.0874  0.0119  81 ARG A NH2 
601 N N   . LYS A 82 ? 0.6421 0.5940 0.6831 -0.0034 0.0084  -0.0230 82 LYS A N   
602 C CA  . LYS A 82 ? 0.6480 0.5984 0.6720 -0.0094 0.0093  -0.0226 82 LYS A CA  
603 C C   . LYS A 82 ? 0.6217 0.5594 0.6304 -0.0117 0.0071  -0.0226 82 LYS A C   
604 O O   . LYS A 82 ? 0.6440 0.5755 0.6433 -0.0155 0.0073  -0.0228 82 LYS A O   
605 C CB  . LYS A 82 ? 0.7046 0.6641 0.7317 -0.0120 0.0068  -0.0224 82 LYS A CB  
606 C CG  . LYS A 82 ? 0.7806 0.7398 0.7979 -0.0177 0.0077  -0.0206 82 LYS A CG  
607 C CD  . LYS A 82 ? 0.8243 0.7942 0.8461 -0.0189 0.0086  -0.0195 82 LYS A CD  
608 C CE  . LYS A 82 ? 0.8880 0.8644 0.9147 -0.0211 0.0095  -0.0202 82 LYS A CE  
609 N NZ  . LYS A 82 ? 0.8323 0.8180 0.8637 -0.0238 0.0097  -0.0190 82 LYS A NZ  
610 N N   . ILE A 83 ? 0.6198 0.5507 0.6259 -0.0085 0.0033  -0.0228 83 ILE A N   
611 C CA  . ILE A 83 ? 0.6274 0.5435 0.6190 -0.0098 0.0021  -0.0216 83 ILE A CA  
612 C C   . ILE A 83 ? 0.6173 0.5233 0.6039 -0.0079 0.0033  -0.0232 83 ILE A C   
613 O O   . ILE A 83 ? 0.6235 0.5189 0.5997 -0.0123 0.0022  -0.0231 83 ILE A O   
614 C CB  . ILE A 83 ? 0.6708 0.5776 0.6548 -0.0043 -0.0027 -0.0212 83 ILE A CB  
615 C CG1 . ILE A 83 ? 0.6922 0.6017 0.6701 -0.0045 -0.0019 -0.0188 83 ILE A CG1 
616 C CG2 . ILE A 83 ? 0.6754 0.5643 0.6436 -0.0047 -0.0026 -0.0189 83 ILE A CG2 
617 C CD1 . ILE A 83 ? 0.7155 0.6116 0.6789 0.0049  -0.0087 -0.0196 83 ILE A CD1 
618 N N   . TYR A 84 ? 0.6259 0.5339 0.6222 -0.0005 0.0054  -0.0245 84 TYR A N   
619 C CA  . TYR A 84 ? 0.6266 0.5223 0.6146 0.0049  0.0096  -0.0255 84 TYR A CA  
620 C C   . TYR A 84 ? 0.6298 0.5208 0.6050 0.0040  0.0132  -0.0263 84 TYR A C   
621 O O   . TYR A 84 ? 0.6499 0.5226 0.6061 0.0069  0.0122  -0.0284 84 TYR A O   
622 C CB  . TYR A 84 ? 0.6206 0.5208 0.6272 0.0146  0.0148  -0.0246 84 TYR A CB  
623 C CG  . TYR A 84 ? 0.6199 0.5164 0.6339 0.0183  0.0073  -0.0254 84 TYR A CG  
624 C CD1 . TYR A 84 ? 0.6820 0.5606 0.6759 0.0194  0.0040  -0.0265 84 TYR A CD1 
625 C CD2 . TYR A 84 ? 0.6462 0.5538 0.6849 0.0209  0.0006  -0.0258 84 TYR A CD2 
626 C CE1 . TYR A 84 ? 0.6849 0.5565 0.6811 0.0242  -0.0039 -0.0273 84 TYR A CE1 
627 C CE2 . TYR A 84 ? 0.6628 0.5627 0.7040 0.0259  -0.0104 -0.0277 84 TYR A CE2 
628 C CZ  . TYR A 84 ? 0.6934 0.5755 0.7119 0.0280  -0.0116 -0.0281 84 TYR A CZ  
629 O OH  . TYR A 84 ? 0.6719 0.5432 0.6883 0.0342  -0.0225 -0.0298 84 TYR A OH  
630 N N   . THR A 85 ? 0.6340 0.5375 0.6166 0.0015  0.0155  -0.0254 85 THR A N   
631 C CA  . THR A 85 ? 0.6463 0.5411 0.6121 0.0022  0.0159  -0.0269 85 THR A CA  
632 C C   . THR A 85 ? 0.6370 0.5206 0.5907 -0.0056 0.0044  -0.0297 85 THR A C   
633 O O   . THR A 85 ? 0.6835 0.5460 0.6162 -0.0023 -0.0011 -0.0333 85 THR A O   
634 C CB  . THR A 85 ? 0.6366 0.5471 0.6141 0.0011  0.0198  -0.0248 85 THR A CB  
635 O OG1 . THR A 85 ? 0.6123 0.5285 0.6045 0.0090  0.0312  -0.0212 85 THR A OG1 
636 C CG2 . THR A 85 ? 0.6446 0.5439 0.6012 0.0026  0.0166  -0.0270 85 THR A CG2 
637 N N   . MET A 86 ? 0.6244 0.5194 0.5920 -0.0148 0.0007  -0.0277 86 MET A N   
638 C CA  . MET A 86 ? 0.6326 0.5211 0.6014 -0.0236 -0.0072 -0.0273 86 MET A CA  
639 C C   . MET A 86 ? 0.6569 0.5241 0.6134 -0.0226 -0.0115 -0.0289 86 MET A C   
640 O O   . MET A 86 ? 0.6998 0.5516 0.6508 -0.0264 -0.0214 -0.0316 86 MET A O   
641 C CB  . MET A 86 ? 0.6205 0.5239 0.6053 -0.0298 -0.0036 -0.0220 86 MET A CB  
642 C CG  . MET A 86 ? 0.6458 0.5448 0.6410 -0.0395 -0.0073 -0.0185 86 MET A CG  
643 S SD  . MET A 86 ? 0.7127 0.5922 0.7004 -0.0407 -0.0068 -0.0153 86 MET A SD  
644 C CE  . MET A 86 ? 0.7069 0.5929 0.6894 -0.0347 0.0036  -0.0101 86 MET A CE  
645 N N   . ILE A 87 ? 0.6463 0.5106 0.5992 -0.0168 -0.0064 -0.0279 87 ILE A N   
646 C CA  . ILE A 87 ? 0.6842 0.5271 0.6241 -0.0151 -0.0104 -0.0292 87 ILE A CA  
647 C C   . ILE A 87 ? 0.7024 0.5243 0.6211 -0.0079 -0.0148 -0.0350 87 ILE A C   
648 O O   . ILE A 87 ? 0.7106 0.5121 0.6192 -0.0110 -0.0251 -0.0379 87 ILE A O   
649 C CB  . ILE A 87 ? 0.6986 0.5406 0.6385 -0.0089 -0.0061 -0.0272 87 ILE A CB  
650 C CG1 . ILE A 87 ? 0.7017 0.5510 0.6494 -0.0141 -0.0049 -0.0221 87 ILE A CG1 
651 C CG2 . ILE A 87 ? 0.7210 0.5393 0.6452 -0.0051 -0.0098 -0.0293 87 ILE A CG2 
652 C CD1 . ILE A 87 ? 0.7067 0.5553 0.6530 -0.0059 -0.0045 -0.0212 87 ILE A CD1 
653 N N   . TYR A 88 ? 0.6748 0.4995 0.5867 0.0027  -0.0067 -0.0360 88 TYR A N   
654 C CA  . TYR A 88 ? 0.7006 0.5006 0.5842 0.0153  -0.0056 -0.0400 88 TYR A CA  
655 C C   . TYR A 88 ? 0.7342 0.5195 0.6011 0.0132  -0.0183 -0.0450 88 TYR A C   
656 O O   . TYR A 88 ? 0.7235 0.4778 0.5606 0.0214  -0.0264 -0.0506 88 TYR A O   
657 C CB  . TYR A 88 ? 0.7179 0.5263 0.6039 0.0280  0.0116  -0.0365 88 TYR A CB  
658 C CG  . TYR A 88 ? 0.7093 0.5190 0.6049 0.0358  0.0206  -0.0340 88 TYR A CG  
659 C CD1 . TYR A 88 ? 0.7366 0.5206 0.6080 0.0484  0.0239  -0.0360 88 TYR A CD1 
660 C CD2 . TYR A 88 ? 0.6906 0.5247 0.6188 0.0323  0.0240  -0.0300 88 TYR A CD2 
661 C CE1 . TYR A 88 ? 0.7536 0.5400 0.6378 0.0568  0.0324  -0.0333 88 TYR A CE1 
662 C CE2 . TYR A 88 ? 0.6687 0.5041 0.6102 0.0401  0.0291  -0.0282 88 TYR A CE2 
663 C CZ  . TYR A 88 ? 0.7088 0.5226 0.6311 0.0522  0.0344  -0.0293 88 TYR A CZ  
664 O OH  . TYR A 88 ? 0.6963 0.5115 0.6345 0.0608  0.0391  -0.0274 88 TYR A OH  
665 N N   . ARG A 89 ? 0.6971 0.5009 0.5825 0.0030  -0.0229 -0.0437 89 ARG A N   
666 C CA  . ARG A 89 ? 0.7791 0.5684 0.6545 0.0004  -0.0399 -0.0491 89 ARG A CA  
667 C C   . ARG A 89 ? 0.7895 0.5629 0.6711 -0.0094 -0.0575 -0.0523 89 ARG A C   
668 O O   . ARG A 89 ? 0.8103 0.5615 0.6796 -0.0087 -0.0763 -0.0590 89 ARG A O   
669 C CB  . ARG A 89 ? 0.7862 0.6000 0.6817 -0.0059 -0.0390 -0.0466 89 ARG A CB  
670 C CG  . ARG A 89 ? 0.8293 0.6629 0.7599 -0.0219 -0.0454 -0.0434 89 ARG A CG  
671 C CD  . ARG A 89 ? 0.8612 0.7179 0.8082 -0.0248 -0.0424 -0.0410 89 ARG A CD  
672 N NE  . ARG A 89 ? 0.8973 0.7416 0.8371 -0.0237 -0.0593 -0.0467 89 ARG A NE  
673 C CZ  . ARG A 89 ? 0.9101 0.7509 0.8702 -0.0330 -0.0776 -0.0490 89 ARG A CZ  
674 N NH1 . ARG A 89 ? 0.8925 0.7427 0.8838 -0.0452 -0.0778 -0.0441 89 ARG A NH1 
675 N NH2 . ARG A 89 ? 0.9563 0.7826 0.9071 -0.0292 -0.0963 -0.0556 89 ARG A NH2 
676 N N   . ASN A 90 ? 0.7404 0.5210 0.6389 -0.0167 -0.0525 -0.0476 90 ASN A N   
677 C CA  . ASN A 90 ? 0.7540 0.5203 0.6637 -0.0267 -0.0656 -0.0479 90 ASN A CA  
678 C C   . ASN A 90 ? 0.7845 0.5253 0.6721 -0.0199 -0.0662 -0.0503 90 ASN A C   
679 O O   . ASN A 90 ? 0.7649 0.4965 0.6648 -0.0286 -0.0725 -0.0480 90 ASN A O   
680 C CB  . ASN A 90 ? 0.7304 0.5225 0.6769 -0.0404 -0.0574 -0.0383 90 ASN A CB  
681 C CG  . ASN A 90 ? 0.7137 0.5274 0.6860 -0.0481 -0.0598 -0.0362 90 ASN A CG  
682 O OD1 . ASN A 90 ? 0.7059 0.5121 0.6948 -0.0556 -0.0759 -0.0385 90 ASN A OD1 
683 N ND2 . ASN A 90 ? 0.6859 0.5245 0.6634 -0.0457 -0.0461 -0.0324 90 ASN A ND2 
684 N N   . LEU A 91 ? 0.8115 0.5393 0.6674 -0.0033 -0.0587 -0.0539 91 LEU A N   
685 C CA  . LEU A 91 ? 0.8359 0.5359 0.6663 0.0069  -0.0592 -0.0571 91 LEU A CA  
686 C C   . LEU A 91 ? 0.9197 0.5840 0.7069 0.0237  -0.0663 -0.0658 91 LEU A C   
687 O O   . LEU A 91 ? 0.9092 0.5730 0.6807 0.0326  -0.0624 -0.0672 91 LEU A O   
688 C CB  . LEU A 91 ? 0.8268 0.5416 0.6585 0.0164  -0.0391 -0.0523 91 LEU A CB  
689 C CG  . LEU A 91 ? 0.8109 0.5539 0.6738 0.0061  -0.0317 -0.0448 91 LEU A CG  
690 C CD1 . LEU A 91 ? 0.8216 0.5773 0.6881 0.0176  -0.0165 -0.0420 91 LEU A CD1 
691 C CD2 . LEU A 91 ? 0.8239 0.5529 0.6912 -0.0028 -0.0400 -0.0431 91 LEU A CD2 
692 N N   . VAL A 92 ? 0.9684 0.5987 0.7316 0.0302  -0.0755 -0.0708 92 VAL A N   
693 C CA  . VAL A 92 ? 1.0262 0.6184 0.7387 0.0530  -0.0748 -0.0776 92 VAL A CA  
694 C C   . VAL A 92 ? 1.0600 0.6435 0.7619 0.0642  -0.0611 -0.0753 92 VAL A C   
695 O O   . VAL A 92 ? 1.0157 0.6126 0.7441 0.0532  -0.0602 -0.0710 92 VAL A O   
696 C CB  . VAL A 92 ? 1.0662 0.6145 0.7488 0.0555  -0.1037 -0.0889 92 VAL A CB  
697 C CG1 . VAL A 92 ? 1.0799 0.6367 0.7753 0.0464  -0.1189 -0.0915 92 VAL A CG1 
698 C CG2 . VAL A 92 ? 1.0806 0.6156 0.7797 0.0424  -0.1206 -0.0906 92 VAL A CG2 
699 N N   . VAL A 93 ? 1.1526 0.7127 0.8153 0.0879  -0.0485 -0.0772 93 VAL A N   
700 C CA  . VAL A 93 ? 1.1854 0.7315 0.8336 0.1033  -0.0352 -0.0758 93 VAL A CA  
701 C C   . VAL A 93 ? 1.2424 0.7503 0.8696 0.1014  -0.0579 -0.0839 93 VAL A C   
702 O O   . VAL A 93 ? 1.3168 0.7995 0.9293 0.0951  -0.0829 -0.0921 93 VAL A O   
703 C CB  . VAL A 93 ? 1.2355 0.7585 0.8422 0.1319  -0.0148 -0.0750 93 VAL A CB  
704 C CG1 . VAL A 93 ? 1.3209 0.7856 0.8636 0.1480  -0.0328 -0.0864 93 VAL A CG1 
705 C CG2 . VAL A 93 ? 1.2465 0.7726 0.8590 0.1462  0.0067  -0.0693 93 VAL A CG2 
706 N N   . VAL A 94 ? 1.2489 0.7539 0.8801 0.1058  -0.0507 -0.0815 94 VAL A N   
707 C CA  . VAL A 94 ? 1.3529 0.8165 0.9576 0.1101  -0.0674 -0.0887 94 VAL A CA  
708 C C   . VAL A 94 ? 1.4204 0.8508 0.9771 0.1411  -0.0524 -0.0914 94 VAL A C   
709 O O   . VAL A 94 ? 1.3814 0.8351 0.9534 0.1521  -0.0260 -0.0833 94 VAL A O   
710 C CB  . VAL A 94 ? 1.3226 0.8031 0.9614 0.0960  -0.0679 -0.0831 94 VAL A CB  
711 C CG1 . VAL A 94 ? 1.2789 0.8019 0.9659 0.0722  -0.0677 -0.0756 94 VAL A CG1 
712 C CG2 . VAL A 94 ? 1.3132 0.8047 0.9564 0.1113  -0.0460 -0.0776 94 VAL A CG2 
713 N N   . ASN A 95 ? 1.5037 0.8799 1.0046 0.1565  -0.0686 -0.1023 95 ASN A N   
714 C CA  . ASN A 95 ? 1.5899 0.9260 1.0342 0.1906  -0.0525 -0.1048 95 ASN A CA  
715 C C   . ASN A 95 ? 1.5990 0.8972 1.0173 0.2015  -0.0605 -0.1104 95 ASN A C   
716 O O   . ASN A 95 ? 1.6143 0.9256 1.0660 0.1824  -0.0725 -0.1095 95 ASN A O   
717 C CB  . ASN A 95 ? 1.6455 0.9371 1.0292 0.2094  -0.0614 -0.1131 95 ASN A CB  
718 C CG  . ASN A 95 ? 1.6257 0.9476 1.0198 0.2130  -0.0381 -0.1045 95 ASN A CG  
719 O OD1 . ASN A 95 ? 1.6222 0.9621 1.0229 0.2284  -0.0033 -0.0938 95 ASN A OD1 
720 N ND2 . ASN A 95 ? 1.6270 0.9562 1.0285 0.1982  -0.0570 -0.1082 95 ASN A ND2 
# 
